data_4C0N
# 
_entry.id   4C0N 
# 
_audit_conform.dict_name       mmcif_pdbx.dic 
_audit_conform.dict_version    5.391 
_audit_conform.dict_location   http://mmcif.pdb.org/dictionaries/ascii/mmcif_pdbx.dic 
# 
loop_
_database_2.database_id 
_database_2.database_code 
_database_2.pdbx_database_accession 
_database_2.pdbx_DOI 
PDB   4C0N         pdb_00004c0n 10.2210/pdb4c0n/pdb 
PDBE  EBI-57890    ?            ?                   
WWPDB D_1290057890 ?            ?                   
# 
loop_
_pdbx_audit_revision_history.ordinal 
_pdbx_audit_revision_history.data_content_type 
_pdbx_audit_revision_history.major_revision 
_pdbx_audit_revision_history.minor_revision 
_pdbx_audit_revision_history.revision_date 
1 'Structure model' 1 0 2014-05-14 
2 'Structure model' 1 1 2014-05-21 
3 'Structure model' 1 2 2024-05-08 
# 
_pdbx_audit_revision_details.ordinal             1 
_pdbx_audit_revision_details.revision_ordinal    1 
_pdbx_audit_revision_details.data_content_type   'Structure model' 
_pdbx_audit_revision_details.provider            repository 
_pdbx_audit_revision_details.type                'Initial release' 
_pdbx_audit_revision_details.description         ? 
_pdbx_audit_revision_details.details             ? 
# 
loop_
_pdbx_audit_revision_group.ordinal 
_pdbx_audit_revision_group.revision_ordinal 
_pdbx_audit_revision_group.data_content_type 
_pdbx_audit_revision_group.group 
1 2 'Structure model' 'Database references'  
2 3 'Structure model' 'Data collection'      
3 3 'Structure model' 'Database references'  
4 3 'Structure model' 'Derived calculations' 
5 3 'Structure model' Other                  
# 
loop_
_pdbx_audit_revision_category.ordinal 
_pdbx_audit_revision_category.revision_ordinal 
_pdbx_audit_revision_category.data_content_type 
_pdbx_audit_revision_category.category 
1 3 'Structure model' chem_comp_atom       
2 3 'Structure model' chem_comp_bond       
3 3 'Structure model' database_2           
4 3 'Structure model' pdbx_database_status 
5 3 'Structure model' struct_conn          
6 3 'Structure model' struct_site          
# 
loop_
_pdbx_audit_revision_item.ordinal 
_pdbx_audit_revision_item.revision_ordinal 
_pdbx_audit_revision_item.data_content_type 
_pdbx_audit_revision_item.item 
1  3 'Structure model' '_database_2.pdbx_DOI'                 
2  3 'Structure model' '_database_2.pdbx_database_accession'  
3  3 'Structure model' '_pdbx_database_status.status_code_sf' 
4  3 'Structure model' '_struct_conn.ptnr1_auth_comp_id'      
5  3 'Structure model' '_struct_conn.ptnr1_auth_seq_id'       
6  3 'Structure model' '_struct_conn.ptnr1_label_asym_id'     
7  3 'Structure model' '_struct_conn.ptnr1_label_atom_id'     
8  3 'Structure model' '_struct_conn.ptnr1_label_comp_id'     
9  3 'Structure model' '_struct_conn.ptnr1_label_seq_id'      
10 3 'Structure model' '_struct_conn.ptnr2_auth_comp_id'      
11 3 'Structure model' '_struct_conn.ptnr2_auth_seq_id'       
12 3 'Structure model' '_struct_conn.ptnr2_label_asym_id'     
13 3 'Structure model' '_struct_conn.ptnr2_label_atom_id'     
14 3 'Structure model' '_struct_conn.ptnr2_label_comp_id'     
15 3 'Structure model' '_struct_conn.ptnr2_label_seq_id'      
16 3 'Structure model' '_struct_site.pdbx_auth_asym_id'       
17 3 'Structure model' '_struct_site.pdbx_auth_comp_id'       
18 3 'Structure model' '_struct_site.pdbx_auth_seq_id'        
# 
_pdbx_database_status.status_code                     REL 
_pdbx_database_status.entry_id                        4C0N 
_pdbx_database_status.deposit_site                    PDBE 
_pdbx_database_status.process_site                    PDBE 
_pdbx_database_status.SG_entry                        . 
_pdbx_database_status.recvd_initial_deposition_date   2013-08-06 
_pdbx_database_status.pdb_format_compatible           Y 
_pdbx_database_status.status_code_sf                  REL 
_pdbx_database_status.status_code_mr                  ? 
_pdbx_database_status.status_code_cs                  ? 
_pdbx_database_status.methods_development_category    ? 
_pdbx_database_status.status_code_nmr_data            ? 
# 
loop_
_audit_author.name 
_audit_author.pdbx_ordinal 
'Hough, M.A.'  1 
'Reeder, B.J.' 2 
# 
_citation.id                        primary 
_citation.title                     
'The Structure of a Class 3 Nonsymbiotic Plant Haemoglobin from Arabidopsis Thaliana Reveals a Novel N-Terminal Helical Extension' 
_citation.journal_abbrev            'Acta Crystallogr.,Sect.D' 
_citation.journal_volume            70 
_citation.page_first                1411 
_citation.page_last                 ? 
_citation.year                      2014 
_citation.journal_id_ASTM           ABCRE6 
_citation.country                   DK 
_citation.journal_id_ISSN           0907-4449 
_citation.journal_id_CSD            0766 
_citation.book_publisher            ? 
_citation.pdbx_database_id_PubMed   24816109 
_citation.pdbx_database_id_DOI      10.1107/S1399004714004878 
# 
loop_
_citation_author.citation_id 
_citation_author.name 
_citation_author.ordinal 
_citation_author.identifier_ORCID 
primary 'Reeder, B.J.' 1 ? 
primary 'Hough, M.A.'  2 ? 
# 
loop_
_entity.id 
_entity.type 
_entity.src_method 
_entity.pdbx_description 
_entity.formula_weight 
_entity.pdbx_number_of_molecules 
_entity.pdbx_ec 
_entity.pdbx_mutation 
_entity.pdbx_fragment 
_entity.details 
1 polymer     man '2-ON-2 HEMOGLOBIN'               20223.594 1   ? ? ? ? 
2 non-polymer syn 'CHLORIDE ION'                    35.453    1   ? ? ? ? 
3 non-polymer syn 'HYDROXIDE ION'                   17.007    1   ? ? ? ? 
4 non-polymer syn 'PROTOPORPHYRIN IX CONTAINING FE' 616.487   1   ? ? ? ? 
5 water       nat water                             18.015    115 ? ? ? ? 
# 
_entity_name_com.entity_id   1 
_entity_name_com.name        'NON-SYMBIOTIC PLANT HEMOGLOBIN AHB3' 
# 
_entity_poly.entity_id                      1 
_entity_poly.type                           'polypeptide(L)' 
_entity_poly.nstd_linkage                   no 
_entity_poly.nstd_monomer                   no 
_entity_poly.pdbx_seq_one_letter_code       
;MQSLQDKASVLSGVDQAEAFAIDESNLFDKLGLQTFINLSTNFYTRVYDDEEEWFQSIFSNSNKEDAIQNQYEFFVQRMG
GPPLYSQRKGHPALIGRHRPFPVTHQAAERWLEHMQNALDDSVDIDQDSKIKMMKFFRHTAFFLVAGNELKNQNEKPKHK
PQCACKHAANKPAEE
;
_entity_poly.pdbx_seq_one_letter_code_can   
;MQSLQDKASVLSGVDQAEAFAIDESNLFDKLGLQTFINLSTNFYTRVYDDEEEWFQSIFSNSNKEDAIQNQYEFFVQRMG
GPPLYSQRKGHPALIGRHRPFPVTHQAAERWLEHMQNALDDSVDIDQDSKIKMMKFFRHTAFFLVAGNELKNQNEKPKHK
PQCACKHAANKPAEE
;
_entity_poly.pdbx_strand_id                 A 
_entity_poly.pdbx_target_identifier         ? 
# 
loop_
_pdbx_entity_nonpoly.entity_id 
_pdbx_entity_nonpoly.name 
_pdbx_entity_nonpoly.comp_id 
2 'CHLORIDE ION'                    CL  
3 'HYDROXIDE ION'                   OH  
4 'PROTOPORPHYRIN IX CONTAINING FE' HEM 
5 water                             HOH 
# 
loop_
_entity_poly_seq.entity_id 
_entity_poly_seq.num 
_entity_poly_seq.mon_id 
_entity_poly_seq.hetero 
1 1   MET n 
1 2   GLN n 
1 3   SER n 
1 4   LEU n 
1 5   GLN n 
1 6   ASP n 
1 7   LYS n 
1 8   ALA n 
1 9   SER n 
1 10  VAL n 
1 11  LEU n 
1 12  SER n 
1 13  GLY n 
1 14  VAL n 
1 15  ASP n 
1 16  GLN n 
1 17  ALA n 
1 18  GLU n 
1 19  ALA n 
1 20  PHE n 
1 21  ALA n 
1 22  ILE n 
1 23  ASP n 
1 24  GLU n 
1 25  SER n 
1 26  ASN n 
1 27  LEU n 
1 28  PHE n 
1 29  ASP n 
1 30  LYS n 
1 31  LEU n 
1 32  GLY n 
1 33  LEU n 
1 34  GLN n 
1 35  THR n 
1 36  PHE n 
1 37  ILE n 
1 38  ASN n 
1 39  LEU n 
1 40  SER n 
1 41  THR n 
1 42  ASN n 
1 43  PHE n 
1 44  TYR n 
1 45  THR n 
1 46  ARG n 
1 47  VAL n 
1 48  TYR n 
1 49  ASP n 
1 50  ASP n 
1 51  GLU n 
1 52  GLU n 
1 53  GLU n 
1 54  TRP n 
1 55  PHE n 
1 56  GLN n 
1 57  SER n 
1 58  ILE n 
1 59  PHE n 
1 60  SER n 
1 61  ASN n 
1 62  SER n 
1 63  ASN n 
1 64  LYS n 
1 65  GLU n 
1 66  ASP n 
1 67  ALA n 
1 68  ILE n 
1 69  GLN n 
1 70  ASN n 
1 71  GLN n 
1 72  TYR n 
1 73  GLU n 
1 74  PHE n 
1 75  PHE n 
1 76  VAL n 
1 77  GLN n 
1 78  ARG n 
1 79  MET n 
1 80  GLY n 
1 81  GLY n 
1 82  PRO n 
1 83  PRO n 
1 84  LEU n 
1 85  TYR n 
1 86  SER n 
1 87  GLN n 
1 88  ARG n 
1 89  LYS n 
1 90  GLY n 
1 91  HIS n 
1 92  PRO n 
1 93  ALA n 
1 94  LEU n 
1 95  ILE n 
1 96  GLY n 
1 97  ARG n 
1 98  HIS n 
1 99  ARG n 
1 100 PRO n 
1 101 PHE n 
1 102 PRO n 
1 103 VAL n 
1 104 THR n 
1 105 HIS n 
1 106 GLN n 
1 107 ALA n 
1 108 ALA n 
1 109 GLU n 
1 110 ARG n 
1 111 TRP n 
1 112 LEU n 
1 113 GLU n 
1 114 HIS n 
1 115 MET n 
1 116 GLN n 
1 117 ASN n 
1 118 ALA n 
1 119 LEU n 
1 120 ASP n 
1 121 ASP n 
1 122 SER n 
1 123 VAL n 
1 124 ASP n 
1 125 ILE n 
1 126 ASP n 
1 127 GLN n 
1 128 ASP n 
1 129 SER n 
1 130 LYS n 
1 131 ILE n 
1 132 LYS n 
1 133 MET n 
1 134 MET n 
1 135 LYS n 
1 136 PHE n 
1 137 PHE n 
1 138 ARG n 
1 139 HIS n 
1 140 THR n 
1 141 ALA n 
1 142 PHE n 
1 143 PHE n 
1 144 LEU n 
1 145 VAL n 
1 146 ALA n 
1 147 GLY n 
1 148 ASN n 
1 149 GLU n 
1 150 LEU n 
1 151 LYS n 
1 152 ASN n 
1 153 GLN n 
1 154 ASN n 
1 155 GLU n 
1 156 LYS n 
1 157 PRO n 
1 158 LYS n 
1 159 HIS n 
1 160 LYS n 
1 161 PRO n 
1 162 GLN n 
1 163 CYS n 
1 164 ALA n 
1 165 CYS n 
1 166 LYS n 
1 167 HIS n 
1 168 ALA n 
1 169 ALA n 
1 170 ASN n 
1 171 LYS n 
1 172 PRO n 
1 173 ALA n 
1 174 GLU n 
1 175 GLU n 
# 
_entity_src_gen.entity_id                          1 
_entity_src_gen.pdbx_src_id                        1 
_entity_src_gen.pdbx_alt_source_flag               sample 
_entity_src_gen.pdbx_seq_type                      ? 
_entity_src_gen.pdbx_beg_seq_num                   ? 
_entity_src_gen.pdbx_end_seq_num                   ? 
_entity_src_gen.gene_src_common_name               'THALE CRESS' 
_entity_src_gen.gene_src_genus                     ? 
_entity_src_gen.pdbx_gene_src_gene                 ? 
_entity_src_gen.gene_src_species                   ? 
_entity_src_gen.gene_src_strain                    ? 
_entity_src_gen.gene_src_tissue                    ? 
_entity_src_gen.gene_src_tissue_fraction           ? 
_entity_src_gen.gene_src_details                   ? 
_entity_src_gen.pdbx_gene_src_fragment             ? 
_entity_src_gen.pdbx_gene_src_scientific_name      'ARABIDOPSIS THALIANA' 
_entity_src_gen.pdbx_gene_src_ncbi_taxonomy_id     3702 
_entity_src_gen.pdbx_gene_src_variant              ? 
_entity_src_gen.pdbx_gene_src_cell_line            ? 
_entity_src_gen.pdbx_gene_src_atcc                 ? 
_entity_src_gen.pdbx_gene_src_organ                ? 
_entity_src_gen.pdbx_gene_src_organelle            ? 
_entity_src_gen.pdbx_gene_src_cell                 ? 
_entity_src_gen.pdbx_gene_src_cellular_location    ? 
_entity_src_gen.host_org_common_name               ? 
_entity_src_gen.pdbx_host_org_scientific_name      'ESCHERICHIA COLI' 
_entity_src_gen.pdbx_host_org_ncbi_taxonomy_id     469008 
_entity_src_gen.host_org_genus                     ? 
_entity_src_gen.pdbx_host_org_gene                 ? 
_entity_src_gen.pdbx_host_org_organ                ? 
_entity_src_gen.host_org_species                   ? 
_entity_src_gen.pdbx_host_org_tissue               ? 
_entity_src_gen.pdbx_host_org_tissue_fraction      ? 
_entity_src_gen.pdbx_host_org_strain               'BL21(DE3)' 
_entity_src_gen.pdbx_host_org_variant              ? 
_entity_src_gen.pdbx_host_org_cell_line            ? 
_entity_src_gen.pdbx_host_org_atcc                 ? 
_entity_src_gen.pdbx_host_org_culture_collection   ? 
_entity_src_gen.pdbx_host_org_cell                 ? 
_entity_src_gen.pdbx_host_org_organelle            ? 
_entity_src_gen.pdbx_host_org_cellular_location    ? 
_entity_src_gen.pdbx_host_org_vector_type          PLASMID 
_entity_src_gen.pdbx_host_org_vector               PET28A 
_entity_src_gen.host_org_details                   ? 
_entity_src_gen.expression_system_id               ? 
_entity_src_gen.plasmid_name                       ? 
_entity_src_gen.plasmid_details                    ? 
_entity_src_gen.pdbx_description                   ? 
# 
loop_
_chem_comp.id 
_chem_comp.type 
_chem_comp.mon_nstd_flag 
_chem_comp.name 
_chem_comp.pdbx_synonyms 
_chem_comp.formula 
_chem_comp.formula_weight 
ALA 'L-peptide linking' y ALANINE                           ?    'C3 H7 N O2'       89.093  
ARG 'L-peptide linking' y ARGININE                          ?    'C6 H15 N4 O2 1'   175.209 
ASN 'L-peptide linking' y ASPARAGINE                        ?    'C4 H8 N2 O3'      132.118 
ASP 'L-peptide linking' y 'ASPARTIC ACID'                   ?    'C4 H7 N O4'       133.103 
CL  non-polymer         . 'CHLORIDE ION'                    ?    'Cl -1'            35.453  
CYS 'L-peptide linking' y CYSTEINE                          ?    'C3 H7 N O2 S'     121.158 
GLN 'L-peptide linking' y GLUTAMINE                         ?    'C5 H10 N2 O3'     146.144 
GLU 'L-peptide linking' y 'GLUTAMIC ACID'                   ?    'C5 H9 N O4'       147.129 
GLY 'peptide linking'   y GLYCINE                           ?    'C2 H5 N O2'       75.067  
HEM non-polymer         . 'PROTOPORPHYRIN IX CONTAINING FE' HEME 'C34 H32 Fe N4 O4' 616.487 
HIS 'L-peptide linking' y HISTIDINE                         ?    'C6 H10 N3 O2 1'   156.162 
HOH non-polymer         . WATER                             ?    'H2 O'             18.015  
ILE 'L-peptide linking' y ISOLEUCINE                        ?    'C6 H13 N O2'      131.173 
LEU 'L-peptide linking' y LEUCINE                           ?    'C6 H13 N O2'      131.173 
LYS 'L-peptide linking' y LYSINE                            ?    'C6 H15 N2 O2 1'   147.195 
MET 'L-peptide linking' y METHIONINE                        ?    'C5 H11 N O2 S'    149.211 
OH  non-polymer         . 'HYDROXIDE ION'                   ?    'H O -1'           17.007  
PHE 'L-peptide linking' y PHENYLALANINE                     ?    'C9 H11 N O2'      165.189 
PRO 'L-peptide linking' y PROLINE                           ?    'C5 H9 N O2'       115.130 
SER 'L-peptide linking' y SERINE                            ?    'C3 H7 N O3'       105.093 
THR 'L-peptide linking' y THREONINE                         ?    'C4 H9 N O3'       119.119 
TRP 'L-peptide linking' y TRYPTOPHAN                        ?    'C11 H12 N2 O2'    204.225 
TYR 'L-peptide linking' y TYROSINE                          ?    'C9 H11 N O3'      181.189 
VAL 'L-peptide linking' y VALINE                            ?    'C5 H11 N O2'      117.146 
# 
loop_
_pdbx_poly_seq_scheme.asym_id 
_pdbx_poly_seq_scheme.entity_id 
_pdbx_poly_seq_scheme.seq_id 
_pdbx_poly_seq_scheme.mon_id 
_pdbx_poly_seq_scheme.ndb_seq_num 
_pdbx_poly_seq_scheme.pdb_seq_num 
_pdbx_poly_seq_scheme.auth_seq_num 
_pdbx_poly_seq_scheme.pdb_mon_id 
_pdbx_poly_seq_scheme.auth_mon_id 
_pdbx_poly_seq_scheme.pdb_strand_id 
_pdbx_poly_seq_scheme.pdb_ins_code 
_pdbx_poly_seq_scheme.hetero 
A 1 1   MET 1   1   ?   ?   ?   A . n 
A 1 2   GLN 2   2   2   GLN GLN A . n 
A 1 3   SER 3   3   3   SER SER A . n 
A 1 4   LEU 4   4   4   LEU LEU A . n 
A 1 5   GLN 5   5   5   GLN GLN A . n 
A 1 6   ASP 6   6   6   ASP ASP A . n 
A 1 7   LYS 7   7   7   LYS LYS A . n 
A 1 8   ALA 8   8   8   ALA ALA A . n 
A 1 9   SER 9   9   9   SER SER A . n 
A 1 10  VAL 10  10  10  VAL VAL A . n 
A 1 11  LEU 11  11  11  LEU LEU A . n 
A 1 12  SER 12  12  12  SER SER A . n 
A 1 13  GLY 13  13  13  GLY GLY A . n 
A 1 14  VAL 14  14  14  VAL VAL A . n 
A 1 15  ASP 15  15  15  ASP ASP A . n 
A 1 16  GLN 16  16  16  GLN GLN A . n 
A 1 17  ALA 17  17  17  ALA ALA A . n 
A 1 18  GLU 18  18  18  GLU GLU A . n 
A 1 19  ALA 19  19  19  ALA ALA A . n 
A 1 20  PHE 20  20  20  PHE PHE A . n 
A 1 21  ALA 21  21  21  ALA ALA A . n 
A 1 22  ILE 22  22  22  ILE ILE A . n 
A 1 23  ASP 23  23  23  ASP ASP A . n 
A 1 24  GLU 24  24  24  GLU GLU A . n 
A 1 25  SER 25  25  25  SER SER A . n 
A 1 26  ASN 26  26  26  ASN ASN A . n 
A 1 27  LEU 27  27  27  LEU LEU A . n 
A 1 28  PHE 28  28  28  PHE PHE A . n 
A 1 29  ASP 29  29  29  ASP ASP A . n 
A 1 30  LYS 30  30  30  LYS LYS A . n 
A 1 31  LEU 31  31  31  LEU LEU A . n 
A 1 32  GLY 32  32  32  GLY GLY A . n 
A 1 33  LEU 33  33  33  LEU LEU A . n 
A 1 34  GLN 34  34  34  GLN GLN A . n 
A 1 35  THR 35  35  35  THR THR A . n 
A 1 36  PHE 36  36  36  PHE PHE A . n 
A 1 37  ILE 37  37  37  ILE ILE A . n 
A 1 38  ASN 38  38  38  ASN ASN A . n 
A 1 39  LEU 39  39  39  LEU LEU A . n 
A 1 40  SER 40  40  40  SER SER A . n 
A 1 41  THR 41  41  41  THR THR A . n 
A 1 42  ASN 42  42  42  ASN ASN A . n 
A 1 43  PHE 43  43  43  PHE PHE A . n 
A 1 44  TYR 44  44  44  TYR TYR A . n 
A 1 45  THR 45  45  45  THR THR A . n 
A 1 46  ARG 46  46  46  ARG ARG A . n 
A 1 47  VAL 47  47  47  VAL VAL A . n 
A 1 48  TYR 48  48  48  TYR TYR A . n 
A 1 49  ASP 49  49  49  ASP ASP A . n 
A 1 50  ASP 50  50  50  ASP ASP A . n 
A 1 51  GLU 51  51  51  GLU GLU A . n 
A 1 52  GLU 52  52  52  GLU GLU A . n 
A 1 53  GLU 53  53  53  GLU GLU A . n 
A 1 54  TRP 54  54  54  TRP TRP A . n 
A 1 55  PHE 55  55  55  PHE PHE A . n 
A 1 56  GLN 56  56  56  GLN GLN A . n 
A 1 57  SER 57  57  57  SER SER A . n 
A 1 58  ILE 58  58  58  ILE ILE A . n 
A 1 59  PHE 59  59  59  PHE PHE A . n 
A 1 60  SER 60  60  60  SER SER A . n 
A 1 61  ASN 61  61  61  ASN ASN A . n 
A 1 62  SER 62  62  62  SER SER A . n 
A 1 63  ASN 63  63  63  ASN ASN A . n 
A 1 64  LYS 64  64  64  LYS LYS A . n 
A 1 65  GLU 65  65  65  GLU GLU A . n 
A 1 66  ASP 66  66  66  ASP ASP A . n 
A 1 67  ALA 67  67  67  ALA ALA A . n 
A 1 68  ILE 68  68  68  ILE ILE A . n 
A 1 69  GLN 69  69  69  GLN GLN A . n 
A 1 70  ASN 70  70  70  ASN ASN A . n 
A 1 71  GLN 71  71  71  GLN GLN A . n 
A 1 72  TYR 72  72  72  TYR TYR A . n 
A 1 73  GLU 73  73  73  GLU GLU A . n 
A 1 74  PHE 74  74  74  PHE PHE A . n 
A 1 75  PHE 75  75  75  PHE PHE A . n 
A 1 76  VAL 76  76  76  VAL VAL A . n 
A 1 77  GLN 77  77  77  GLN GLN A . n 
A 1 78  ARG 78  78  78  ARG ARG A . n 
A 1 79  MET 79  79  79  MET MET A . n 
A 1 80  GLY 80  80  80  GLY GLY A . n 
A 1 81  GLY 81  81  81  GLY GLY A . n 
A 1 82  PRO 82  82  82  PRO PRO A . n 
A 1 83  PRO 83  83  83  PRO PRO A . n 
A 1 84  LEU 84  84  84  LEU LEU A . n 
A 1 85  TYR 85  85  85  TYR TYR A . n 
A 1 86  SER 86  86  86  SER SER A . n 
A 1 87  GLN 87  87  87  GLN GLN A . n 
A 1 88  ARG 88  88  88  ARG ARG A . n 
A 1 89  LYS 89  89  89  LYS LYS A . n 
A 1 90  GLY 90  90  90  GLY GLY A . n 
A 1 91  HIS 91  91  91  HIS HIS A . n 
A 1 92  PRO 92  92  92  PRO PRO A . n 
A 1 93  ALA 93  93  93  ALA ALA A . n 
A 1 94  LEU 94  94  94  LEU LEU A . n 
A 1 95  ILE 95  95  95  ILE ILE A . n 
A 1 96  GLY 96  96  96  GLY GLY A . n 
A 1 97  ARG 97  97  97  ARG ARG A . n 
A 1 98  HIS 98  98  98  HIS HIS A . n 
A 1 99  ARG 99  99  99  ARG ARG A . n 
A 1 100 PRO 100 100 100 PRO PRO A . n 
A 1 101 PHE 101 101 101 PHE PHE A . n 
A 1 102 PRO 102 102 102 PRO PRO A . n 
A 1 103 VAL 103 103 103 VAL VAL A . n 
A 1 104 THR 104 104 104 THR THR A . n 
A 1 105 HIS 105 105 105 HIS HIS A . n 
A 1 106 GLN 106 106 106 GLN GLN A . n 
A 1 107 ALA 107 107 107 ALA ALA A . n 
A 1 108 ALA 108 108 108 ALA ALA A . n 
A 1 109 GLU 109 109 109 GLU GLU A . n 
A 1 110 ARG 110 110 110 ARG ARG A . n 
A 1 111 TRP 111 111 111 TRP TRP A . n 
A 1 112 LEU 112 112 112 LEU LEU A . n 
A 1 113 GLU 113 113 113 GLU GLU A . n 
A 1 114 HIS 114 114 114 HIS HIS A . n 
A 1 115 MET 115 115 115 MET MET A . n 
A 1 116 GLN 116 116 116 GLN GLN A . n 
A 1 117 ASN 117 117 117 ASN ASN A . n 
A 1 118 ALA 118 118 118 ALA ALA A . n 
A 1 119 LEU 119 119 119 LEU LEU A . n 
A 1 120 ASP 120 120 120 ASP ASP A . n 
A 1 121 ASP 121 121 121 ASP ASP A . n 
A 1 122 SER 122 122 122 SER SER A . n 
A 1 123 VAL 123 123 123 VAL VAL A . n 
A 1 124 ASP 124 124 124 ASP ASP A . n 
A 1 125 ILE 125 125 125 ILE ILE A . n 
A 1 126 ASP 126 126 126 ASP ASP A . n 
A 1 127 GLN 127 127 127 GLN GLN A . n 
A 1 128 ASP 128 128 128 ASP ASP A . n 
A 1 129 SER 129 129 129 SER SER A . n 
A 1 130 LYS 130 130 130 LYS LYS A . n 
A 1 131 ILE 131 131 131 ILE ILE A . n 
A 1 132 LYS 132 132 132 LYS LYS A . n 
A 1 133 MET 133 133 133 MET MET A . n 
A 1 134 MET 134 134 134 MET MET A . n 
A 1 135 LYS 135 135 135 LYS LYS A . n 
A 1 136 PHE 136 136 136 PHE PHE A . n 
A 1 137 PHE 137 137 137 PHE PHE A . n 
A 1 138 ARG 138 138 138 ARG ARG A . n 
A 1 139 HIS 139 139 139 HIS HIS A . n 
A 1 140 THR 140 140 140 THR THR A . n 
A 1 141 ALA 141 141 141 ALA ALA A . n 
A 1 142 PHE 142 142 142 PHE PHE A . n 
A 1 143 PHE 143 143 143 PHE PHE A . n 
A 1 144 LEU 144 144 144 LEU LEU A . n 
A 1 145 VAL 145 145 145 VAL VAL A . n 
A 1 146 ALA 146 146 146 ALA ALA A . n 
A 1 147 GLY 147 147 147 GLY GLY A . n 
A 1 148 ASN 148 148 148 ASN ASN A . n 
A 1 149 GLU 149 149 149 GLU GLU A . n 
A 1 150 LEU 150 150 150 LEU LEU A . n 
A 1 151 LYS 151 151 151 LYS LYS A . n 
A 1 152 ASN 152 152 ?   ?   ?   A . n 
A 1 153 GLN 153 153 ?   ?   ?   A . n 
A 1 154 ASN 154 154 ?   ?   ?   A . n 
A 1 155 GLU 155 155 ?   ?   ?   A . n 
A 1 156 LYS 156 156 ?   ?   ?   A . n 
A 1 157 PRO 157 157 ?   ?   ?   A . n 
A 1 158 LYS 158 158 ?   ?   ?   A . n 
A 1 159 HIS 159 159 ?   ?   ?   A . n 
A 1 160 LYS 160 160 ?   ?   ?   A . n 
A 1 161 PRO 161 161 ?   ?   ?   A . n 
A 1 162 GLN 162 162 ?   ?   ?   A . n 
A 1 163 CYS 163 163 ?   ?   ?   A . n 
A 1 164 ALA 164 164 ?   ?   ?   A . n 
A 1 165 CYS 165 165 ?   ?   ?   A . n 
A 1 166 LYS 166 166 ?   ?   ?   A . n 
A 1 167 HIS 167 167 ?   ?   ?   A . n 
A 1 168 ALA 168 168 ?   ?   ?   A . n 
A 1 169 ALA 169 169 ?   ?   ?   A . n 
A 1 170 ASN 170 170 ?   ?   ?   A . n 
A 1 171 LYS 171 171 ?   ?   ?   A . n 
A 1 172 PRO 172 172 ?   ?   ?   A . n 
A 1 173 ALA 173 173 ?   ?   ?   A . n 
A 1 174 GLU 174 174 ?   ?   ?   A . n 
A 1 175 GLU 175 175 ?   ?   ?   A . n 
# 
loop_
_pdbx_nonpoly_scheme.asym_id 
_pdbx_nonpoly_scheme.entity_id 
_pdbx_nonpoly_scheme.mon_id 
_pdbx_nonpoly_scheme.ndb_seq_num 
_pdbx_nonpoly_scheme.pdb_seq_num 
_pdbx_nonpoly_scheme.auth_seq_num 
_pdbx_nonpoly_scheme.pdb_mon_id 
_pdbx_nonpoly_scheme.auth_mon_id 
_pdbx_nonpoly_scheme.pdb_strand_id 
_pdbx_nonpoly_scheme.pdb_ins_code 
B 2 CL  1   1152 1152 CL  CL  A . 
C 3 OH  1   1153 1153 OH  OH  A . 
D 4 HEM 1   1157 1157 HEM HEM A . 
E 5 HOH 1   2001 2001 HOH HOH A . 
E 5 HOH 2   2002 2002 HOH HOH A . 
E 5 HOH 3   2003 2003 HOH HOH A . 
E 5 HOH 4   2004 2004 HOH HOH A . 
E 5 HOH 5   2005 2005 HOH HOH A . 
E 5 HOH 6   2006 2006 HOH HOH A . 
E 5 HOH 7   2007 2007 HOH HOH A . 
E 5 HOH 8   2008 2008 HOH HOH A . 
E 5 HOH 9   2009 2009 HOH HOH A . 
E 5 HOH 10  2010 2010 HOH HOH A . 
E 5 HOH 11  2011 2011 HOH HOH A . 
E 5 HOH 12  2012 2012 HOH HOH A . 
E 5 HOH 13  2013 2013 HOH HOH A . 
E 5 HOH 14  2014 2014 HOH HOH A . 
E 5 HOH 15  2015 2015 HOH HOH A . 
E 5 HOH 16  2016 2016 HOH HOH A . 
E 5 HOH 17  2017 2017 HOH HOH A . 
E 5 HOH 18  2018 2018 HOH HOH A . 
E 5 HOH 19  2019 2019 HOH HOH A . 
E 5 HOH 20  2020 2020 HOH HOH A . 
E 5 HOH 21  2021 2021 HOH HOH A . 
E 5 HOH 22  2022 2022 HOH HOH A . 
E 5 HOH 23  2023 2023 HOH HOH A . 
E 5 HOH 24  2024 2024 HOH HOH A . 
E 5 HOH 25  2025 2025 HOH HOH A . 
E 5 HOH 26  2026 2026 HOH HOH A . 
E 5 HOH 27  2027 2027 HOH HOH A . 
E 5 HOH 28  2028 2028 HOH HOH A . 
E 5 HOH 29  2029 2029 HOH HOH A . 
E 5 HOH 30  2030 2030 HOH HOH A . 
E 5 HOH 31  2031 2031 HOH HOH A . 
E 5 HOH 32  2032 2032 HOH HOH A . 
E 5 HOH 33  2033 2033 HOH HOH A . 
E 5 HOH 34  2034 2034 HOH HOH A . 
E 5 HOH 35  2035 2035 HOH HOH A . 
E 5 HOH 36  2036 2036 HOH HOH A . 
E 5 HOH 37  2037 2037 HOH HOH A . 
E 5 HOH 38  2038 2038 HOH HOH A . 
E 5 HOH 39  2039 2039 HOH HOH A . 
E 5 HOH 40  2040 2040 HOH HOH A . 
E 5 HOH 41  2041 2041 HOH HOH A . 
E 5 HOH 42  2042 2042 HOH HOH A . 
E 5 HOH 43  2043 2043 HOH HOH A . 
E 5 HOH 44  2044 2044 HOH HOH A . 
E 5 HOH 45  2045 2045 HOH HOH A . 
E 5 HOH 46  2046 2046 HOH HOH A . 
E 5 HOH 47  2047 2047 HOH HOH A . 
E 5 HOH 48  2048 2048 HOH HOH A . 
E 5 HOH 49  2050 2050 HOH HOH A . 
E 5 HOH 50  2051 2051 HOH HOH A . 
E 5 HOH 51  2052 2052 HOH HOH A . 
E 5 HOH 52  2053 2053 HOH HOH A . 
E 5 HOH 53  2054 2054 HOH HOH A . 
E 5 HOH 54  2055 2055 HOH HOH A . 
E 5 HOH 55  2056 2056 HOH HOH A . 
E 5 HOH 56  2057 2057 HOH HOH A . 
E 5 HOH 57  2058 2058 HOH HOH A . 
E 5 HOH 58  2059 2059 HOH HOH A . 
E 5 HOH 59  2060 2060 HOH HOH A . 
E 5 HOH 60  2061 2061 HOH HOH A . 
E 5 HOH 61  2062 2062 HOH HOH A . 
E 5 HOH 62  2063 2063 HOH HOH A . 
E 5 HOH 63  2064 2064 HOH HOH A . 
E 5 HOH 64  2065 2065 HOH HOH A . 
E 5 HOH 65  2066 2066 HOH HOH A . 
E 5 HOH 66  2067 2067 HOH HOH A . 
E 5 HOH 67  2068 2068 HOH HOH A . 
E 5 HOH 68  2069 2069 HOH HOH A . 
E 5 HOH 69  2070 2070 HOH HOH A . 
E 5 HOH 70  2071 2071 HOH HOH A . 
E 5 HOH 71  2072 2072 HOH HOH A . 
E 5 HOH 72  2073 2073 HOH HOH A . 
E 5 HOH 73  2074 2074 HOH HOH A . 
E 5 HOH 74  2075 2075 HOH HOH A . 
E 5 HOH 75  2076 2076 HOH HOH A . 
E 5 HOH 76  2077 2077 HOH HOH A . 
E 5 HOH 77  2078 2078 HOH HOH A . 
E 5 HOH 78  2079 2079 HOH HOH A . 
E 5 HOH 79  2080 2080 HOH HOH A . 
E 5 HOH 80  2081 2081 HOH HOH A . 
E 5 HOH 81  2082 2082 HOH HOH A . 
E 5 HOH 82  2083 2083 HOH HOH A . 
E 5 HOH 83  2084 2084 HOH HOH A . 
E 5 HOH 84  2085 2085 HOH HOH A . 
E 5 HOH 85  2086 2086 HOH HOH A . 
E 5 HOH 86  2087 2087 HOH HOH A . 
E 5 HOH 87  2088 2088 HOH HOH A . 
E 5 HOH 88  2089 2089 HOH HOH A . 
E 5 HOH 89  2090 2090 HOH HOH A . 
E 5 HOH 90  2091 2091 HOH HOH A . 
E 5 HOH 91  2092 2092 HOH HOH A . 
E 5 HOH 92  2093 2093 HOH HOH A . 
E 5 HOH 93  2094 2094 HOH HOH A . 
E 5 HOH 94  2095 2095 HOH HOH A . 
E 5 HOH 95  2096 2096 HOH HOH A . 
E 5 HOH 96  2097 2097 HOH HOH A . 
E 5 HOH 97  2098 2098 HOH HOH A . 
E 5 HOH 98  2099 2099 HOH HOH A . 
E 5 HOH 99  2100 2100 HOH HOH A . 
E 5 HOH 100 2101 2101 HOH HOH A . 
E 5 HOH 101 2102 2102 HOH HOH A . 
E 5 HOH 102 2103 2103 HOH HOH A . 
E 5 HOH 103 2104 2104 HOH HOH A . 
E 5 HOH 104 2105 2105 HOH HOH A . 
E 5 HOH 105 2106 2106 HOH HOH A . 
E 5 HOH 106 2107 2107 HOH HOH A . 
E 5 HOH 107 2108 2108 HOH HOH A . 
E 5 HOH 108 2109 2109 HOH HOH A . 
E 5 HOH 109 2110 2110 HOH HOH A . 
E 5 HOH 110 2111 2111 HOH HOH A . 
E 5 HOH 111 2112 2112 HOH HOH A . 
E 5 HOH 112 2113 2113 HOH HOH A . 
E 5 HOH 113 2114 2114 HOH HOH A . 
E 5 HOH 114 2115 2115 HOH HOH A . 
E 5 HOH 115 2116 2116 HOH HOH A . 
# 
loop_
_pdbx_unobs_or_zero_occ_atoms.id 
_pdbx_unobs_or_zero_occ_atoms.PDB_model_num 
_pdbx_unobs_or_zero_occ_atoms.polymer_flag 
_pdbx_unobs_or_zero_occ_atoms.occupancy_flag 
_pdbx_unobs_or_zero_occ_atoms.auth_asym_id 
_pdbx_unobs_or_zero_occ_atoms.auth_comp_id 
_pdbx_unobs_or_zero_occ_atoms.auth_seq_id 
_pdbx_unobs_or_zero_occ_atoms.PDB_ins_code 
_pdbx_unobs_or_zero_occ_atoms.auth_atom_id 
_pdbx_unobs_or_zero_occ_atoms.label_alt_id 
_pdbx_unobs_or_zero_occ_atoms.label_asym_id 
_pdbx_unobs_or_zero_occ_atoms.label_comp_id 
_pdbx_unobs_or_zero_occ_atoms.label_seq_id 
_pdbx_unobs_or_zero_occ_atoms.label_atom_id 
1 1 Y 0 A GLU 53  ? CD  ? A GLU 53  CD  
2 1 Y 0 A GLU 53  ? OE1 ? A GLU 53  OE1 
3 1 Y 0 A GLU 53  ? OE2 ? A GLU 53  OE2 
4 1 Y 0 A VAL 123 ? CG1 ? A VAL 123 CG1 
# 
loop_
_software.name 
_software.classification 
_software.version 
_software.citation_id 
_software.pdbx_ordinal 
REFMAC refinement       5.7.0032 ? 1 
MOSFLM 'data reduction' .        ? 2 
SCALA  'data scaling'   .        ? 3 
# 
_cell.entry_id           4C0N 
_cell.length_a           123.373 
_cell.length_b           123.373 
_cell.length_c           123.373 
_cell.angle_alpha        90.00 
_cell.angle_beta         90.00 
_cell.angle_gamma        90.00 
_cell.Z_PDB              24 
_cell.pdbx_unique_axis   ? 
# 
_symmetry.entry_id                         4C0N 
_symmetry.space_group_name_H-M             'P 43 3 2' 
_symmetry.pdbx_full_space_group_name_H-M   ? 
_symmetry.cell_setting                     ? 
_symmetry.Int_Tables_number                212 
# 
_exptl.entry_id          4C0N 
_exptl.method            'X-RAY DIFFRACTION' 
_exptl.crystals_number   1 
# 
_exptl_crystal.id                    1 
_exptl_crystal.density_meas          ? 
_exptl_crystal.density_Matthews      3.88 
_exptl_crystal.density_percent_sol   68.3 
_exptl_crystal.description           NONE 
# 
_exptl_crystal_grow.crystal_id      1 
_exptl_crystal_grow.method          ? 
_exptl_crystal_grow.temp            ? 
_exptl_crystal_grow.temp_details    ? 
_exptl_crystal_grow.pH              8.2 
_exptl_crystal_grow.pdbx_pH_range   ? 
_exptl_crystal_grow.pdbx_details    '1.6 M AMMONIUM SULFATE, 0.1 M TRIS PH 8.2' 
# 
_diffrn.id                     1 
_diffrn.ambient_temp           100 
_diffrn.ambient_temp_details   ? 
_diffrn.crystal_id             1 
# 
_diffrn_detector.diffrn_id              1 
_diffrn_detector.detector               PIXEL 
_diffrn_detector.type                   'DECTRIS PILATUS 6M' 
_diffrn_detector.pdbx_collection_date   2013-01-31 
_diffrn_detector.details                MIRRORS 
# 
_diffrn_radiation.diffrn_id                        1 
_diffrn_radiation.wavelength_id                    1 
_diffrn_radiation.pdbx_monochromatic_or_laue_m_l   M 
_diffrn_radiation.monochromator                    'SI DOUBLE CRYSTAL' 
_diffrn_radiation.pdbx_diffrn_protocol             'SINGLE WAVELENGTH' 
_diffrn_radiation.pdbx_scattering_type             x-ray 
# 
_diffrn_radiation_wavelength.id           1 
_diffrn_radiation_wavelength.wavelength   0.9686 
_diffrn_radiation_wavelength.wt           1.0 
# 
_diffrn_source.diffrn_id                   1 
_diffrn_source.source                      SYNCHROTRON 
_diffrn_source.type                        'DIAMOND BEAMLINE I24' 
_diffrn_source.pdbx_synchrotron_site       Diamond 
_diffrn_source.pdbx_synchrotron_beamline   I24 
_diffrn_source.pdbx_wavelength             0.9686 
_diffrn_source.pdbx_wavelength_list        ? 
# 
_reflns.pdbx_diffrn_id               1 
_reflns.pdbx_ordinal                 1 
_reflns.entry_id                     4C0N 
_reflns.observed_criterion_sigma_I   -10.0 
_reflns.observed_criterion_sigma_F   ? 
_reflns.d_resolution_low             50.30 
_reflns.d_resolution_high            1.77 
_reflns.number_obs                   31454 
_reflns.number_all                   ? 
_reflns.percent_possible_obs         99.0 
_reflns.pdbx_Rmerge_I_obs            0.05 
_reflns.pdbx_Rsym_value              ? 
_reflns.pdbx_netI_over_sigmaI        16.40 
_reflns.B_iso_Wilson_estimate        ? 
_reflns.pdbx_redundancy              5.4 
# 
_reflns_shell.pdbx_diffrn_id         1 
_reflns_shell.pdbx_ordinal           1 
_reflns_shell.d_res_high             1.77 
_reflns_shell.d_res_low              1.81 
_reflns_shell.percent_possible_all   99.9 
_reflns_shell.Rmerge_I_obs           0.77 
_reflns_shell.pdbx_Rsym_value        ? 
_reflns_shell.meanI_over_sigI_obs    1.90 
_reflns_shell.pdbx_redundancy        5.5 
# 
_refine.pdbx_refine_id                           'X-RAY DIFFRACTION' 
_refine.entry_id                                 4C0N 
_refine.pdbx_diffrn_id                           1 
_refine.pdbx_TLS_residual_ADP_flag               ? 
_refine.ls_number_reflns_obs                     29824 
_refine.ls_number_reflns_all                     ? 
_refine.pdbx_ls_sigma_I                          ? 
_refine.pdbx_ls_sigma_F                          ? 
_refine.pdbx_data_cutoff_high_absF               ? 
_refine.pdbx_data_cutoff_low_absF                ? 
_refine.pdbx_data_cutoff_high_rms_absF           ? 
_refine.ls_d_res_low                             50.42 
_refine.ls_d_res_high                            1.77 
_refine.ls_percent_reflns_obs                    98.57 
_refine.ls_R_factor_obs                          0.18675 
_refine.ls_R_factor_all                          ? 
_refine.ls_R_factor_R_work                       0.18574 
_refine.ls_R_factor_R_free                       0.20530 
_refine.ls_R_factor_R_free_error                 ? 
_refine.ls_R_factor_R_free_error_details         ? 
_refine.ls_percent_reflns_R_free                 5.0 
_refine.ls_number_reflns_R_free                  1574 
_refine.ls_number_parameters                     ? 
_refine.ls_number_restraints                     ? 
_refine.occupancy_min                            ? 
_refine.occupancy_max                            ? 
_refine.correlation_coeff_Fo_to_Fc               0.962 
_refine.correlation_coeff_Fo_to_Fc_free          0.954 
_refine.B_iso_mean                               26.274 
_refine.aniso_B[1][1]                            0.00 
_refine.aniso_B[2][2]                            0.00 
_refine.aniso_B[3][3]                            0.00 
_refine.aniso_B[1][2]                            0.00 
_refine.aniso_B[1][3]                            0.00 
_refine.aniso_B[2][3]                            0.00 
_refine.solvent_model_details                    MASK 
_refine.solvent_model_param_ksol                 ? 
_refine.solvent_model_param_bsol                 ? 
_refine.pdbx_solvent_vdw_probe_radii             1.20 
_refine.pdbx_solvent_ion_probe_radii             0.80 
_refine.pdbx_solvent_shrinkage_radii             0.80 
_refine.pdbx_ls_cross_valid_method               THROUGHOUT 
_refine.details                                  
'HYDROGENS HAVE BEEN ADDED IN THE RIDING POSITIONS. U VALUES REFINED INDIVIDUALLY.' 
_refine.pdbx_starting_model                      NONE 
_refine.pdbx_method_to_determine_struct          SAD 
_refine.pdbx_isotropic_thermal_model             ? 
_refine.pdbx_stereochemistry_target_values       'MAXIMUM LIKELIHOOD' 
_refine.pdbx_stereochem_target_val_spec_case     ? 
_refine.pdbx_R_Free_selection_details            RANDOM 
_refine.pdbx_overall_ESU_R                       0.082 
_refine.pdbx_overall_ESU_R_Free                  0.082 
_refine.overall_SU_ML                            0.055 
_refine.pdbx_overall_phase_error                 ? 
_refine.overall_SU_B                             1.765 
_refine.overall_SU_R_Cruickshank_DPI             ? 
_refine.pdbx_overall_SU_R_free_Cruickshank_DPI   ? 
_refine.pdbx_overall_SU_R_Blow_DPI               ? 
_refine.pdbx_overall_SU_R_free_Blow_DPI          ? 
# 
_refine_hist.pdbx_refine_id                   'X-RAY DIFFRACTION' 
_refine_hist.cycle_id                         LAST 
_refine_hist.pdbx_number_atoms_protein        1228 
_refine_hist.pdbx_number_atoms_nucleic_acid   0 
_refine_hist.pdbx_number_atoms_ligand         45 
_refine_hist.number_atoms_solvent             115 
_refine_hist.number_atoms_total               1388 
_refine_hist.d_res_high                       1.77 
_refine_hist.d_res_low                        50.42 
# 
loop_
_refine_ls_restr.type 
_refine_ls_restr.dev_ideal 
_refine_ls_restr.dev_ideal_target 
_refine_ls_restr.weight 
_refine_ls_restr.number 
_refine_ls_restr.pdbx_refine_id 
_refine_ls_restr.pdbx_restraint_function 
r_bond_refined_d             0.014  0.019  ? 1371 'X-RAY DIFFRACTION' ? 
r_bond_other_d               0.002  0.020  ? 1243 'X-RAY DIFFRACTION' ? 
r_angle_refined_deg          1.510  1.972  ? 1877 'X-RAY DIFFRACTION' ? 
r_angle_other_deg            0.888  3.000  ? 2861 'X-RAY DIFFRACTION' ? 
r_dihedral_angle_1_deg       5.507  5.000  ? 168  'X-RAY DIFFRACTION' ? 
r_dihedral_angle_2_deg       35.010 24.805 ? 77   'X-RAY DIFFRACTION' ? 
r_dihedral_angle_3_deg       12.175 15.000 ? 233  'X-RAY DIFFRACTION' ? 
r_dihedral_angle_4_deg       12.865 15.000 ? 8    'X-RAY DIFFRACTION' ? 
r_chiral_restr               0.104  0.200  ? 185  'X-RAY DIFFRACTION' ? 
r_gen_planes_refined         0.010  0.020  ? 1633 'X-RAY DIFFRACTION' ? 
r_gen_planes_other           0.011  0.020  ? 365  'X-RAY DIFFRACTION' ? 
r_nbd_refined                ?      ?      ? ?    'X-RAY DIFFRACTION' ? 
r_nbd_other                  ?      ?      ? ?    'X-RAY DIFFRACTION' ? 
r_nbtor_refined              ?      ?      ? ?    'X-RAY DIFFRACTION' ? 
r_nbtor_other                ?      ?      ? ?    'X-RAY DIFFRACTION' ? 
r_xyhbond_nbd_refined        ?      ?      ? ?    'X-RAY DIFFRACTION' ? 
r_xyhbond_nbd_other          ?      ?      ? ?    'X-RAY DIFFRACTION' ? 
r_metal_ion_refined          ?      ?      ? ?    'X-RAY DIFFRACTION' ? 
r_metal_ion_other            ?      ?      ? ?    'X-RAY DIFFRACTION' ? 
r_symmetry_vdw_refined       ?      ?      ? ?    'X-RAY DIFFRACTION' ? 
r_symmetry_vdw_other         ?      ?      ? ?    'X-RAY DIFFRACTION' ? 
r_symmetry_hbond_refined     ?      ?      ? ?    'X-RAY DIFFRACTION' ? 
r_symmetry_hbond_other       ?      ?      ? ?    'X-RAY DIFFRACTION' ? 
r_symmetry_metal_ion_refined ?      ?      ? ?    'X-RAY DIFFRACTION' ? 
r_symmetry_metal_ion_other   ?      ?      ? ?    'X-RAY DIFFRACTION' ? 
r_mcbond_it                  2.028  2.522  ? 625  'X-RAY DIFFRACTION' ? 
r_mcbond_other               2.020  2.514  ? 624  'X-RAY DIFFRACTION' ? 
r_mcangle_it                 3.030  3.783  ? 787  'X-RAY DIFFRACTION' ? 
r_mcangle_other              3.032  3.791  ? 788  'X-RAY DIFFRACTION' ? 
r_scbond_it                  2.274  2.627  ? 746  'X-RAY DIFFRACTION' ? 
r_scbond_other               2.267  2.627  ? 744  'X-RAY DIFFRACTION' ? 
r_scangle_it                 ?      ?      ? ?    'X-RAY DIFFRACTION' ? 
r_scangle_other              3.456  3.866  ? 1082 'X-RAY DIFFRACTION' ? 
r_long_range_B_refined       5.576  20.664 ? 1757 'X-RAY DIFFRACTION' ? 
r_long_range_B_other         5.485  20.336 ? 1717 'X-RAY DIFFRACTION' ? 
r_rigid_bond_restr           ?      ?      ? ?    'X-RAY DIFFRACTION' ? 
r_sphericity_free            ?      ?      ? ?    'X-RAY DIFFRACTION' ? 
r_sphericity_bonded          ?      ?      ? ?    'X-RAY DIFFRACTION' ? 
# 
_refine_ls_shell.pdbx_refine_id                   'X-RAY DIFFRACTION' 
_refine_ls_shell.pdbx_total_number_of_bins_used   20 
_refine_ls_shell.d_res_high                       1.770 
_refine_ls_shell.d_res_low                        1.816 
_refine_ls_shell.number_reflns_R_work             2197 
_refine_ls_shell.R_factor_R_work                  0.359 
_refine_ls_shell.percent_reflns_obs               99.83 
_refine_ls_shell.R_factor_R_free                  0.399 
_refine_ls_shell.R_factor_R_free_error            ? 
_refine_ls_shell.percent_reflns_R_free            ? 
_refine_ls_shell.number_reflns_R_free             120 
_refine_ls_shell.number_reflns_all                ? 
_refine_ls_shell.R_factor_all                     ? 
# 
_struct.entry_id                  4C0N 
_struct.title                     'Crystal structure of non symbiotic plant hemoglobin AHb3 (GLB3) from Arabidopsis thaliana' 
_struct.pdbx_model_details        ? 
_struct.pdbx_CASP_flag            ? 
_struct.pdbx_model_type_details   ? 
# 
_struct_keywords.entry_id        4C0N 
_struct_keywords.pdbx_keywords   'OXYGEN TRANSPORT' 
_struct_keywords.text            'OXYGEN TRANSPORT, 2-OVER-2 FOLD' 
# 
loop_
_struct_asym.id 
_struct_asym.pdbx_blank_PDB_chainid_flag 
_struct_asym.pdbx_modified 
_struct_asym.entity_id 
_struct_asym.details 
A N N 1 ? 
B N N 2 ? 
C N N 3 ? 
D N N 4 ? 
E N N 5 ? 
# 
_struct_ref.id                         1 
_struct_ref.db_name                    UNP 
_struct_ref.db_code                    Q67XG0_ARATH 
_struct_ref.entity_id                  1 
_struct_ref.pdbx_seq_one_letter_code   ? 
_struct_ref.pdbx_align_begin           ? 
_struct_ref.pdbx_db_accession          Q67XG0 
_struct_ref.pdbx_db_isoform            ? 
# 
_struct_ref_seq.align_id                      1 
_struct_ref_seq.ref_id                        1 
_struct_ref_seq.pdbx_PDB_id_code              4C0N 
_struct_ref_seq.pdbx_strand_id                A 
_struct_ref_seq.seq_align_beg                 1 
_struct_ref_seq.pdbx_seq_align_beg_ins_code   ? 
_struct_ref_seq.seq_align_end                 175 
_struct_ref_seq.pdbx_seq_align_end_ins_code   ? 
_struct_ref_seq.pdbx_db_accession             Q67XG0 
_struct_ref_seq.db_align_beg                  1 
_struct_ref_seq.pdbx_db_align_beg_ins_code    ? 
_struct_ref_seq.db_align_end                  175 
_struct_ref_seq.pdbx_db_align_end_ins_code    ? 
_struct_ref_seq.pdbx_auth_seq_align_beg       1 
_struct_ref_seq.pdbx_auth_seq_align_end       175 
# 
_pdbx_struct_assembly.id                   1 
_pdbx_struct_assembly.details              author_and_software_defined_assembly 
_pdbx_struct_assembly.method_details       PISA 
_pdbx_struct_assembly.oligomeric_details   dimeric 
_pdbx_struct_assembly.oligomeric_count     2 
# 
loop_
_pdbx_struct_assembly_prop.biol_id 
_pdbx_struct_assembly_prop.type 
_pdbx_struct_assembly_prop.value 
_pdbx_struct_assembly_prop.details 
1 'ABSA (A^2)' 5010  ? 
1 MORE         -82.6 ? 
1 'SSA (A^2)'  12710 ? 
# 
_pdbx_struct_assembly_gen.assembly_id       1 
_pdbx_struct_assembly_gen.oper_expression   1,2 
_pdbx_struct_assembly_gen.asym_id_list      A,B,C,D,E 
# 
loop_
_pdbx_struct_oper_list.id 
_pdbx_struct_oper_list.type 
_pdbx_struct_oper_list.name 
_pdbx_struct_oper_list.symmetry_operation 
_pdbx_struct_oper_list.matrix[1][1] 
_pdbx_struct_oper_list.matrix[1][2] 
_pdbx_struct_oper_list.matrix[1][3] 
_pdbx_struct_oper_list.vector[1] 
_pdbx_struct_oper_list.matrix[2][1] 
_pdbx_struct_oper_list.matrix[2][2] 
_pdbx_struct_oper_list.matrix[2][3] 
_pdbx_struct_oper_list.vector[2] 
_pdbx_struct_oper_list.matrix[3][1] 
_pdbx_struct_oper_list.matrix[3][2] 
_pdbx_struct_oper_list.matrix[3][3] 
_pdbx_struct_oper_list.vector[3] 
1 'identity operation'         1_555  x,y,z                1.0000000000  0.0000000000 0.0000000000  0.0000000000  0.0000000000 1.0000000000  0.0000000000  0.0000000000   0.0000000000  0.0000000000  1.0000000000 0.0000000000 
2 'crystal symmetry operation' 19_666 -x+5/4,-z+5/4,-y+5/4 -0.8934406808 0.0393149282 -0.4474573570 22.8521193002 0.0393149282 -0.9854948062 -0.1650888350 -11.3581318675 -0.4474573570 -0.1650888350 0.8789354869 4.4441377601 
# 
_struct_biol.id   1 
# 
loop_
_struct_conf.conf_type_id 
_struct_conf.id 
_struct_conf.pdbx_PDB_helix_id 
_struct_conf.beg_label_comp_id 
_struct_conf.beg_label_asym_id 
_struct_conf.beg_label_seq_id 
_struct_conf.pdbx_beg_PDB_ins_code 
_struct_conf.end_label_comp_id 
_struct_conf.end_label_asym_id 
_struct_conf.end_label_seq_id 
_struct_conf.pdbx_end_PDB_ins_code 
_struct_conf.beg_auth_comp_id 
_struct_conf.beg_auth_asym_id 
_struct_conf.beg_auth_seq_id 
_struct_conf.end_auth_comp_id 
_struct_conf.end_auth_asym_id 
_struct_conf.end_auth_seq_id 
_struct_conf.pdbx_PDB_helix_class 
_struct_conf.details 
_struct_conf.pdbx_PDB_helix_length 
HELX_P HELX_P1  1  SER A 3   ? GLY A 13  ? SER A 3   GLY A 13  1 ? 11 
HELX_P HELX_P2  2  ASP A 15  ? PHE A 20  ? ASP A 15  PHE A 20  1 ? 6  
HELX_P HELX_P3  3  ALA A 21  ? SER A 25  ? ALA A 21  SER A 25  5 ? 5  
HELX_P HELX_P4  4  ASN A 26  ? GLY A 32  ? ASN A 26  GLY A 32  1 ? 7  
HELX_P HELX_P5  5  GLY A 32  ? ASP A 49  ? GLY A 32  ASP A 49  1 ? 18 
HELX_P HELX_P6  6  GLU A 52  ? SER A 57  ? GLU A 52  SER A 57  1 ? 6  
HELX_P HELX_P7  7  ILE A 58  ? SER A 60  ? ILE A 58  SER A 60  5 ? 3  
HELX_P HELX_P8  8  ASN A 63  ? MET A 79  ? ASN A 63  MET A 79  1 ? 17 
HELX_P HELX_P9  9  PRO A 83  ? GLY A 90  ? PRO A 83  GLY A 90  1 ? 8  
HELX_P HELX_P10 10 ALA A 93  ? ARG A 99  ? ALA A 93  ARG A 99  1 ? 7  
HELX_P HELX_P11 11 THR A 104 ? SER A 122 ? THR A 104 SER A 122 1 ? 19 
HELX_P HELX_P12 12 ASP A 126 ? GLU A 149 ? ASP A 126 GLU A 149 1 ? 24 
# 
_struct_conf_type.id          HELX_P 
_struct_conf_type.criteria    ? 
_struct_conf_type.reference   ? 
# 
loop_
_struct_conn.id 
_struct_conn.conn_type_id 
_struct_conn.pdbx_leaving_atom_flag 
_struct_conn.pdbx_PDB_id 
_struct_conn.ptnr1_label_asym_id 
_struct_conn.ptnr1_label_comp_id 
_struct_conn.ptnr1_label_seq_id 
_struct_conn.ptnr1_label_atom_id 
_struct_conn.pdbx_ptnr1_label_alt_id 
_struct_conn.pdbx_ptnr1_PDB_ins_code 
_struct_conn.pdbx_ptnr1_standard_comp_id 
_struct_conn.ptnr1_symmetry 
_struct_conn.ptnr2_label_asym_id 
_struct_conn.ptnr2_label_comp_id 
_struct_conn.ptnr2_label_seq_id 
_struct_conn.ptnr2_label_atom_id 
_struct_conn.pdbx_ptnr2_label_alt_id 
_struct_conn.pdbx_ptnr2_PDB_ins_code 
_struct_conn.ptnr1_auth_asym_id 
_struct_conn.ptnr1_auth_comp_id 
_struct_conn.ptnr1_auth_seq_id 
_struct_conn.ptnr2_auth_asym_id 
_struct_conn.ptnr2_auth_comp_id 
_struct_conn.ptnr2_auth_seq_id 
_struct_conn.ptnr2_symmetry 
_struct_conn.pdbx_ptnr3_label_atom_id 
_struct_conn.pdbx_ptnr3_label_seq_id 
_struct_conn.pdbx_ptnr3_label_comp_id 
_struct_conn.pdbx_ptnr3_label_asym_id 
_struct_conn.pdbx_ptnr3_label_alt_id 
_struct_conn.pdbx_ptnr3_PDB_ins_code 
_struct_conn.details 
_struct_conn.pdbx_dist_value 
_struct_conn.pdbx_value_order 
_struct_conn.pdbx_role 
metalc1 metalc ? ? A HIS 98 NE2 ? ? ? 1_555 D HEM . FE ? ? A HIS 98   A HEM 1157 1_555 ? ? ? ? ? ? ? 2.104 ? ? 
metalc2 metalc ? ? C OH  .  O   ? ? ? 1_555 D HEM . FE ? ? A OH  1153 A HEM 1157 1_555 ? ? ? ? ? ? ? 1.852 ? ? 
# 
_struct_conn_type.id          metalc 
_struct_conn_type.criteria    ? 
_struct_conn_type.reference   ? 
# 
loop_
_pdbx_struct_conn_angle.id 
_pdbx_struct_conn_angle.ptnr1_label_atom_id 
_pdbx_struct_conn_angle.ptnr1_label_alt_id 
_pdbx_struct_conn_angle.ptnr1_label_asym_id 
_pdbx_struct_conn_angle.ptnr1_label_comp_id 
_pdbx_struct_conn_angle.ptnr1_label_seq_id 
_pdbx_struct_conn_angle.ptnr1_auth_atom_id 
_pdbx_struct_conn_angle.ptnr1_auth_asym_id 
_pdbx_struct_conn_angle.ptnr1_auth_comp_id 
_pdbx_struct_conn_angle.ptnr1_auth_seq_id 
_pdbx_struct_conn_angle.ptnr1_PDB_ins_code 
_pdbx_struct_conn_angle.ptnr1_symmetry 
_pdbx_struct_conn_angle.ptnr2_label_atom_id 
_pdbx_struct_conn_angle.ptnr2_label_alt_id 
_pdbx_struct_conn_angle.ptnr2_label_asym_id 
_pdbx_struct_conn_angle.ptnr2_label_comp_id 
_pdbx_struct_conn_angle.ptnr2_label_seq_id 
_pdbx_struct_conn_angle.ptnr2_auth_atom_id 
_pdbx_struct_conn_angle.ptnr2_auth_asym_id 
_pdbx_struct_conn_angle.ptnr2_auth_comp_id 
_pdbx_struct_conn_angle.ptnr2_auth_seq_id 
_pdbx_struct_conn_angle.ptnr2_PDB_ins_code 
_pdbx_struct_conn_angle.ptnr2_symmetry 
_pdbx_struct_conn_angle.ptnr3_label_atom_id 
_pdbx_struct_conn_angle.ptnr3_label_alt_id 
_pdbx_struct_conn_angle.ptnr3_label_asym_id 
_pdbx_struct_conn_angle.ptnr3_label_comp_id 
_pdbx_struct_conn_angle.ptnr3_label_seq_id 
_pdbx_struct_conn_angle.ptnr3_auth_atom_id 
_pdbx_struct_conn_angle.ptnr3_auth_asym_id 
_pdbx_struct_conn_angle.ptnr3_auth_comp_id 
_pdbx_struct_conn_angle.ptnr3_auth_seq_id 
_pdbx_struct_conn_angle.ptnr3_PDB_ins_code 
_pdbx_struct_conn_angle.ptnr3_symmetry 
_pdbx_struct_conn_angle.value 
_pdbx_struct_conn_angle.value_esd 
1  NE2 ? A HIS 98 ? A HIS 98   ? 1_555 FE ? D HEM . ? A HEM 1157 ? 1_555 NA ? D HEM . ? A HEM 1157 ? 1_555 87.1  ? 
2  NE2 ? A HIS 98 ? A HIS 98   ? 1_555 FE ? D HEM . ? A HEM 1157 ? 1_555 NB ? D HEM . ? A HEM 1157 ? 1_555 91.1  ? 
3  NA  ? D HEM .  ? A HEM 1157 ? 1_555 FE ? D HEM . ? A HEM 1157 ? 1_555 NB ? D HEM . ? A HEM 1157 ? 1_555 87.0  ? 
4  NE2 ? A HIS 98 ? A HIS 98   ? 1_555 FE ? D HEM . ? A HEM 1157 ? 1_555 NC ? D HEM . ? A HEM 1157 ? 1_555 92.7  ? 
5  NA  ? D HEM .  ? A HEM 1157 ? 1_555 FE ? D HEM . ? A HEM 1157 ? 1_555 NC ? D HEM . ? A HEM 1157 ? 1_555 179.1 ? 
6  NB  ? D HEM .  ? A HEM 1157 ? 1_555 FE ? D HEM . ? A HEM 1157 ? 1_555 NC ? D HEM . ? A HEM 1157 ? 1_555 92.1  ? 
7  NE2 ? A HIS 98 ? A HIS 98   ? 1_555 FE ? D HEM . ? A HEM 1157 ? 1_555 ND ? D HEM . ? A HEM 1157 ? 1_555 88.7  ? 
8  NA  ? D HEM .  ? A HEM 1157 ? 1_555 FE ? D HEM . ? A HEM 1157 ? 1_555 ND ? D HEM . ? A HEM 1157 ? 1_555 92.8  ? 
9  NB  ? D HEM .  ? A HEM 1157 ? 1_555 FE ? D HEM . ? A HEM 1157 ? 1_555 ND ? D HEM . ? A HEM 1157 ? 1_555 179.7 ? 
10 NC  ? D HEM .  ? A HEM 1157 ? 1_555 FE ? D HEM . ? A HEM 1157 ? 1_555 ND ? D HEM . ? A HEM 1157 ? 1_555 88.1  ? 
11 NE2 ? A HIS 98 ? A HIS 98   ? 1_555 FE ? D HEM . ? A HEM 1157 ? 1_555 O  ? C OH  . ? A OH  1153 ? 1_555 174.7 ? 
12 NA  ? D HEM .  ? A HEM 1157 ? 1_555 FE ? D HEM . ? A HEM 1157 ? 1_555 O  ? C OH  . ? A OH  1153 ? 1_555 87.8  ? 
13 NB  ? D HEM .  ? A HEM 1157 ? 1_555 FE ? D HEM . ? A HEM 1157 ? 1_555 O  ? C OH  . ? A OH  1153 ? 1_555 89.9  ? 
14 NC  ? D HEM .  ? A HEM 1157 ? 1_555 FE ? D HEM . ? A HEM 1157 ? 1_555 O  ? C OH  . ? A OH  1153 ? 1_555 92.4  ? 
15 ND  ? D HEM .  ? A HEM 1157 ? 1_555 FE ? D HEM . ? A HEM 1157 ? 1_555 O  ? C OH  . ? A OH  1153 ? 1_555 90.3  ? 
# 
loop_
_struct_site.id 
_struct_site.pdbx_evidence_code 
_struct_site.pdbx_auth_asym_id 
_struct_site.pdbx_auth_comp_id 
_struct_site.pdbx_auth_seq_id 
_struct_site.pdbx_auth_ins_code 
_struct_site.pdbx_num_residues 
_struct_site.details 
AC1 Software A HEM 1157 ? 20 'BINDING SITE FOR RESIDUE HEM A 1157' 
AC2 Software A CL  1152 ? 8  'BINDING SITE FOR RESIDUE CL A 1152'  
AC3 Software A OH  1153 ? 4  'BINDING SITE FOR RESIDUE OH A 1153'  
# 
loop_
_struct_site_gen.id 
_struct_site_gen.site_id 
_struct_site_gen.pdbx_num_res 
_struct_site_gen.label_comp_id 
_struct_site_gen.label_asym_id 
_struct_site_gen.label_seq_id 
_struct_site_gen.pdbx_auth_ins_code 
_struct_site_gen.auth_comp_id 
_struct_site_gen.auth_asym_id 
_struct_site_gen.auth_seq_id 
_struct_site_gen.label_atom_id 
_struct_site_gen.label_alt_id 
_struct_site_gen.symmetry 
_struct_site_gen.details 
1  AC1 20 ILE A 58  ? ILE A 58   . ? 1_555  ? 
2  AC1 20 PHE A 59  ? PHE A 59   . ? 1_555  ? 
3  AC1 20 ALA A 67  ? ALA A 67   . ? 1_555  ? 
4  AC1 20 ASN A 70  ? ASN A 70   . ? 1_555  ? 
5  AC1 20 PHE A 74  ? PHE A 74   . ? 1_555  ? 
6  AC1 20 TYR A 85  ? TYR A 85   . ? 1_555  ? 
7  AC1 20 LYS A 89  ? LYS A 89   . ? 1_555  ? 
8  AC1 20 HIS A 98  ? HIS A 98   . ? 1_555  ? 
9  AC1 20 PHE A 101 ? PHE A 101  . ? 1_555  ? 
10 AC1 20 VAL A 103 ? VAL A 103  . ? 1_555  ? 
11 AC1 20 TRP A 111 ? TRP A 111  . ? 1_555  ? 
12 AC1 20 PHE A 137 ? PHE A 137  . ? 1_555  ? 
13 AC1 20 ALA A 141 ? ALA A 141  . ? 1_555  ? 
14 AC1 20 LEU A 144 ? LEU A 144  . ? 1_555  ? 
15 AC1 20 OH  C .   ? OH  A 1153 . ? 1_555  ? 
16 AC1 20 HOH E .   ? HOH A 2048 . ? 1_555  ? 
17 AC1 20 HOH E .   ? HOH A 2059 . ? 1_555  ? 
18 AC1 20 HOH E .   ? HOH A 2068 . ? 1_555  ? 
19 AC1 20 HOH E .   ? HOH A 2092 . ? 1_555  ? 
20 AC1 20 HOH E .   ? HOH A 2093 . ? 1_555  ? 
21 AC2 8  ALA A 93  ? ALA A 93   . ? 1_555  ? 
22 AC2 8  ALA A 93  ? ALA A 93   . ? 19_666 ? 
23 AC2 8  LEU A 94  ? LEU A 94   . ? 19_666 ? 
24 AC2 8  LEU A 94  ? LEU A 94   . ? 1_555  ? 
25 AC2 8  ILE A 95  ? ILE A 95   . ? 1_555  ? 
26 AC2 8  ILE A 95  ? ILE A 95   . ? 19_666 ? 
27 AC2 8  GLY A 96  ? GLY A 96   . ? 1_555  ? 
28 AC2 8  GLY A 96  ? GLY A 96   . ? 19_666 ? 
29 AC3 4  TYR A 44  ? TYR A 44   . ? 1_555  ? 
30 AC3 4  TRP A 111 ? TRP A 111  . ? 1_555  ? 
31 AC3 4  HEM D .   ? HEM A 1157 . ? 1_555  ? 
32 AC3 4  HOH E .   ? HOH A 2047 . ? 1_555  ? 
# 
_pdbx_validate_close_contact.id               1 
_pdbx_validate_close_contact.PDB_model_num    1 
_pdbx_validate_close_contact.auth_atom_id_1   OE1 
_pdbx_validate_close_contact.auth_asym_id_1   A 
_pdbx_validate_close_contact.auth_comp_id_1   GLU 
_pdbx_validate_close_contact.auth_seq_id_1    18 
_pdbx_validate_close_contact.PDB_ins_code_1   ? 
_pdbx_validate_close_contact.label_alt_id_1   ? 
_pdbx_validate_close_contact.auth_atom_id_2   O 
_pdbx_validate_close_contact.auth_asym_id_2   A 
_pdbx_validate_close_contact.auth_comp_id_2   HOH 
_pdbx_validate_close_contact.auth_seq_id_2    2011 
_pdbx_validate_close_contact.PDB_ins_code_2   ? 
_pdbx_validate_close_contact.label_alt_id_2   ? 
_pdbx_validate_close_contact.dist             2.11 
# 
loop_
_pdbx_validate_symm_contact.id 
_pdbx_validate_symm_contact.PDB_model_num 
_pdbx_validate_symm_contact.auth_atom_id_1 
_pdbx_validate_symm_contact.auth_asym_id_1 
_pdbx_validate_symm_contact.auth_comp_id_1 
_pdbx_validate_symm_contact.auth_seq_id_1 
_pdbx_validate_symm_contact.PDB_ins_code_1 
_pdbx_validate_symm_contact.label_alt_id_1 
_pdbx_validate_symm_contact.site_symmetry_1 
_pdbx_validate_symm_contact.auth_atom_id_2 
_pdbx_validate_symm_contact.auth_asym_id_2 
_pdbx_validate_symm_contact.auth_comp_id_2 
_pdbx_validate_symm_contact.auth_seq_id_2 
_pdbx_validate_symm_contact.PDB_ins_code_2 
_pdbx_validate_symm_contact.label_alt_id_2 
_pdbx_validate_symm_contact.site_symmetry_2 
_pdbx_validate_symm_contact.dist 
1 1 O A HOH 2086 ? ? 1_555 O A HOH 2087 ? ? 19_666 0.73 
2 1 O A HOH 2030 ? ? 1_555 O A HOH 2030 ? ? 19_666 1.13 
# 
_pdbx_validate_rmsd_bond.id                        1 
_pdbx_validate_rmsd_bond.PDB_model_num             1 
_pdbx_validate_rmsd_bond.auth_atom_id_1            CG 
_pdbx_validate_rmsd_bond.auth_asym_id_1            A 
_pdbx_validate_rmsd_bond.auth_comp_id_1            GLU 
_pdbx_validate_rmsd_bond.auth_seq_id_1             53 
_pdbx_validate_rmsd_bond.PDB_ins_code_1            ? 
_pdbx_validate_rmsd_bond.label_alt_id_1            ? 
_pdbx_validate_rmsd_bond.auth_atom_id_2            CD 
_pdbx_validate_rmsd_bond.auth_asym_id_2            A 
_pdbx_validate_rmsd_bond.auth_comp_id_2            GLU 
_pdbx_validate_rmsd_bond.auth_seq_id_2             53 
_pdbx_validate_rmsd_bond.PDB_ins_code_2            ? 
_pdbx_validate_rmsd_bond.label_alt_id_2            ? 
_pdbx_validate_rmsd_bond.bond_value                1.262 
_pdbx_validate_rmsd_bond.bond_target_value         1.515 
_pdbx_validate_rmsd_bond.bond_deviation            -0.253 
_pdbx_validate_rmsd_bond.bond_standard_deviation   0.015 
_pdbx_validate_rmsd_bond.linker_flag               N 
# 
_pdbx_struct_special_symmetry.id              1 
_pdbx_struct_special_symmetry.PDB_model_num   1 
_pdbx_struct_special_symmetry.auth_asym_id    A 
_pdbx_struct_special_symmetry.auth_comp_id    CL 
_pdbx_struct_special_symmetry.auth_seq_id     1152 
_pdbx_struct_special_symmetry.PDB_ins_code    ? 
_pdbx_struct_special_symmetry.label_asym_id   B 
_pdbx_struct_special_symmetry.label_comp_id   CL 
_pdbx_struct_special_symmetry.label_seq_id    . 
# 
_pdbx_database_remark.id     650 
_pdbx_database_remark.text   
;
HELIX
DETERMINATION METHOD: AUTHOR PROVIDED.
;
# 
loop_
_pdbx_unobs_or_zero_occ_residues.id 
_pdbx_unobs_or_zero_occ_residues.PDB_model_num 
_pdbx_unobs_or_zero_occ_residues.polymer_flag 
_pdbx_unobs_or_zero_occ_residues.occupancy_flag 
_pdbx_unobs_or_zero_occ_residues.auth_asym_id 
_pdbx_unobs_or_zero_occ_residues.auth_comp_id 
_pdbx_unobs_or_zero_occ_residues.auth_seq_id 
_pdbx_unobs_or_zero_occ_residues.PDB_ins_code 
_pdbx_unobs_or_zero_occ_residues.label_asym_id 
_pdbx_unobs_or_zero_occ_residues.label_comp_id 
_pdbx_unobs_or_zero_occ_residues.label_seq_id 
1  1 Y 1 A MET 1   ? A MET 1   
2  1 Y 1 A ASN 152 ? A ASN 152 
3  1 Y 1 A GLN 153 ? A GLN 153 
4  1 Y 1 A ASN 154 ? A ASN 154 
5  1 Y 1 A GLU 155 ? A GLU 155 
6  1 Y 1 A LYS 156 ? A LYS 156 
7  1 Y 1 A PRO 157 ? A PRO 157 
8  1 Y 1 A LYS 158 ? A LYS 158 
9  1 Y 1 A HIS 159 ? A HIS 159 
10 1 Y 1 A LYS 160 ? A LYS 160 
11 1 Y 1 A PRO 161 ? A PRO 161 
12 1 Y 1 A GLN 162 ? A GLN 162 
13 1 Y 1 A CYS 163 ? A CYS 163 
14 1 Y 1 A ALA 164 ? A ALA 164 
15 1 Y 1 A CYS 165 ? A CYS 165 
16 1 Y 1 A LYS 166 ? A LYS 166 
17 1 Y 1 A HIS 167 ? A HIS 167 
18 1 Y 1 A ALA 168 ? A ALA 168 
19 1 Y 1 A ALA 169 ? A ALA 169 
20 1 Y 1 A ASN 170 ? A ASN 170 
21 1 Y 1 A LYS 171 ? A LYS 171 
22 1 Y 1 A PRO 172 ? A PRO 172 
23 1 Y 1 A ALA 173 ? A ALA 173 
24 1 Y 1 A GLU 174 ? A GLU 174 
25 1 Y 1 A GLU 175 ? A GLU 175 
# 
loop_
_chem_comp_atom.comp_id 
_chem_comp_atom.atom_id 
_chem_comp_atom.type_symbol 
_chem_comp_atom.pdbx_aromatic_flag 
_chem_comp_atom.pdbx_stereo_config 
_chem_comp_atom.pdbx_ordinal 
ALA N    N  N N 1   
ALA CA   C  N S 2   
ALA C    C  N N 3   
ALA O    O  N N 4   
ALA CB   C  N N 5   
ALA OXT  O  N N 6   
ALA H    H  N N 7   
ALA H2   H  N N 8   
ALA HA   H  N N 9   
ALA HB1  H  N N 10  
ALA HB2  H  N N 11  
ALA HB3  H  N N 12  
ALA HXT  H  N N 13  
ARG N    N  N N 14  
ARG CA   C  N S 15  
ARG C    C  N N 16  
ARG O    O  N N 17  
ARG CB   C  N N 18  
ARG CG   C  N N 19  
ARG CD   C  N N 20  
ARG NE   N  N N 21  
ARG CZ   C  N N 22  
ARG NH1  N  N N 23  
ARG NH2  N  N N 24  
ARG OXT  O  N N 25  
ARG H    H  N N 26  
ARG H2   H  N N 27  
ARG HA   H  N N 28  
ARG HB2  H  N N 29  
ARG HB3  H  N N 30  
ARG HG2  H  N N 31  
ARG HG3  H  N N 32  
ARG HD2  H  N N 33  
ARG HD3  H  N N 34  
ARG HE   H  N N 35  
ARG HH11 H  N N 36  
ARG HH12 H  N N 37  
ARG HH21 H  N N 38  
ARG HH22 H  N N 39  
ARG HXT  H  N N 40  
ASN N    N  N N 41  
ASN CA   C  N S 42  
ASN C    C  N N 43  
ASN O    O  N N 44  
ASN CB   C  N N 45  
ASN CG   C  N N 46  
ASN OD1  O  N N 47  
ASN ND2  N  N N 48  
ASN OXT  O  N N 49  
ASN H    H  N N 50  
ASN H2   H  N N 51  
ASN HA   H  N N 52  
ASN HB2  H  N N 53  
ASN HB3  H  N N 54  
ASN HD21 H  N N 55  
ASN HD22 H  N N 56  
ASN HXT  H  N N 57  
ASP N    N  N N 58  
ASP CA   C  N S 59  
ASP C    C  N N 60  
ASP O    O  N N 61  
ASP CB   C  N N 62  
ASP CG   C  N N 63  
ASP OD1  O  N N 64  
ASP OD2  O  N N 65  
ASP OXT  O  N N 66  
ASP H    H  N N 67  
ASP H2   H  N N 68  
ASP HA   H  N N 69  
ASP HB2  H  N N 70  
ASP HB3  H  N N 71  
ASP HD2  H  N N 72  
ASP HXT  H  N N 73  
CL  CL   CL N N 74  
CYS N    N  N N 75  
CYS CA   C  N R 76  
CYS C    C  N N 77  
CYS O    O  N N 78  
CYS CB   C  N N 79  
CYS SG   S  N N 80  
CYS OXT  O  N N 81  
CYS H    H  N N 82  
CYS H2   H  N N 83  
CYS HA   H  N N 84  
CYS HB2  H  N N 85  
CYS HB3  H  N N 86  
CYS HG   H  N N 87  
CYS HXT  H  N N 88  
GLN N    N  N N 89  
GLN CA   C  N S 90  
GLN C    C  N N 91  
GLN O    O  N N 92  
GLN CB   C  N N 93  
GLN CG   C  N N 94  
GLN CD   C  N N 95  
GLN OE1  O  N N 96  
GLN NE2  N  N N 97  
GLN OXT  O  N N 98  
GLN H    H  N N 99  
GLN H2   H  N N 100 
GLN HA   H  N N 101 
GLN HB2  H  N N 102 
GLN HB3  H  N N 103 
GLN HG2  H  N N 104 
GLN HG3  H  N N 105 
GLN HE21 H  N N 106 
GLN HE22 H  N N 107 
GLN HXT  H  N N 108 
GLU N    N  N N 109 
GLU CA   C  N S 110 
GLU C    C  N N 111 
GLU O    O  N N 112 
GLU CB   C  N N 113 
GLU CG   C  N N 114 
GLU CD   C  N N 115 
GLU OE1  O  N N 116 
GLU OE2  O  N N 117 
GLU OXT  O  N N 118 
GLU H    H  N N 119 
GLU H2   H  N N 120 
GLU HA   H  N N 121 
GLU HB2  H  N N 122 
GLU HB3  H  N N 123 
GLU HG2  H  N N 124 
GLU HG3  H  N N 125 
GLU HE2  H  N N 126 
GLU HXT  H  N N 127 
GLY N    N  N N 128 
GLY CA   C  N N 129 
GLY C    C  N N 130 
GLY O    O  N N 131 
GLY OXT  O  N N 132 
GLY H    H  N N 133 
GLY H2   H  N N 134 
GLY HA2  H  N N 135 
GLY HA3  H  N N 136 
GLY HXT  H  N N 137 
HEM CHA  C  N N 138 
HEM CHB  C  N N 139 
HEM CHC  C  N N 140 
HEM CHD  C  N N 141 
HEM C1A  C  Y N 142 
HEM C2A  C  Y N 143 
HEM C3A  C  Y N 144 
HEM C4A  C  Y N 145 
HEM CMA  C  N N 146 
HEM CAA  C  N N 147 
HEM CBA  C  N N 148 
HEM CGA  C  N N 149 
HEM O1A  O  N N 150 
HEM O2A  O  N N 151 
HEM C1B  C  N N 152 
HEM C2B  C  N N 153 
HEM C3B  C  N N 154 
HEM C4B  C  N N 155 
HEM CMB  C  N N 156 
HEM CAB  C  N N 157 
HEM CBB  C  N N 158 
HEM C1C  C  Y N 159 
HEM C2C  C  Y N 160 
HEM C3C  C  Y N 161 
HEM C4C  C  Y N 162 
HEM CMC  C  N N 163 
HEM CAC  C  N N 164 
HEM CBC  C  N N 165 
HEM C1D  C  N N 166 
HEM C2D  C  N N 167 
HEM C3D  C  N N 168 
HEM C4D  C  N N 169 
HEM CMD  C  N N 170 
HEM CAD  C  N N 171 
HEM CBD  C  N N 172 
HEM CGD  C  N N 173 
HEM O1D  O  N N 174 
HEM O2D  O  N N 175 
HEM NA   N  Y N 176 
HEM NB   N  N N 177 
HEM NC   N  Y N 178 
HEM ND   N  N N 179 
HEM FE   FE N N 180 
HEM HHB  H  N N 181 
HEM HHC  H  N N 182 
HEM HHD  H  N N 183 
HEM HMA  H  N N 184 
HEM HMAA H  N N 185 
HEM HMAB H  N N 186 
HEM HAA  H  N N 187 
HEM HAAA H  N N 188 
HEM HBA  H  N N 189 
HEM HBAA H  N N 190 
HEM HMB  H  N N 191 
HEM HMBA H  N N 192 
HEM HMBB H  N N 193 
HEM HAB  H  N N 194 
HEM HBB  H  N N 195 
HEM HBBA H  N N 196 
HEM HMC  H  N N 197 
HEM HMCA H  N N 198 
HEM HMCB H  N N 199 
HEM HAC  H  N N 200 
HEM HBC  H  N N 201 
HEM HBCA H  N N 202 
HEM HMD  H  N N 203 
HEM HMDA H  N N 204 
HEM HMDB H  N N 205 
HEM HAD  H  N N 206 
HEM HADA H  N N 207 
HEM HBD  H  N N 208 
HEM HBDA H  N N 209 
HEM H2A  H  N N 210 
HEM H2D  H  N N 211 
HEM HHA  H  N N 212 
HIS N    N  N N 213 
HIS CA   C  N S 214 
HIS C    C  N N 215 
HIS O    O  N N 216 
HIS CB   C  N N 217 
HIS CG   C  Y N 218 
HIS ND1  N  Y N 219 
HIS CD2  C  Y N 220 
HIS CE1  C  Y N 221 
HIS NE2  N  Y N 222 
HIS OXT  O  N N 223 
HIS H    H  N N 224 
HIS H2   H  N N 225 
HIS HA   H  N N 226 
HIS HB2  H  N N 227 
HIS HB3  H  N N 228 
HIS HD1  H  N N 229 
HIS HD2  H  N N 230 
HIS HE1  H  N N 231 
HIS HE2  H  N N 232 
HIS HXT  H  N N 233 
HOH O    O  N N 234 
HOH H1   H  N N 235 
HOH H2   H  N N 236 
ILE N    N  N N 237 
ILE CA   C  N S 238 
ILE C    C  N N 239 
ILE O    O  N N 240 
ILE CB   C  N S 241 
ILE CG1  C  N N 242 
ILE CG2  C  N N 243 
ILE CD1  C  N N 244 
ILE OXT  O  N N 245 
ILE H    H  N N 246 
ILE H2   H  N N 247 
ILE HA   H  N N 248 
ILE HB   H  N N 249 
ILE HG12 H  N N 250 
ILE HG13 H  N N 251 
ILE HG21 H  N N 252 
ILE HG22 H  N N 253 
ILE HG23 H  N N 254 
ILE HD11 H  N N 255 
ILE HD12 H  N N 256 
ILE HD13 H  N N 257 
ILE HXT  H  N N 258 
LEU N    N  N N 259 
LEU CA   C  N S 260 
LEU C    C  N N 261 
LEU O    O  N N 262 
LEU CB   C  N N 263 
LEU CG   C  N N 264 
LEU CD1  C  N N 265 
LEU CD2  C  N N 266 
LEU OXT  O  N N 267 
LEU H    H  N N 268 
LEU H2   H  N N 269 
LEU HA   H  N N 270 
LEU HB2  H  N N 271 
LEU HB3  H  N N 272 
LEU HG   H  N N 273 
LEU HD11 H  N N 274 
LEU HD12 H  N N 275 
LEU HD13 H  N N 276 
LEU HD21 H  N N 277 
LEU HD22 H  N N 278 
LEU HD23 H  N N 279 
LEU HXT  H  N N 280 
LYS N    N  N N 281 
LYS CA   C  N S 282 
LYS C    C  N N 283 
LYS O    O  N N 284 
LYS CB   C  N N 285 
LYS CG   C  N N 286 
LYS CD   C  N N 287 
LYS CE   C  N N 288 
LYS NZ   N  N N 289 
LYS OXT  O  N N 290 
LYS H    H  N N 291 
LYS H2   H  N N 292 
LYS HA   H  N N 293 
LYS HB2  H  N N 294 
LYS HB3  H  N N 295 
LYS HG2  H  N N 296 
LYS HG3  H  N N 297 
LYS HD2  H  N N 298 
LYS HD3  H  N N 299 
LYS HE2  H  N N 300 
LYS HE3  H  N N 301 
LYS HZ1  H  N N 302 
LYS HZ2  H  N N 303 
LYS HZ3  H  N N 304 
LYS HXT  H  N N 305 
MET N    N  N N 306 
MET CA   C  N S 307 
MET C    C  N N 308 
MET O    O  N N 309 
MET CB   C  N N 310 
MET CG   C  N N 311 
MET SD   S  N N 312 
MET CE   C  N N 313 
MET OXT  O  N N 314 
MET H    H  N N 315 
MET H2   H  N N 316 
MET HA   H  N N 317 
MET HB2  H  N N 318 
MET HB3  H  N N 319 
MET HG2  H  N N 320 
MET HG3  H  N N 321 
MET HE1  H  N N 322 
MET HE2  H  N N 323 
MET HE3  H  N N 324 
MET HXT  H  N N 325 
OH  O    O  N N 326 
OH  HO   H  N N 327 
PHE N    N  N N 328 
PHE CA   C  N S 329 
PHE C    C  N N 330 
PHE O    O  N N 331 
PHE CB   C  N N 332 
PHE CG   C  Y N 333 
PHE CD1  C  Y N 334 
PHE CD2  C  Y N 335 
PHE CE1  C  Y N 336 
PHE CE2  C  Y N 337 
PHE CZ   C  Y N 338 
PHE OXT  O  N N 339 
PHE H    H  N N 340 
PHE H2   H  N N 341 
PHE HA   H  N N 342 
PHE HB2  H  N N 343 
PHE HB3  H  N N 344 
PHE HD1  H  N N 345 
PHE HD2  H  N N 346 
PHE HE1  H  N N 347 
PHE HE2  H  N N 348 
PHE HZ   H  N N 349 
PHE HXT  H  N N 350 
PRO N    N  N N 351 
PRO CA   C  N S 352 
PRO C    C  N N 353 
PRO O    O  N N 354 
PRO CB   C  N N 355 
PRO CG   C  N N 356 
PRO CD   C  N N 357 
PRO OXT  O  N N 358 
PRO H    H  N N 359 
PRO HA   H  N N 360 
PRO HB2  H  N N 361 
PRO HB3  H  N N 362 
PRO HG2  H  N N 363 
PRO HG3  H  N N 364 
PRO HD2  H  N N 365 
PRO HD3  H  N N 366 
PRO HXT  H  N N 367 
SER N    N  N N 368 
SER CA   C  N S 369 
SER C    C  N N 370 
SER O    O  N N 371 
SER CB   C  N N 372 
SER OG   O  N N 373 
SER OXT  O  N N 374 
SER H    H  N N 375 
SER H2   H  N N 376 
SER HA   H  N N 377 
SER HB2  H  N N 378 
SER HB3  H  N N 379 
SER HG   H  N N 380 
SER HXT  H  N N 381 
THR N    N  N N 382 
THR CA   C  N S 383 
THR C    C  N N 384 
THR O    O  N N 385 
THR CB   C  N R 386 
THR OG1  O  N N 387 
THR CG2  C  N N 388 
THR OXT  O  N N 389 
THR H    H  N N 390 
THR H2   H  N N 391 
THR HA   H  N N 392 
THR HB   H  N N 393 
THR HG1  H  N N 394 
THR HG21 H  N N 395 
THR HG22 H  N N 396 
THR HG23 H  N N 397 
THR HXT  H  N N 398 
TRP N    N  N N 399 
TRP CA   C  N S 400 
TRP C    C  N N 401 
TRP O    O  N N 402 
TRP CB   C  N N 403 
TRP CG   C  Y N 404 
TRP CD1  C  Y N 405 
TRP CD2  C  Y N 406 
TRP NE1  N  Y N 407 
TRP CE2  C  Y N 408 
TRP CE3  C  Y N 409 
TRP CZ2  C  Y N 410 
TRP CZ3  C  Y N 411 
TRP CH2  C  Y N 412 
TRP OXT  O  N N 413 
TRP H    H  N N 414 
TRP H2   H  N N 415 
TRP HA   H  N N 416 
TRP HB2  H  N N 417 
TRP HB3  H  N N 418 
TRP HD1  H  N N 419 
TRP HE1  H  N N 420 
TRP HE3  H  N N 421 
TRP HZ2  H  N N 422 
TRP HZ3  H  N N 423 
TRP HH2  H  N N 424 
TRP HXT  H  N N 425 
TYR N    N  N N 426 
TYR CA   C  N S 427 
TYR C    C  N N 428 
TYR O    O  N N 429 
TYR CB   C  N N 430 
TYR CG   C  Y N 431 
TYR CD1  C  Y N 432 
TYR CD2  C  Y N 433 
TYR CE1  C  Y N 434 
TYR CE2  C  Y N 435 
TYR CZ   C  Y N 436 
TYR OH   O  N N 437 
TYR OXT  O  N N 438 
TYR H    H  N N 439 
TYR H2   H  N N 440 
TYR HA   H  N N 441 
TYR HB2  H  N N 442 
TYR HB3  H  N N 443 
TYR HD1  H  N N 444 
TYR HD2  H  N N 445 
TYR HE1  H  N N 446 
TYR HE2  H  N N 447 
TYR HH   H  N N 448 
TYR HXT  H  N N 449 
VAL N    N  N N 450 
VAL CA   C  N S 451 
VAL C    C  N N 452 
VAL O    O  N N 453 
VAL CB   C  N N 454 
VAL CG1  C  N N 455 
VAL CG2  C  N N 456 
VAL OXT  O  N N 457 
VAL H    H  N N 458 
VAL H2   H  N N 459 
VAL HA   H  N N 460 
VAL HB   H  N N 461 
VAL HG11 H  N N 462 
VAL HG12 H  N N 463 
VAL HG13 H  N N 464 
VAL HG21 H  N N 465 
VAL HG22 H  N N 466 
VAL HG23 H  N N 467 
VAL HXT  H  N N 468 
# 
loop_
_chem_comp_bond.comp_id 
_chem_comp_bond.atom_id_1 
_chem_comp_bond.atom_id_2 
_chem_comp_bond.value_order 
_chem_comp_bond.pdbx_aromatic_flag 
_chem_comp_bond.pdbx_stereo_config 
_chem_comp_bond.pdbx_ordinal 
ALA N   CA   sing N N 1   
ALA N   H    sing N N 2   
ALA N   H2   sing N N 3   
ALA CA  C    sing N N 4   
ALA CA  CB   sing N N 5   
ALA CA  HA   sing N N 6   
ALA C   O    doub N N 7   
ALA C   OXT  sing N N 8   
ALA CB  HB1  sing N N 9   
ALA CB  HB2  sing N N 10  
ALA CB  HB3  sing N N 11  
ALA OXT HXT  sing N N 12  
ARG N   CA   sing N N 13  
ARG N   H    sing N N 14  
ARG N   H2   sing N N 15  
ARG CA  C    sing N N 16  
ARG CA  CB   sing N N 17  
ARG CA  HA   sing N N 18  
ARG C   O    doub N N 19  
ARG C   OXT  sing N N 20  
ARG CB  CG   sing N N 21  
ARG CB  HB2  sing N N 22  
ARG CB  HB3  sing N N 23  
ARG CG  CD   sing N N 24  
ARG CG  HG2  sing N N 25  
ARG CG  HG3  sing N N 26  
ARG CD  NE   sing N N 27  
ARG CD  HD2  sing N N 28  
ARG CD  HD3  sing N N 29  
ARG NE  CZ   sing N N 30  
ARG NE  HE   sing N N 31  
ARG CZ  NH1  sing N N 32  
ARG CZ  NH2  doub N N 33  
ARG NH1 HH11 sing N N 34  
ARG NH1 HH12 sing N N 35  
ARG NH2 HH21 sing N N 36  
ARG NH2 HH22 sing N N 37  
ARG OXT HXT  sing N N 38  
ASN N   CA   sing N N 39  
ASN N   H    sing N N 40  
ASN N   H2   sing N N 41  
ASN CA  C    sing N N 42  
ASN CA  CB   sing N N 43  
ASN CA  HA   sing N N 44  
ASN C   O    doub N N 45  
ASN C   OXT  sing N N 46  
ASN CB  CG   sing N N 47  
ASN CB  HB2  sing N N 48  
ASN CB  HB3  sing N N 49  
ASN CG  OD1  doub N N 50  
ASN CG  ND2  sing N N 51  
ASN ND2 HD21 sing N N 52  
ASN ND2 HD22 sing N N 53  
ASN OXT HXT  sing N N 54  
ASP N   CA   sing N N 55  
ASP N   H    sing N N 56  
ASP N   H2   sing N N 57  
ASP CA  C    sing N N 58  
ASP CA  CB   sing N N 59  
ASP CA  HA   sing N N 60  
ASP C   O    doub N N 61  
ASP C   OXT  sing N N 62  
ASP CB  CG   sing N N 63  
ASP CB  HB2  sing N N 64  
ASP CB  HB3  sing N N 65  
ASP CG  OD1  doub N N 66  
ASP CG  OD2  sing N N 67  
ASP OD2 HD2  sing N N 68  
ASP OXT HXT  sing N N 69  
CYS N   CA   sing N N 70  
CYS N   H    sing N N 71  
CYS N   H2   sing N N 72  
CYS CA  C    sing N N 73  
CYS CA  CB   sing N N 74  
CYS CA  HA   sing N N 75  
CYS C   O    doub N N 76  
CYS C   OXT  sing N N 77  
CYS CB  SG   sing N N 78  
CYS CB  HB2  sing N N 79  
CYS CB  HB3  sing N N 80  
CYS SG  HG   sing N N 81  
CYS OXT HXT  sing N N 82  
GLN N   CA   sing N N 83  
GLN N   H    sing N N 84  
GLN N   H2   sing N N 85  
GLN CA  C    sing N N 86  
GLN CA  CB   sing N N 87  
GLN CA  HA   sing N N 88  
GLN C   O    doub N N 89  
GLN C   OXT  sing N N 90  
GLN CB  CG   sing N N 91  
GLN CB  HB2  sing N N 92  
GLN CB  HB3  sing N N 93  
GLN CG  CD   sing N N 94  
GLN CG  HG2  sing N N 95  
GLN CG  HG3  sing N N 96  
GLN CD  OE1  doub N N 97  
GLN CD  NE2  sing N N 98  
GLN NE2 HE21 sing N N 99  
GLN NE2 HE22 sing N N 100 
GLN OXT HXT  sing N N 101 
GLU N   CA   sing N N 102 
GLU N   H    sing N N 103 
GLU N   H2   sing N N 104 
GLU CA  C    sing N N 105 
GLU CA  CB   sing N N 106 
GLU CA  HA   sing N N 107 
GLU C   O    doub N N 108 
GLU C   OXT  sing N N 109 
GLU CB  CG   sing N N 110 
GLU CB  HB2  sing N N 111 
GLU CB  HB3  sing N N 112 
GLU CG  CD   sing N N 113 
GLU CG  HG2  sing N N 114 
GLU CG  HG3  sing N N 115 
GLU CD  OE1  doub N N 116 
GLU CD  OE2  sing N N 117 
GLU OE2 HE2  sing N N 118 
GLU OXT HXT  sing N N 119 
GLY N   CA   sing N N 120 
GLY N   H    sing N N 121 
GLY N   H2   sing N N 122 
GLY CA  C    sing N N 123 
GLY CA  HA2  sing N N 124 
GLY CA  HA3  sing N N 125 
GLY C   O    doub N N 126 
GLY C   OXT  sing N N 127 
GLY OXT HXT  sing N N 128 
HEM CHA C1A  sing N N 129 
HEM CHA C4D  doub N N 130 
HEM CHA HHA  sing N N 131 
HEM CHB C4A  sing N N 132 
HEM CHB C1B  doub N N 133 
HEM CHB HHB  sing N N 134 
HEM CHC C4B  sing N N 135 
HEM CHC C1C  doub N N 136 
HEM CHC HHC  sing N N 137 
HEM CHD C4C  doub N N 138 
HEM CHD C1D  sing N N 139 
HEM CHD HHD  sing N N 140 
HEM C1A C2A  doub Y N 141 
HEM C1A NA   sing Y N 142 
HEM C2A C3A  sing Y N 143 
HEM C2A CAA  sing N N 144 
HEM C3A C4A  doub Y N 145 
HEM C3A CMA  sing N N 146 
HEM C4A NA   sing Y N 147 
HEM CMA HMA  sing N N 148 
HEM CMA HMAA sing N N 149 
HEM CMA HMAB sing N N 150 
HEM CAA CBA  sing N N 151 
HEM CAA HAA  sing N N 152 
HEM CAA HAAA sing N N 153 
HEM CBA CGA  sing N N 154 
HEM CBA HBA  sing N N 155 
HEM CBA HBAA sing N N 156 
HEM CGA O1A  doub N N 157 
HEM CGA O2A  sing N N 158 
HEM C1B C2B  sing N N 159 
HEM C1B NB   sing N N 160 
HEM C2B C3B  doub N N 161 
HEM C2B CMB  sing N N 162 
HEM C3B C4B  sing N N 163 
HEM C3B CAB  sing N N 164 
HEM C4B NB   doub N N 165 
HEM CMB HMB  sing N N 166 
HEM CMB HMBA sing N N 167 
HEM CMB HMBB sing N N 168 
HEM CAB CBB  doub N N 169 
HEM CAB HAB  sing N N 170 
HEM CBB HBB  sing N N 171 
HEM CBB HBBA sing N N 172 
HEM C1C C2C  sing Y N 173 
HEM C1C NC   sing Y N 174 
HEM C2C C3C  doub Y N 175 
HEM C2C CMC  sing N N 176 
HEM C3C C4C  sing Y N 177 
HEM C3C CAC  sing N N 178 
HEM C4C NC   sing Y N 179 
HEM CMC HMC  sing N N 180 
HEM CMC HMCA sing N N 181 
HEM CMC HMCB sing N N 182 
HEM CAC CBC  doub N N 183 
HEM CAC HAC  sing N N 184 
HEM CBC HBC  sing N N 185 
HEM CBC HBCA sing N N 186 
HEM C1D C2D  sing N N 187 
HEM C1D ND   doub N N 188 
HEM C2D C3D  doub N N 189 
HEM C2D CMD  sing N N 190 
HEM C3D C4D  sing N N 191 
HEM C3D CAD  sing N N 192 
HEM C4D ND   sing N N 193 
HEM CMD HMD  sing N N 194 
HEM CMD HMDA sing N N 195 
HEM CMD HMDB sing N N 196 
HEM CAD CBD  sing N N 197 
HEM CAD HAD  sing N N 198 
HEM CAD HADA sing N N 199 
HEM CBD CGD  sing N N 200 
HEM CBD HBD  sing N N 201 
HEM CBD HBDA sing N N 202 
HEM CGD O1D  doub N N 203 
HEM CGD O2D  sing N N 204 
HEM O2A H2A  sing N N 205 
HEM O2D H2D  sing N N 206 
HEM FE  NA   sing N N 207 
HEM FE  NB   sing N N 208 
HEM FE  NC   sing N N 209 
HEM FE  ND   sing N N 210 
HIS N   CA   sing N N 211 
HIS N   H    sing N N 212 
HIS N   H2   sing N N 213 
HIS CA  C    sing N N 214 
HIS CA  CB   sing N N 215 
HIS CA  HA   sing N N 216 
HIS C   O    doub N N 217 
HIS C   OXT  sing N N 218 
HIS CB  CG   sing N N 219 
HIS CB  HB2  sing N N 220 
HIS CB  HB3  sing N N 221 
HIS CG  ND1  sing Y N 222 
HIS CG  CD2  doub Y N 223 
HIS ND1 CE1  doub Y N 224 
HIS ND1 HD1  sing N N 225 
HIS CD2 NE2  sing Y N 226 
HIS CD2 HD2  sing N N 227 
HIS CE1 NE2  sing Y N 228 
HIS CE1 HE1  sing N N 229 
HIS NE2 HE2  sing N N 230 
HIS OXT HXT  sing N N 231 
HOH O   H1   sing N N 232 
HOH O   H2   sing N N 233 
ILE N   CA   sing N N 234 
ILE N   H    sing N N 235 
ILE N   H2   sing N N 236 
ILE CA  C    sing N N 237 
ILE CA  CB   sing N N 238 
ILE CA  HA   sing N N 239 
ILE C   O    doub N N 240 
ILE C   OXT  sing N N 241 
ILE CB  CG1  sing N N 242 
ILE CB  CG2  sing N N 243 
ILE CB  HB   sing N N 244 
ILE CG1 CD1  sing N N 245 
ILE CG1 HG12 sing N N 246 
ILE CG1 HG13 sing N N 247 
ILE CG2 HG21 sing N N 248 
ILE CG2 HG22 sing N N 249 
ILE CG2 HG23 sing N N 250 
ILE CD1 HD11 sing N N 251 
ILE CD1 HD12 sing N N 252 
ILE CD1 HD13 sing N N 253 
ILE OXT HXT  sing N N 254 
LEU N   CA   sing N N 255 
LEU N   H    sing N N 256 
LEU N   H2   sing N N 257 
LEU CA  C    sing N N 258 
LEU CA  CB   sing N N 259 
LEU CA  HA   sing N N 260 
LEU C   O    doub N N 261 
LEU C   OXT  sing N N 262 
LEU CB  CG   sing N N 263 
LEU CB  HB2  sing N N 264 
LEU CB  HB3  sing N N 265 
LEU CG  CD1  sing N N 266 
LEU CG  CD2  sing N N 267 
LEU CG  HG   sing N N 268 
LEU CD1 HD11 sing N N 269 
LEU CD1 HD12 sing N N 270 
LEU CD1 HD13 sing N N 271 
LEU CD2 HD21 sing N N 272 
LEU CD2 HD22 sing N N 273 
LEU CD2 HD23 sing N N 274 
LEU OXT HXT  sing N N 275 
LYS N   CA   sing N N 276 
LYS N   H    sing N N 277 
LYS N   H2   sing N N 278 
LYS CA  C    sing N N 279 
LYS CA  CB   sing N N 280 
LYS CA  HA   sing N N 281 
LYS C   O    doub N N 282 
LYS C   OXT  sing N N 283 
LYS CB  CG   sing N N 284 
LYS CB  HB2  sing N N 285 
LYS CB  HB3  sing N N 286 
LYS CG  CD   sing N N 287 
LYS CG  HG2  sing N N 288 
LYS CG  HG3  sing N N 289 
LYS CD  CE   sing N N 290 
LYS CD  HD2  sing N N 291 
LYS CD  HD3  sing N N 292 
LYS CE  NZ   sing N N 293 
LYS CE  HE2  sing N N 294 
LYS CE  HE3  sing N N 295 
LYS NZ  HZ1  sing N N 296 
LYS NZ  HZ2  sing N N 297 
LYS NZ  HZ3  sing N N 298 
LYS OXT HXT  sing N N 299 
MET N   CA   sing N N 300 
MET N   H    sing N N 301 
MET N   H2   sing N N 302 
MET CA  C    sing N N 303 
MET CA  CB   sing N N 304 
MET CA  HA   sing N N 305 
MET C   O    doub N N 306 
MET C   OXT  sing N N 307 
MET CB  CG   sing N N 308 
MET CB  HB2  sing N N 309 
MET CB  HB3  sing N N 310 
MET CG  SD   sing N N 311 
MET CG  HG2  sing N N 312 
MET CG  HG3  sing N N 313 
MET SD  CE   sing N N 314 
MET CE  HE1  sing N N 315 
MET CE  HE2  sing N N 316 
MET CE  HE3  sing N N 317 
MET OXT HXT  sing N N 318 
OH  O   HO   sing N N 319 
PHE N   CA   sing N N 320 
PHE N   H    sing N N 321 
PHE N   H2   sing N N 322 
PHE CA  C    sing N N 323 
PHE CA  CB   sing N N 324 
PHE CA  HA   sing N N 325 
PHE C   O    doub N N 326 
PHE C   OXT  sing N N 327 
PHE CB  CG   sing N N 328 
PHE CB  HB2  sing N N 329 
PHE CB  HB3  sing N N 330 
PHE CG  CD1  doub Y N 331 
PHE CG  CD2  sing Y N 332 
PHE CD1 CE1  sing Y N 333 
PHE CD1 HD1  sing N N 334 
PHE CD2 CE2  doub Y N 335 
PHE CD2 HD2  sing N N 336 
PHE CE1 CZ   doub Y N 337 
PHE CE1 HE1  sing N N 338 
PHE CE2 CZ   sing Y N 339 
PHE CE2 HE2  sing N N 340 
PHE CZ  HZ   sing N N 341 
PHE OXT HXT  sing N N 342 
PRO N   CA   sing N N 343 
PRO N   CD   sing N N 344 
PRO N   H    sing N N 345 
PRO CA  C    sing N N 346 
PRO CA  CB   sing N N 347 
PRO CA  HA   sing N N 348 
PRO C   O    doub N N 349 
PRO C   OXT  sing N N 350 
PRO CB  CG   sing N N 351 
PRO CB  HB2  sing N N 352 
PRO CB  HB3  sing N N 353 
PRO CG  CD   sing N N 354 
PRO CG  HG2  sing N N 355 
PRO CG  HG3  sing N N 356 
PRO CD  HD2  sing N N 357 
PRO CD  HD3  sing N N 358 
PRO OXT HXT  sing N N 359 
SER N   CA   sing N N 360 
SER N   H    sing N N 361 
SER N   H2   sing N N 362 
SER CA  C    sing N N 363 
SER CA  CB   sing N N 364 
SER CA  HA   sing N N 365 
SER C   O    doub N N 366 
SER C   OXT  sing N N 367 
SER CB  OG   sing N N 368 
SER CB  HB2  sing N N 369 
SER CB  HB3  sing N N 370 
SER OG  HG   sing N N 371 
SER OXT HXT  sing N N 372 
THR N   CA   sing N N 373 
THR N   H    sing N N 374 
THR N   H2   sing N N 375 
THR CA  C    sing N N 376 
THR CA  CB   sing N N 377 
THR CA  HA   sing N N 378 
THR C   O    doub N N 379 
THR C   OXT  sing N N 380 
THR CB  OG1  sing N N 381 
THR CB  CG2  sing N N 382 
THR CB  HB   sing N N 383 
THR OG1 HG1  sing N N 384 
THR CG2 HG21 sing N N 385 
THR CG2 HG22 sing N N 386 
THR CG2 HG23 sing N N 387 
THR OXT HXT  sing N N 388 
TRP N   CA   sing N N 389 
TRP N   H    sing N N 390 
TRP N   H2   sing N N 391 
TRP CA  C    sing N N 392 
TRP CA  CB   sing N N 393 
TRP CA  HA   sing N N 394 
TRP C   O    doub N N 395 
TRP C   OXT  sing N N 396 
TRP CB  CG   sing N N 397 
TRP CB  HB2  sing N N 398 
TRP CB  HB3  sing N N 399 
TRP CG  CD1  doub Y N 400 
TRP CG  CD2  sing Y N 401 
TRP CD1 NE1  sing Y N 402 
TRP CD1 HD1  sing N N 403 
TRP CD2 CE2  doub Y N 404 
TRP CD2 CE3  sing Y N 405 
TRP NE1 CE2  sing Y N 406 
TRP NE1 HE1  sing N N 407 
TRP CE2 CZ2  sing Y N 408 
TRP CE3 CZ3  doub Y N 409 
TRP CE3 HE3  sing N N 410 
TRP CZ2 CH2  doub Y N 411 
TRP CZ2 HZ2  sing N N 412 
TRP CZ3 CH2  sing Y N 413 
TRP CZ3 HZ3  sing N N 414 
TRP CH2 HH2  sing N N 415 
TRP OXT HXT  sing N N 416 
TYR N   CA   sing N N 417 
TYR N   H    sing N N 418 
TYR N   H2   sing N N 419 
TYR CA  C    sing N N 420 
TYR CA  CB   sing N N 421 
TYR CA  HA   sing N N 422 
TYR C   O    doub N N 423 
TYR C   OXT  sing N N 424 
TYR CB  CG   sing N N 425 
TYR CB  HB2  sing N N 426 
TYR CB  HB3  sing N N 427 
TYR CG  CD1  doub Y N 428 
TYR CG  CD2  sing Y N 429 
TYR CD1 CE1  sing Y N 430 
TYR CD1 HD1  sing N N 431 
TYR CD2 CE2  doub Y N 432 
TYR CD2 HD2  sing N N 433 
TYR CE1 CZ   doub Y N 434 
TYR CE1 HE1  sing N N 435 
TYR CE2 CZ   sing Y N 436 
TYR CE2 HE2  sing N N 437 
TYR CZ  OH   sing N N 438 
TYR OH  HH   sing N N 439 
TYR OXT HXT  sing N N 440 
VAL N   CA   sing N N 441 
VAL N   H    sing N N 442 
VAL N   H2   sing N N 443 
VAL CA  C    sing N N 444 
VAL CA  CB   sing N N 445 
VAL CA  HA   sing N N 446 
VAL C   O    doub N N 447 
VAL C   OXT  sing N N 448 
VAL CB  CG1  sing N N 449 
VAL CB  CG2  sing N N 450 
VAL CB  HB   sing N N 451 
VAL CG1 HG11 sing N N 452 
VAL CG1 HG12 sing N N 453 
VAL CG1 HG13 sing N N 454 
VAL CG2 HG21 sing N N 455 
VAL CG2 HG22 sing N N 456 
VAL CG2 HG23 sing N N 457 
VAL OXT HXT  sing N N 458 
# 
_atom_sites.entry_id                    4C0N 
_atom_sites.fract_transf_matrix[1][1]   -0.00384948 
_atom_sites.fract_transf_matrix[1][2]   0.00712772 
_atom_sites.fract_transf_matrix[1][3]   -0.00029047 
_atom_sites.fract_transf_matrix[2][1]   -0.00354460 
_atom_sites.fract_transf_matrix[2][2]   -0.00219760 
_atom_sites.fract_transf_matrix[2][3]   -0.00695080 
_atom_sites.fract_transf_matrix[3][1]   -0.00619068 
_atom_sites.fract_transf_matrix[3][2]   -0.00317387 
_atom_sites.fract_transf_matrix[3][3]   0.00416044 
_atom_sites.fract_transf_vector[1]      0.710147 
_atom_sites.fract_transf_vector[2]      0.973405 
_atom_sites.fract_transf_vector[3]      0.363603 
# 
loop_
_atom_type.symbol 
C  
CL 
FE 
N  
O  
S  
# 
loop_
_atom_site.group_PDB 
_atom_site.id 
_atom_site.type_symbol 
_atom_site.label_atom_id 
_atom_site.label_alt_id 
_atom_site.label_comp_id 
_atom_site.label_asym_id 
_atom_site.label_entity_id 
_atom_site.label_seq_id 
_atom_site.pdbx_PDB_ins_code 
_atom_site.Cartn_x 
_atom_site.Cartn_y 
_atom_site.Cartn_z 
_atom_site.occupancy 
_atom_site.B_iso_or_equiv 
_atom_site.pdbx_formal_charge 
_atom_site.auth_seq_id 
_atom_site.auth_comp_id 
_atom_site.auth_asym_id 
_atom_site.auth_atom_id 
_atom_site.pdbx_PDB_model_num 
ATOM   1    N  N   . GLN A 1 2   ? 2.677   -21.634 11.246  1.00   40.22 ? 2    GLN A N   1 
ATOM   2    C  CA  . GLN A 1 2   ? 2.040   -21.011 10.038  1.00   37.66 ? 2    GLN A CA  1 
ATOM   3    C  C   . GLN A 1 2   ? 2.746   -19.685 9.666   1.00   32.22 ? 2    GLN A C   1 
ATOM   4    O  O   . GLN A 1 2   ? 2.927   -18.822 10.504  1.00   32.80 ? 2    GLN A O   1 
ATOM   5    C  CB  . GLN A 1 2   ? 0.568   -20.739 10.276  1.00   40.29 ? 2    GLN A CB  1 
ATOM   6    C  CG  . GLN A 1 2   ? -0.207  -20.403 9.020   1.00   41.07 ? 2    GLN A CG  1 
ATOM   7    C  CD  . GLN A 1 2   ? -1.585  -19.831 9.332   1.00   45.86 ? 2    GLN A CD  1 
ATOM   8    O  OE1 . GLN A 1 2   ? -1.834  -19.334 10.438  1.00   52.04 ? 2    GLN A OE1 1 
ATOM   9    N  NE2 . GLN A 1 2   ? -2.486  -19.908 8.364   1.00   42.59 ? 2    GLN A NE2 1 
ATOM   10   N  N   . SER A 1 3   ? 3.103   -19.543 8.397   1.00   29.47 ? 3    SER A N   1 
ATOM   11   C  CA  . SER A 1 3   ? 3.897   -18.386 7.970   1.00   25.20 ? 3    SER A CA  1 
ATOM   12   C  C   . SER A 1 3   ? 3.071   -17.116 7.902   1.00   24.48 ? 3    SER A C   1 
ATOM   13   O  O   . SER A 1 3   ? 1.836   -17.155 7.743   1.00   21.07 ? 3    SER A O   1 
ATOM   14   C  CB  . SER A 1 3   ? 4.536   -18.630 6.611   1.00   23.86 ? 3    SER A CB  1 
ATOM   15   O  OG  . SER A 1 3   ? 3.623   -18.779 5.541   1.00   24.01 ? 3    SER A OG  1 
ATOM   16   N  N   . LEU A 1 4   ? 3.769   -15.984 7.950   1.00   20.89 ? 4    LEU A N   1 
ATOM   17   C  CA  . LEU A 1 4   ? 3.136   -14.693 7.735   1.00   19.24 ? 4    LEU A CA  1 
ATOM   18   C  C   . LEU A 1 4   ? 2.410   -14.642 6.395   1.00   18.56 ? 4    LEU A C   1 
ATOM   19   O  O   . LEU A 1 4   ? 1.281   -14.122 6.316   1.00   19.07 ? 4    LEU A O   1 
ATOM   20   C  CB  . LEU A 1 4   ? 4.206   -13.588 7.797   1.00   19.30 ? 4    LEU A CB  1 
ATOM   21   C  CG  . LEU A 1 4   ? 4.806   -13.329 9.179   1.00   19.93 ? 4    LEU A CG  1 
ATOM   22   C  CD1 . LEU A 1 4   ? 6.100   -12.559 9.013   1.00   20.60 ? 4    LEU A CD1 1 
ATOM   23   C  CD2 . LEU A 1 4   ? 3.827   -12.554 10.043  1.00   20.54 ? 4    LEU A CD2 1 
ATOM   24   N  N   . GLN A 1 5   ? 3.038   -15.127 5.325   1.00   17.03 ? 5    GLN A N   1 
ATOM   25   C  CA  . GLN A 1 5   ? 2.454   -15.030 4.021   1.00   17.99 ? 5    GLN A CA  1 
ATOM   26   C  C   . GLN A 1 5   ? 1.193   -15.925 3.886   1.00   19.20 ? 5    GLN A C   1 
ATOM   27   O  O   . GLN A 1 5   ? 0.230   -15.549 3.235   1.00   18.54 ? 5    GLN A O   1 
ATOM   28   C  CB  . GLN A 1 5   ? 3.424   -15.322 2.875   1.00   19.33 ? 5    GLN A CB  1 
ATOM   29   C  CG  . GLN A 1 5   ? 4.129   -16.670 2.839   1.00   20.16 ? 5    GLN A CG  1 
ATOM   30   C  CD  . GLN A 1 5   ? 5.362   -16.760 3.729   1.00   20.47 ? 5    GLN A CD  1 
ATOM   31   O  OE1 . GLN A 1 5   ? 5.573   -15.956 4.657   1.00   17.98 ? 5    GLN A OE1 1 
ATOM   32   N  NE2 . GLN A 1 5   ? 6.172   -17.775 3.471   1.00   21.31 ? 5    GLN A NE2 1 
ATOM   33   N  N   . ASP A 1 6   ? 1.232   -17.097 4.496   1.00   21.69 ? 6    ASP A N   1 
ATOM   34   C  CA  . ASP A 1 6   ? 0.031   -17.968 4.530   1.00   23.23 ? 6    ASP A CA  1 
ATOM   35   C  C   . ASP A 1 6   ? -1.109  -17.328 5.337   1.00   22.09 ? 6    ASP A C   1 
ATOM   36   O  O   . ASP A 1 6   ? -2.283  -17.386 4.898   1.00   21.88 ? 6    ASP A O   1 
ATOM   37   C  CB  . ASP A 1 6   ? 0.387   -19.348 5.124   1.00   25.30 ? 6    ASP A CB  1 
ATOM   38   C  CG  . ASP A 1 6   ? 1.146   -20.246 4.144   1.00   32.46 ? 6    ASP A CG  1 
ATOM   39   O  OD1 . ASP A 1 6   ? 1.369   -19.893 2.970   1.00   34.07 ? 6    ASP A OD1 1 
ATOM   40   O  OD2 . ASP A 1 6   ? 1.528   -21.376 4.556   1.00   43.51 ? 6    ASP A OD2 1 
ATOM   41   N  N   . LYS A 1 7   ? -0.805  -16.751 6.490   1.00   21.60 ? 7    LYS A N   1 
ATOM   42   C  CA  . LYS A 1 7   ? -1.832  -16.034 7.278   1.00   22.68 ? 7    LYS A CA  1 
ATOM   43   C  C   . LYS A 1 7   ? -2.463  -14.911 6.445   1.00   21.79 ? 7    LYS A C   1 
ATOM   44   O  O   . LYS A 1 7   ? -3.704  -14.756 6.388   1.00   19.53 ? 7    LYS A O   1 
ATOM   45   C  CB  . LYS A 1 7   ? -1.278  -15.450 8.562   1.00   26.56 ? 7    LYS A CB  1 
ATOM   46   C  CG  . LYS A 1 7   ? -0.856  -16.487 9.573   1.00   32.85 ? 7    LYS A CG  1 
ATOM   47   C  CD  . LYS A 1 7   ? -0.360  -15.862 10.867  1.00   38.53 ? 7    LYS A CD  1 
ATOM   48   C  CE  . LYS A 1 7   ? 0.023   -16.926 11.907  1.00   40.06 ? 7    LYS A CE  1 
ATOM   49   N  NZ  . LYS A 1 7   ? 1.097   -16.373 12.774  1.00   44.62 ? 7    LYS A NZ  1 
ATOM   50   N  N   . ALA A 1 8   ? -1.603  -14.139 5.761   1.00   17.80 ? 8    ALA A N   1 
ATOM   51   C  CA  . ALA A 1 8   ? -2.093  -13.086 4.850   1.00   17.38 ? 8    ALA A CA  1 
ATOM   52   C  C   . ALA A 1 8   ? -3.061  -13.638 3.794   1.00   17.01 ? 8    ALA A C   1 
ATOM   53   O  O   . ALA A 1 8   ? -4.095  -12.987 3.482   1.00   17.29 ? 8    ALA A O   1 
ATOM   54   C  CB  . ALA A 1 8   ? -0.925  -12.370 4.170   1.00   16.63 ? 8    ALA A CB  1 
ATOM   55   N  N   . SER A 1 9   ? -2.703  -14.779 3.204   1.00   18.89 ? 9    SER A N   1 
ATOM   56   C  CA  . SER A 1 9   ? -3.465  -15.402 2.141   1.00   19.66 ? 9    SER A CA  1 
ATOM   57   C  C   . SER A 1 9   ? -4.835  -15.855 2.668   1.00   19.59 ? 9    SER A C   1 
ATOM   58   O  O   . SER A 1 9   ? -5.845  -15.607 2.005   1.00   18.09 ? 9    SER A O   1 
ATOM   59   C  CB  . SER A 1 9   ? -2.746  -16.592 1.525   1.00   23.84 ? 9    SER A CB  1 
ATOM   60   O  OG  . SER A 1 9   ? -1.500  -16.199 0.869   1.00   24.81 ? 9    SER A OG  1 
ATOM   61   N  N   . VAL A 1 10  ? -4.834  -16.429 3.856   1.00   20.60 ? 10   VAL A N   1 
ATOM   62   C  CA  . VAL A 1 10  ? -6.087  -16.916 4.487   1.00   22.48 ? 10   VAL A CA  1 
ATOM   63   C  C   . VAL A 1 10  ? -7.004  -15.766 4.844   1.00   21.70 ? 10   VAL A C   1 
ATOM   64   O  O   . VAL A 1 10  ? -8.222  -15.802 4.568   1.00   23.60 ? 10   VAL A O   1 
ATOM   65   C  CB  . VAL A 1 10  ? -5.791  -17.791 5.710   1.00   24.42 ? 10   VAL A CB  1 
ATOM   66   C  CG1 . VAL A 1 10  ? -7.086  -18.174 6.418   1.00   27.43 ? 10   VAL A CG1 1 
ATOM   67   C  CG2 . VAL A 1 10  ? -5.075  -19.058 5.253   1.00   26.80 ? 10   VAL A CG2 1 
ATOM   68   N  N   . LEU A 1 11  ? -6.460  -14.747 5.484   1.00   18.54 ? 11   LEU A N   1 
ATOM   69   C  CA  . LEU A 1 11  ? -7.243  -13.573 5.829   1.00   19.11 ? 11   LEU A CA  1 
ATOM   70   C  C   . LEU A 1 11  ? -7.798  -12.823 4.662   1.00   17.99 ? 11   LEU A C   1 
ATOM   71   O  O   . LEU A 1 11  ? -8.942  -12.355 4.735   1.00   19.31 ? 11   LEU A O   1 
ATOM   72   C  CB  . LEU A 1 11  ? -6.442  -12.622 6.731   1.00   19.81 ? 11   LEU A CB  1 
ATOM   73   C  CG  . LEU A 1 11  ? -6.071  -13.077 8.141   1.00   22.13 ? 11   LEU A CG  1 
ATOM   74   C  CD1 . LEU A 1 11  ? -5.227  -12.054 8.840   1.00   23.80 ? 11   LEU A CD1 1 
ATOM   75   C  CD2 . LEU A 1 11  ? -7.286  -13.323 9.003   1.00   23.31 ? 11   LEU A CD2 1 
ATOM   76   N  N   . SER A 1 12  ? -6.994  -12.643 3.595   1.00   16.89 ? 12   SER A N   1 
ATOM   77   C  CA  . SER A 1 12  ? -7.276  -11.676 2.576   1.00   16.29 ? 12   SER A CA  1 
ATOM   78   C  C   . SER A 1 12  ? -8.070  -12.233 1.365   1.00   16.48 ? 12   SER A C   1 
ATOM   79   O  O   . SER A 1 12  ? -8.597  -11.465 0.580   1.00   15.72 ? 12   SER A O   1 
ATOM   80   C  CB  . SER A 1 12  ? -5.971  -11.106 2.013   1.00   16.57 ? 12   SER A CB  1 
ATOM   81   O  OG  . SER A 1 12  ? -5.242  -12.092 1.283   1.00   17.01 ? 12   SER A OG  1 
ATOM   82   N  N   . GLY A 1 13  ? -8.031  -13.541 1.183   1.00   18.85 ? 13   GLY A N   1 
ATOM   83   C  CA  . GLY A 1 13  ? -8.548  -14.163 -0.022  1.00   20.53 ? 13   GLY A CA  1 
ATOM   84   C  C   . GLY A 1 13  ? -7.596  -14.100 -1.191  1.00   22.89 ? 13   GLY A C   1 
ATOM   85   O  O   . GLY A 1 13  ? -7.946  -14.520 -2.265  1.00   27.59 ? 13   GLY A O   1 
ATOM   86   N  N   . VAL A 1 14  ? -6.396  -13.573 -0.976  1.00   21.44 ? 14   VAL A N   1 
ATOM   87   C  CA  . VAL A 1 14  ? -5.345  -13.463 -2.008  1.00   23.17 ? 14   VAL A CA  1 
ATOM   88   C  C   . VAL A 1 14  ? -4.034  -14.149 -1.518  1.00   22.44 ? 14   VAL A C   1 
ATOM   89   O  O   . VAL A 1 14  ? -3.437  -13.666 -0.526  1.00   30.41 ? 14   VAL A O   1 
ATOM   90   C  CB  . VAL A 1 14  ? -5.014  -11.955 -2.243  1.00   20.51 ? 14   VAL A CB  1 
ATOM   91   C  CG1 . VAL A 1 14  ? -4.129  -11.764 -3.484  1.00   19.80 ? 14   VAL A CG1 1 
ATOM   92   C  CG2 . VAL A 1 14  ? -6.270  -11.111 -2.406  1.00   20.75 ? 14   VAL A CG2 1 
ATOM   93   N  N   . ASP A 1 15  ? -3.487  -15.170 -2.199  1.00   32.84 ? 15   ASP A N   1 
ATOM   94   C  CA  . ASP A 1 15  ? -2.124  -15.682 -1.783  1.00   32.87 ? 15   ASP A CA  1 
ATOM   95   C  C   . ASP A 1 15  ? -0.979  -14.943 -2.419  1.00   31.15 ? 15   ASP A C   1 
ATOM   96   O  O   . ASP A 1 15  ? -1.224  -14.079 -3.288  1.00   33.63 ? 15   ASP A O   1 
ATOM   97   C  CB  . ASP A 1 15  ? -1.949  -17.204 -1.919  1.00   37.55 ? 15   ASP A CB  1 
ATOM   98   C  CG  . ASP A 1 15  ? -1.974  -17.670 -3.330  1.00   40.55 ? 15   ASP A CG  1 
ATOM   99   O  OD1 . ASP A 1 15  ? -1.613  -16.872 -4.214  1.00   43.23 ? 15   ASP A OD1 1 
ATOM   100  O  OD2 . ASP A 1 15  ? -2.344  -18.841 -3.527  1.00   37.23 ? 15   ASP A OD2 1 
ATOM   101  N  N   A GLN A 1 16  ? 0.258   -15.269 -1.988  0.70   27.48 ? 16   GLN A N   1 
ATOM   102  N  N   B GLN A 1 16  ? 0.253   -15.227 -2.000  0.30   28.65 ? 16   GLN A N   1 
ATOM   103  C  CA  A GLN A 1 16  ? 1.435   -14.565 -2.444  0.70   27.40 ? 16   GLN A CA  1 
ATOM   104  C  CA  B GLN A 1 16  ? 1.362   -14.429 -2.466  0.30   27.84 ? 16   GLN A CA  1 
ATOM   105  C  C   A GLN A 1 16  ? 1.512   -14.662 -3.964  0.70   25.40 ? 16   GLN A C   1 
ATOM   106  C  C   B GLN A 1 16  ? 1.733   -14.750 -3.924  0.30   27.52 ? 16   GLN A C   1 
ATOM   107  O  O   A GLN A 1 16  ? 1.767   -13.682 -4.613  0.70   23.79 ? 16   GLN A O   1 
ATOM   108  O  O   B GLN A 1 16  ? 2.528   -14.017 -4.494  0.30   29.46 ? 16   GLN A O   1 
ATOM   109  C  CB  A GLN A 1 16  ? 2.748   -14.973 -1.732  0.70   25.79 ? 16   GLN A CB  1 
ATOM   110  C  CB  B GLN A 1 16  ? 2.557   -14.479 -1.499  0.30   25.89 ? 16   GLN A CB  1 
ATOM   111  C  CG  A GLN A 1 16  ? 3.170   -16.425 -1.758  0.70   26.34 ? 16   GLN A CG  1 
ATOM   112  C  CG  B GLN A 1 16  ? 3.346   -15.757 -1.516  0.30   24.16 ? 16   GLN A CG  1 
ATOM   113  C  CD  A GLN A 1 16  ? 2.642   -17.222 -0.553  0.70   25.65 ? 16   GLN A CD  1 
ATOM   114  C  CD  B GLN A 1 16  ? 3.650   -16.193 -2.915  0.30   22.45 ? 16   GLN A CD  1 
ATOM   115  O  OE1 A GLN A 1 16  ? 1.639   -16.840 0.099   0.70   25.44 ? 16   GLN A OE1 1 
ATOM   116  O  OE1 B GLN A 1 16  ? 3.334   -17.317 -3.285  0.30   22.69 ? 16   GLN A OE1 1 
ATOM   117  N  NE2 A GLN A 1 16  ? 3.297   -18.346 -0.264  0.70   22.58 ? 16   GLN A NE2 1 
ATOM   118  N  NE2 B GLN A 1 16  ? 4.243   -15.304 -3.715  0.30   21.44 ? 16   GLN A NE2 1 
ATOM   119  N  N   . ALA A 1 17  ? 1.163   -15.809 -4.526  1.00   27.83 ? 17   ALA A N   1 
ATOM   120  C  CA  . ALA A 1 17  ? 1.330   -16.015 -6.018  1.00   27.65 ? 17   ALA A CA  1 
ATOM   121  C  C   . ALA A 1 17  ? 0.545   -14.979 -6.813  1.00   25.67 ? 17   ALA A C   1 
ATOM   122  O  O   . ALA A 1 17  ? 1.091   -14.320 -7.697  1.00   25.41 ? 17   ALA A O   1 
ATOM   123  C  CB  . ALA A 1 17  ? 0.947   -17.430 -6.466  1.00   29.54 ? 17   ALA A CB  1 
ATOM   124  N  N   . GLU A 1 18  ? -0.739  -14.814 -6.482  1.00   24.93 ? 18   GLU A N   1 
ATOM   125  C  CA  . GLU A 1 18  ? -1.573  -13.768 -7.071  1.00   23.87 ? 18   GLU A CA  1 
ATOM   126  C  C   . GLU A 1 18  ? -1.096  -12.376 -6.691  1.00   20.32 ? 18   GLU A C   1 
ATOM   127  O  O   . GLU A 1 18  ? -1.069  -11.472 -7.529  1.00   21.43 ? 18   GLU A O   1 
ATOM   128  C  CB  . GLU A 1 18  ? -3.035  -13.856 -6.564  1.00   30.77 ? 18   GLU A CB  1 
ATOM   129  C  CG  . GLU A 1 18  ? -3.994  -14.765 -7.291  1.00   37.24 ? 18   GLU A CG  1 
ATOM   130  C  CD  . GLU A 1 18  ? -5.431  -14.559 -6.785  1.00   39.95 ? 18   GLU A CD  1 
ATOM   131  O  OE1 . GLU A 1 18  ? -5.771  -15.092 -5.700  1.00   38.16 ? 18   GLU A OE1 1 
ATOM   132  O  OE2 . GLU A 1 18  ? -6.204  -13.832 -7.464  1.00   46.03 ? 18   GLU A OE2 1 
ATOM   133  N  N   . ALA A 1 19  ? -0.690  -12.191 -5.442  1.00   20.22 ? 19   ALA A N   1 
ATOM   134  C  CA  . ALA A 1 19  ? -0.259  -10.861 -4.971  1.00   21.21 ? 19   ALA A CA  1 
ATOM   135  C  C   . ALA A 1 19  ? 0.962   -10.389 -5.721  1.00   20.76 ? 19   ALA A C   1 
ATOM   136  O  O   . ALA A 1 19  ? 1.146   -9.185  -5.921  1.00   22.62 ? 19   ALA A O   1 
ATOM   137  C  CB  . ALA A 1 19  ? 0.055   -10.902 -3.480  1.00   22.30 ? 19   ALA A CB  1 
ATOM   138  N  N   . PHE A 1 20  ? 1.799   -11.331 -6.144  1.00   18.99 ? 20   PHE A N   1 
ATOM   139  C  CA  . PHE A 1 20  ? 3.058   -10.947 -6.803  1.00   19.40 ? 20   PHE A CA  1 
ATOM   140  C  C   . PHE A 1 20  ? 3.034   -11.131 -8.314  1.00   18.55 ? 20   PHE A C   1 
ATOM   141  O  O   . PHE A 1 20  ? 4.075   -11.065 -8.948  1.00   17.96 ? 20   PHE A O   1 
ATOM   142  C  CB  . PHE A 1 20  ? 4.272   -11.583 -6.114  1.00   19.12 ? 20   PHE A CB  1 
ATOM   143  C  CG  . PHE A 1 20  ? 4.531   -10.940 -4.781  1.00   18.71 ? 20   PHE A CG  1 
ATOM   144  C  CD1 . PHE A 1 20  ? 3.852   -11.345 -3.647  1.00   20.93 ? 20   PHE A CD1 1 
ATOM   145  C  CD2 . PHE A 1 20  ? 5.328   -9.808  -4.700  1.00   19.90 ? 20   PHE A CD2 1 
ATOM   146  C  CE1 . PHE A 1 20  ? 4.002   -10.664 -2.441  1.00   21.11 ? 20   PHE A CE1 1 
ATOM   147  C  CE2 . PHE A 1 20  ? 5.504   -9.149  -3.488  1.00   19.87 ? 20   PHE A CE2 1 
ATOM   148  C  CZ  . PHE A 1 20  ? 4.859   -9.596  -2.361  1.00   19.83 ? 20   PHE A CZ  1 
ATOM   149  N  N   . ALA A 1 21  ? 1.828   -11.219 -8.873  1.00   19.97 ? 21   ALA A N   1 
ATOM   150  C  CA  . ALA A 1 21  ? 1.640   -11.187 -10.331 1.00   20.90 ? 21   ALA A CA  1 
ATOM   151  C  C   . ALA A 1 21  ? 2.106   -9.835  -10.881 1.00   19.99 ? 21   ALA A C   1 
ATOM   152  O  O   . ALA A 1 21  ? 2.389   -9.715  -12.064 1.00   20.66 ? 21   ALA A O   1 
ATOM   153  C  CB  . ALA A 1 21  ? 0.171   -11.438 -10.695 1.00   23.12 ? 21   ALA A CB  1 
ATOM   154  N  N   . ILE A 1 22  ? 2.198   -8.810  -10.023 1.00   20.26 ? 22   ILE A N   1 
ATOM   155  C  CA  . ILE A 1 22  ? 2.827   -7.552  -10.404 1.00   19.76 ? 22   ILE A CA  1 
ATOM   156  C  C   . ILE A 1 22  ? 4.195   -7.768  -11.045 1.00   18.64 ? 22   ILE A C   1 
ATOM   157  O  O   . ILE A 1 22  ? 4.598   -6.948  -11.879 1.00   21.38 ? 22   ILE A O   1 
ATOM   158  C  CB  . ILE A 1 22  ? 3.001   -6.528  -9.224  1.00   21.67 ? 22   ILE A CB  1 
ATOM   159  C  CG1 . ILE A 1 22  ? 3.700   -7.134  -7.995  1.00   21.64 ? 22   ILE A CG1 1 
ATOM   160  C  CG2 . ILE A 1 22  ? 1.678   -5.892  -8.870  1.00   23.54 ? 22   ILE A CG2 1 
ATOM   161  C  CD1 . ILE A 1 22  ? 4.413   -6.111  -7.106  1.00   23.59 ? 22   ILE A CD1 1 
ATOM   162  N  N   . ASP A 1 23  ? 4.893   -8.833  -10.682 1.00   17.41 ? 23   ASP A N   1 
ATOM   163  C  CA  . ASP A 1 23  ? 6.270   -9.075  -11.152 1.00   18.50 ? 23   ASP A CA  1 
ATOM   164  C  C   . ASP A 1 23  ? 6.312   -9.703  -12.579 1.00   21.13 ? 23   ASP A C   1 
ATOM   165  O  O   . ASP A 1 23  ? 7.394   -9.940  -13.126 1.00   23.43 ? 23   ASP A O   1 
ATOM   166  C  CB  . ASP A 1 23  ? 7.037   -9.964  -10.213 1.00   18.85 ? 23   ASP A CB  1 
ATOM   167  C  CG  . ASP A 1 23  ? 7.438   -9.254  -8.930  1.00   20.48 ? 23   ASP A CG  1 
ATOM   168  O  OD1 . ASP A 1 23  ? 7.634   -8.038  -9.033  1.00   21.56 ? 23   ASP A OD1 1 
ATOM   169  O  OD2 . ASP A 1 23  ? 7.644   -9.902  -7.879  1.00   21.21 ? 23   ASP A OD2 1 
ATOM   170  N  N   . GLU A 1 24  ? 5.161   -9.974  -13.173 1.00   22.22 ? 24   GLU A N   1 
ATOM   171  C  CA  . GLU A 1 24  ? 5.155   -10.645 -14.488 1.00   26.91 ? 24   GLU A CA  1 
ATOM   172  C  C   . GLU A 1 24  ? 5.561   -9.713  -15.628 1.00   29.45 ? 24   GLU A C   1 
ATOM   173  O  O   . GLU A 1 24  ? 6.089   -10.169 -16.652 1.00   31.23 ? 24   GLU A O   1 
ATOM   174  C  CB  . GLU A 1 24  ? 3.756   -11.204 -14.789 1.00   27.28 ? 24   GLU A CB  1 
ATOM   175  C  CG  . GLU A 1 24  ? 3.529   -12.496 -14.029 1.00   29.84 ? 24   GLU A CG  1 
ATOM   176  C  CD  . GLU A 1 24  ? 2.116   -13.069 -14.183 1.00   34.40 ? 24   GLU A CD  1 
ATOM   177  O  OE1 . GLU A 1 24  ? 1.306   -12.492 -14.944 1.00   32.26 ? 24   GLU A OE1 1 
ATOM   178  O  OE2 . GLU A 1 24  ? 1.847   -14.097 -13.510 1.00   36.53 ? 24   GLU A OE2 1 
ATOM   179  N  N   . SER A 1 25  ? 5.277   -8.438  -15.467 1.00   29.28 ? 25   SER A N   1 
ATOM   180  C  CA  . SER A 1 25  ? 5.715   -7.421  -16.407 1.00   33.37 ? 25   SER A CA  1 
ATOM   181  C  C   . SER A 1 25  ? 6.151   -6.171  -15.642 1.00   33.24 ? 25   SER A C   1 
ATOM   182  O  O   . SER A 1 25  ? 5.898   -6.041  -14.451 1.00   29.89 ? 25   SER A O   1 
ATOM   183  C  CB  . SER A 1 25  ? 4.562   -7.009  -17.309 1.00   36.59 ? 25   SER A CB  1 
ATOM   184  O  OG  . SER A 1 25  ? 3.679   -6.205  -16.536 1.00   43.60 ? 25   SER A OG  1 
ATOM   185  N  N   . ASN A 1 26  ? 6.799   -5.239  -16.328 1.00   29.92 ? 26   ASN A N   1 
ATOM   186  C  CA  . ASN A 1 26  ? 7.238   -4.032  -15.638 1.00   28.88 ? 26   ASN A CA  1 
ATOM   187  C  C   . ASN A 1 26  ? 6.156   -2.965  -15.577 1.00   28.76 ? 26   ASN A C   1 
ATOM   188  O  O   . ASN A 1 26  ? 5.847   -2.290  -16.570 1.00   29.32 ? 26   ASN A O   1 
ATOM   189  C  CB  . ASN A 1 26  ? 8.556   -3.533  -16.224 1.00   29.34 ? 26   ASN A CB  1 
ATOM   190  C  CG  . ASN A 1 26  ? 9.201   -2.490  -15.341 1.00   27.23 ? 26   ASN A CG  1 
ATOM   191  O  OD1 . ASN A 1 26  ? 8.560   -1.498  -15.012 1.00   26.04 ? 26   ASN A OD1 1 
ATOM   192  N  ND2 . ASN A 1 26  ? 10.454  -2.701  -14.972 1.00   28.50 ? 26   ASN A ND2 1 
ATOM   193  N  N   . LEU A 1 27  ? 5.526   -2.800  -14.410 1.00   26.21 ? 27   LEU A N   1 
ATOM   194  C  CA  . LEU A 1 27  ? 4.444   -1.819  -14.294 1.00   27.10 ? 27   LEU A CA  1 
ATOM   195  C  C   . LEU A 1 27  ? 4.923   -0.363  -14.308 1.00   26.11 ? 27   LEU A C   1 
ATOM   196  O  O   . LEU A 1 27  ? 4.196   0.514   -14.737 1.00   28.62 ? 27   LEU A O   1 
ATOM   197  C  CB  . LEU A 1 27  ? 3.583   -1.995  -13.046 1.00   28.22 ? 27   LEU A CB  1 
ATOM   198  C  CG  . LEU A 1 27  ? 2.673   -3.217  -13.079 1.00   33.00 ? 27   LEU A CG  1 
ATOM   199  C  CD1 . LEU A 1 27  ? 1.983   -3.344  -11.732 1.00   34.02 ? 27   LEU A CD1 1 
ATOM   200  C  CD2 . LEU A 1 27  ? 1.671   -3.122  -14.232 1.00   33.53 ? 27   LEU A CD2 1 
ATOM   201  N  N   . PHE A 1 28  ? 6.104   -0.107  -13.770 1.00   24.65 ? 28   PHE A N   1 
ATOM   202  C  CA  . PHE A 1 28  ? 6.678   1.246   -13.832 1.00   24.28 ? 28   PHE A CA  1 
ATOM   203  C  C   . PHE A 1 28  ? 6.839   1.677   -15.317 1.00   24.12 ? 28   PHE A C   1 
ATOM   204  O  O   . PHE A 1 28  ? 6.510   2.818   -15.667 1.00   26.00 ? 28   PHE A O   1 
ATOM   205  C  CB  . PHE A 1 28  ? 8.026   1.277   -13.141 1.00   25.69 ? 28   PHE A CB  1 
ATOM   206  C  CG  . PHE A 1 28  ? 8.688   2.603   -13.207 1.00   26.36 ? 28   PHE A CG  1 
ATOM   207  C  CD1 . PHE A 1 28  ? 8.303   3.627   -12.354 1.00   25.12 ? 28   PHE A CD1 1 
ATOM   208  C  CD2 . PHE A 1 28  ? 9.695   2.840   -14.138 1.00   28.09 ? 28   PHE A CD2 1 
ATOM   209  C  CE1 . PHE A 1 28  ? 8.922   4.874   -12.424 1.00   27.17 ? 28   PHE A CE1 1 
ATOM   210  C  CE2 . PHE A 1 28  ? 10.299  4.088   -14.226 1.00   27.34 ? 28   PHE A CE2 1 
ATOM   211  C  CZ  . PHE A 1 28  ? 9.914   5.101   -13.368 1.00   24.27 ? 28   PHE A CZ  1 
ATOM   212  N  N   . ASP A 1 29  ? 7.352   0.774   -16.140 1.00   26.22 ? 29   ASP A N   1 
ATOM   213  C  CA  . ASP A 1 29  ? 7.571   1.041   -17.573 1.00   30.82 ? 29   ASP A CA  1 
ATOM   214  C  C   . ASP A 1 29  ? 6.242   1.335   -18.252 1.00   33.26 ? 29   ASP A C   1 
ATOM   215  O  O   . ASP A 1 29  ? 6.159   2.189   -19.131 1.00   32.76 ? 29   ASP A O   1 
ATOM   216  C  CB  . ASP A 1 29  ? 8.222   -0.143  -18.265 1.00   31.03 ? 29   ASP A CB  1 
ATOM   217  C  CG  . ASP A 1 29  ? 9.674   -0.298  -17.935 1.00   32.80 ? 29   ASP A CG  1 
ATOM   218  O  OD1 . ASP A 1 29  ? 10.271  0.623   -17.358 1.00   32.21 ? 29   ASP A OD1 1 
ATOM   219  O  OD2 . ASP A 1 29  ? 10.225  -1.381  -18.219 1.00   35.86 ? 29   ASP A OD2 1 
ATOM   220  N  N   . LYS A 1 30  ? 5.196   0.618   -17.840 1.00   33.50 ? 30   LYS A N   1 
ATOM   221  C  CA  . LYS A 1 30  ? 3.864   0.763   -18.410 1.00   33.27 ? 30   LYS A CA  1 
ATOM   222  C  C   . LYS A 1 30  ? 3.168   2.028   -17.966 1.00   33.53 ? 30   LYS A C   1 
ATOM   223  O  O   . LYS A 1 30  ? 2.540   2.732   -18.760 1.00   34.93 ? 30   LYS A O   1 
ATOM   224  C  CB  . LYS A 1 30  ? 2.996   -0.472  -18.065 1.00   35.33 ? 30   LYS A CB  1 
ATOM   225  C  CG  . LYS A 1 30  ? 1.624   -0.449  -18.738 1.00   40.57 ? 30   LYS A CG  1 
ATOM   226  C  CD  . LYS A 1 30  ? 0.882   -1.769  -18.601 1.00   41.86 ? 30   LYS A CD  1 
ATOM   227  C  CE  . LYS A 1 30  ? -0.359  -1.743  -19.492 1.00   44.27 ? 30   LYS A CE  1 
ATOM   228  N  NZ  . LYS A 1 30  ? -1.192  -2.968  -19.323 1.00   43.96 ? 30   LYS A NZ  1 
ATOM   229  N  N   . LEU A 1 31  ? 3.247   2.339   -16.684 1.00   28.73 ? 31   LEU A N   1 
ATOM   230  C  CA  . LEU A 1 31  ? 2.454   3.402   -16.131 1.00   27.19 ? 31   LEU A CA  1 
ATOM   231  C  C   . LEU A 1 31  ? 3.191   4.738   -15.970 1.00   27.60 ? 31   LEU A C   1 
ATOM   232  O  O   . LEU A 1 31  ? 2.563   5.773   -15.968 1.00   29.67 ? 31   LEU A O   1 
ATOM   233  C  CB  . LEU A 1 31  ? 1.910   2.991   -14.772 1.00   28.80 ? 31   LEU A CB  1 
ATOM   234  C  CG  . LEU A 1 31  ? 1.042   1.737   -14.705 1.00   29.94 ? 31   LEU A CG  1 
ATOM   235  C  CD1 . LEU A 1 31  ? 0.681   1.457   -13.259 1.00   30.21 ? 31   LEU A CD1 1 
ATOM   236  C  CD2 . LEU A 1 31  ? -0.218  1.933   -15.542 1.00   32.10 ? 31   LEU A CD2 1 
ATOM   237  N  N   . GLY A 1 32  ? 4.490   4.687   -15.713 1.00   29.05 ? 32   GLY A N   1 
ATOM   238  C  CA  . GLY A 1 32  ? 5.255   5.917   -15.453 1.00   27.92 ? 32   GLY A CA  1 
ATOM   239  C  C   . GLY A 1 32  ? 5.200   6.476   -14.045 1.00   27.30 ? 32   GLY A C   1 
ATOM   240  O  O   . GLY A 1 32  ? 4.194   6.383   -13.336 1.00   25.67 ? 32   GLY A O   1 
ATOM   241  N  N   . LEU A 1 33  ? 6.294   7.124   -13.650 1.00   27.30 ? 33   LEU A N   1 
ATOM   242  C  CA  . LEU A 1 33  ? 6.430   7.673   -12.299 1.00   27.95 ? 33   LEU A CA  1 
ATOM   243  C  C   . LEU A 1 33  ? 5.319   8.617   -11.884 1.00   26.95 ? 33   LEU A C   1 
ATOM   244  O  O   . LEU A 1 33  ? 4.811   8.554   -10.760 1.00   25.01 ? 33   LEU A O   1 
ATOM   245  C  CB  . LEU A 1 33  ? 7.790   8.384   -12.167 1.00   32.73 ? 33   LEU A CB  1 
ATOM   246  C  CG  . LEU A 1 33  ? 8.110   9.119   -10.858 1.00   35.44 ? 33   LEU A CG  1 
ATOM   247  C  CD1 . LEU A 1 33  ? 7.960   8.201   -9.661  1.00   35.98 ? 33   LEU A CD1 1 
ATOM   248  C  CD2 . LEU A 1 33  ? 9.545   9.619   -10.933 1.00   38.88 ? 33   LEU A CD2 1 
ATOM   249  N  N   . GLN A 1 34  ? 4.918   9.528   -12.768 1.00   26.92 ? 34   GLN A N   1 
ATOM   250  C  CA  A GLN A 1 34  ? 3.911   10.512  -12.417 0.50   26.53 ? 34   GLN A CA  1 
ATOM   251  C  CA  C GLN A 1 34  ? 3.908   10.515  -12.396 0.50   28.93 ? 34   GLN A CA  1 
ATOM   252  C  C   . GLN A 1 34  ? 2.585   9.848   -11.990 1.00   25.93 ? 34   GLN A C   1 
ATOM   253  O  O   . GLN A 1 34  ? 1.871   10.356  -11.159 1.00   25.56 ? 34   GLN A O   1 
ATOM   254  C  CB  A GLN A 1 34  ? 3.708   11.502  -13.589 0.50   26.74 ? 34   GLN A CB  1 
ATOM   255  C  CB  C GLN A 1 34  ? 3.685   11.560  -13.515 0.50   32.46 ? 34   GLN A CB  1 
ATOM   256  C  CG  A GLN A 1 34  ? 4.934   12.407  -13.847 0.50   24.92 ? 34   GLN A CG  1 
ATOM   257  C  CG  C GLN A 1 34  ? 4.540   12.835  -13.377 0.50   34.16 ? 34   GLN A CG  1 
ATOM   258  C  CD  A GLN A 1 34  ? 5.214   13.386  -12.695 0.50   23.01 ? 34   GLN A CD  1 
ATOM   259  C  CD  C GLN A 1 34  ? 6.041   12.565  -13.338 0.50   34.53 ? 34   GLN A CD  1 
ATOM   260  O  OE1 A GLN A 1 34  ? 4.306   14.012  -12.162 0.50   22.60 ? 34   GLN A OE1 1 
ATOM   261  O  OE1 C GLN A 1 34  ? 6.562   11.739  -14.097 0.50   35.85 ? 34   GLN A OE1 1 
ATOM   262  N  NE2 A GLN A 1 34  ? 6.490   13.499  -12.292 0.50   21.24 ? 34   GLN A NE2 1 
ATOM   263  N  NE2 C GLN A 1 34  ? 6.746   13.272  -12.455 0.50   33.77 ? 34   GLN A NE2 1 
ATOM   264  N  N   . THR A 1 35  ? 2.279   8.714   -12.572 1.00   28.22 ? 35   THR A N   1 
ATOM   265  C  CA  . THR A 1 35  ? 1.036   7.985   -12.238 1.00   28.27 ? 35   THR A CA  1 
ATOM   266  C  C   . THR A 1 35  ? 1.045   7.518   -10.785 1.00   24.87 ? 35   THR A C   1 
ATOM   267  O  O   . THR A 1 35  ? 0.049   7.598   -10.056 1.00   24.04 ? 35   THR A O   1 
ATOM   268  C  CB  . THR A 1 35  ? 0.864   6.798   -13.189 1.00   30.42 ? 35   THR A CB  1 
ATOM   269  O  OG1 . THR A 1 35  ? 0.655   7.290   -14.508 1.00   32.77 ? 35   THR A OG1 1 
ATOM   270  C  CG2 . THR A 1 35  ? -0.312  5.907   -12.794 1.00   30.66 ? 35   THR A CG2 1 
ATOM   271  N  N   . PHE A 1 36  ? 2.210   7.055   -10.354 1.00   24.12 ? 36   PHE A N   1 
ATOM   272  C  CA  . PHE A 1 36  ? 2.385   6.651   -8.954  1.00   23.68 ? 36   PHE A CA  1 
ATOM   273  C  C   . PHE A 1 36  ? 2.281   7.811   -7.990  1.00   21.78 ? 36   PHE A C   1 
ATOM   274  O  O   . PHE A 1 36  ? 1.652   7.736   -6.922  1.00   20.52 ? 36   PHE A O   1 
ATOM   275  C  CB  . PHE A 1 36  ? 3.709   5.902   -8.814  1.00   23.71 ? 36   PHE A CB  1 
ATOM   276  C  CG  . PHE A 1 36  ? 3.725   4.562   -9.460  1.00   23.86 ? 36   PHE A CG  1 
ATOM   277  C  CD1 . PHE A 1 36  ? 3.272   3.439   -8.772  1.00   26.52 ? 36   PHE A CD1 1 
ATOM   278  C  CD2 . PHE A 1 36  ? 4.200   4.396   -10.745 1.00   25.04 ? 36   PHE A CD2 1 
ATOM   279  C  CE1 . PHE A 1 36  ? 3.302   2.192   -9.380  1.00   26.54 ? 36   PHE A CE1 1 
ATOM   280  C  CE2 . PHE A 1 36  ? 4.264   3.151   -11.350 1.00   27.24 ? 36   PHE A CE2 1 
ATOM   281  C  CZ  . PHE A 1 36  ? 3.809   2.042   -10.667 1.00   25.71 ? 36   PHE A CZ  1 
ATOM   282  N  N   . ILE A 1 37  ? 2.906   8.944   -8.336  1.00   23.77 ? 37   ILE A N   1 
ATOM   283  C  CA  . ILE A 1 37  ? 2.818   10.106  -7.474  1.00   21.81 ? 37   ILE A CA  1 
ATOM   284  C  C   . ILE A 1 37  ? 1.347   10.537  -7.307  1.00   21.18 ? 37   ILE A C   1 
ATOM   285  O  O   . ILE A 1 37  ? 0.891   10.886  -6.210  1.00   21.86 ? 37   ILE A O   1 
ATOM   286  C  CB  . ILE A 1 37  ? 3.666   11.275  -8.030  1.00   23.00 ? 37   ILE A CB  1 
ATOM   287  C  CG1 . ILE A 1 37  ? 5.157   10.869  -8.075  1.00   23.50 ? 37   ILE A CG1 1 
ATOM   288  C  CG2 . ILE A 1 37  ? 3.456   12.512  -7.179  1.00   24.98 ? 37   ILE A CG2 1 
ATOM   289  C  CD1 . ILE A 1 37  ? 6.087   11.896  -8.719  1.00   23.61 ? 37   ILE A CD1 1 
ATOM   290  N  N   . ASN A 1 38  ? 0.621   10.503  -8.411  1.00   25.24 ? 38   ASN A N   1 
ATOM   291  C  CA  . ASN A 1 38  ? -0.781  10.926  -8.376  1.00   25.52 ? 38   ASN A CA  1 
ATOM   292  C  C   . ASN A 1 38  ? -1.601  9.989   -7.496  1.00   22.48 ? 38   ASN A C   1 
ATOM   293  O  O   . ASN A 1 38  ? -2.413  10.446  -6.713  1.00   25.56 ? 38   ASN A O   1 
ATOM   294  C  CB  . ASN A 1 38  ? -1.364  11.019  -9.774  1.00   27.36 ? 38   ASN A CB  1 
ATOM   295  C  CG  . ASN A 1 38  ? -0.810  12.194  -10.572 1.00   29.67 ? 38   ASN A CG  1 
ATOM   296  O  OD1 . ASN A 1 38  ? -0.314  13.150  -10.006 1.00   29.08 ? 38   ASN A OD1 1 
ATOM   297  N  ND2 . ASN A 1 38  ? -0.869  12.103  -11.874 1.00   31.38 ? 38   ASN A ND2 1 
ATOM   298  N  N   . LEU A 1 39  ? -1.365  8.688   -7.637  1.00   24.52 ? 39   LEU A N   1 
ATOM   299  C  CA  . LEU A 1 39  ? -2.115  7.699   -6.865  1.00   22.33 ? 39   LEU A CA  1 
ATOM   300  C  C   . LEU A 1 39  ? -1.921  7.886   -5.380  1.00   20.59 ? 39   LEU A C   1 
ATOM   301  O  O   . LEU A 1 39  ? -2.875  7.960   -4.600  1.00   20.67 ? 39   LEU A O   1 
ATOM   302  C  CB  . LEU A 1 39  ? -1.705  6.281   -7.299  1.00   23.39 ? 39   LEU A CB  1 
ATOM   303  C  CG  . LEU A 1 39  ? -2.387  5.163   -6.506  1.00   24.20 ? 39   LEU A CG  1 
ATOM   304  C  CD1 . LEU A 1 39  ? -3.877  5.094   -6.836  1.00   24.31 ? 39   LEU A CD1 1 
ATOM   305  C  CD2 . LEU A 1 39  ? -1.696  3.837   -6.825  1.00   23.47 ? 39   LEU A CD2 1 
ATOM   306  N  N   . SER A 1 40  ? -0.656  8.009   -4.956  1.00   21.74 ? 40   SER A N   1 
ATOM   307  C  CA  . SER A 1 40  ? -0.347  8.195   -3.551  1.00   20.57 ? 40   SER A CA  1 
ATOM   308  C  C   . SER A 1 40  ? -0.863  9.526   -2.987  1.00   20.08 ? 40   SER A C   1 
ATOM   309  O  O   . SER A 1 40  ? -1.271  9.608   -1.844  1.00   21.20 ? 40   SER A O   1 
ATOM   310  C  CB  . SER A 1 40  ? 1.164   8.073   -3.285  1.00   21.29 ? 40   SER A CB  1 
ATOM   311  O  OG  . SER A 1 40  ? 1.626   6.765   -3.549  1.00   19.80 ? 40   SER A OG  1 
ATOM   312  N  N   . THR A 1 41  ? -0.825  10.567  -3.795  1.00   23.87 ? 41   THR A N   1 
ATOM   313  C  CA  . THR A 1 41  ? -1.319  11.876  -3.346  1.00   24.46 ? 41   THR A CA  1 
ATOM   314  C  C   . THR A 1 41  ? -2.833  11.802  -3.115  1.00   23.27 ? 41   THR A C   1 
ATOM   315  O  O   . THR A 1 41  ? -3.335  12.288  -2.131  1.00   25.34 ? 41   THR A O   1 
ATOM   316  C  CB  . THR A 1 41  ? -0.993  12.968  -4.386  1.00   25.83 ? 41   THR A CB  1 
ATOM   317  O  OG1 . THR A 1 41  ? 0.426   12.999  -4.620  1.00   23.56 ? 41   THR A OG1 1 
ATOM   318  C  CG2 . THR A 1 41  ? -1.480  14.345  -3.910  1.00   26.89 ? 41   THR A CG2 1 
ATOM   319  N  N   . ASN A 1 42  ? -3.518  11.148  -4.031  1.00   24.96 ? 42   ASN A N   1 
ATOM   320  C  CA  . ASN A 1 42  ? -4.982  10.958  -3.904  1.00   27.57 ? 42   ASN A CA  1 
ATOM   321  C  C   . ASN A 1 42  ? -5.287  10.132  -2.677  1.00   25.79 ? 42   ASN A C   1 
ATOM   322  O  O   . ASN A 1 42  ? -6.104  10.521  -1.836  1.00   25.74 ? 42   ASN A O   1 
ATOM   323  C  CB  . ASN A 1 42  ? -5.520  10.290  -5.151  1.00   28.44 ? 42   ASN A CB  1 
ATOM   324  C  CG  . ASN A 1 42  ? -7.053  10.121  -5.132  1.00   30.39 ? 42   ASN A CG  1 
ATOM   325  O  OD1 . ASN A 1 42  ? -7.652  9.819   -4.107  1.00   30.82 ? 42   ASN A OD1 1 
ATOM   326  N  ND2 . ASN A 1 42  ? -7.662  10.360  -6.257  1.00   32.94 ? 42   ASN A ND2 1 
ATOM   327  N  N   . PHE A 1 43  ? -4.608  8.977   -2.551  1.00   24.46 ? 43   PHE A N   1 
ATOM   328  C  CA  . PHE A 1 43  ? -4.807  8.107   -1.408  1.00   20.84 ? 43   PHE A CA  1 
ATOM   329  C  C   . PHE A 1 43  ? -4.651  8.853   -0.115  1.00   22.54 ? 43   PHE A C   1 
ATOM   330  O  O   . PHE A 1 43  ? -5.483  8.754   0.789   1.00   22.48 ? 43   PHE A O   1 
ATOM   331  C  CB  . PHE A 1 43  ? -3.790  6.916   -1.470  1.00   22.26 ? 43   PHE A CB  1 
ATOM   332  C  CG  . PHE A 1 43  ? -3.749  6.093   -0.225  1.00   19.96 ? 43   PHE A CG  1 
ATOM   333  C  CD1 . PHE A 1 43  ? -4.716  5.123   0.019   1.00   20.60 ? 43   PHE A CD1 1 
ATOM   334  C  CD2 . PHE A 1 43  ? -2.749  6.244   0.700   1.00   20.74 ? 43   PHE A CD2 1 
ATOM   335  C  CE1 . PHE A 1 43  ? -4.698  4.364   1.175   1.00   20.65 ? 43   PHE A CE1 1 
ATOM   336  C  CE2 . PHE A 1 43  ? -2.713  5.477   1.860   1.00   18.87 ? 43   PHE A CE2 1 
ATOM   337  C  CZ  . PHE A 1 43  ? -3.696  4.534   2.110   1.00   18.28 ? 43   PHE A CZ  1 
ATOM   338  N  N   . TYR A 1 44  ? -3.532  9.593   0.027   1.00   22.80 ? 44   TYR A N   1 
ATOM   339  C  CA  . TYR A 1 44  ? -3.237  10.219  1.299   1.00   21.10 ? 44   TYR A CA  1 
ATOM   340  C  C   . TYR A 1 44  ? -4.114  11.447  1.579   1.00   21.33 ? 44   TYR A C   1 
ATOM   341  O  O   . TYR A 1 44  ? -4.350  11.764  2.715   1.00   21.04 ? 44   TYR A O   1 
ATOM   342  C  CB  . TYR A 1 44  ? -1.730  10.550  1.460   1.00   22.65 ? 44   TYR A CB  1 
ATOM   343  C  CG  . TYR A 1 44  ? -1.001  9.403   2.141   1.00   21.01 ? 44   TYR A CG  1 
ATOM   344  C  CD1 . TYR A 1 44  ? -1.277  9.082   3.453   1.00   22.27 ? 44   TYR A CD1 1 
ATOM   345  C  CD2 . TYR A 1 44  ? -0.048  8.649   1.482   1.00   21.76 ? 44   TYR A CD2 1 
ATOM   346  C  CE1 . TYR A 1 44  ? -0.631  8.054   4.089   1.00   23.43 ? 44   TYR A CE1 1 
ATOM   347  C  CE2 . TYR A 1 44  ? 0.595   7.595   2.132   1.00   21.54 ? 44   TYR A CE2 1 
ATOM   348  C  CZ  . TYR A 1 44  ? 0.290   7.293   3.414   1.00   20.97 ? 44   TYR A CZ  1 
ATOM   349  O  OH  . TYR A 1 44  ? 0.947   6.284   4.120   1.00   24.99 ? 44   TYR A OH  1 
ATOM   350  N  N   . THR A 1 45  ? -4.599  12.076  0.543   1.00   23.96 ? 45   THR A N   1 
ATOM   351  C  CA  . THR A 1 45  ? -5.615  13.119  0.743   1.00   27.25 ? 45   THR A CA  1 
ATOM   352  C  C   . THR A 1 45  ? -6.846  12.531  1.420   1.00   28.07 ? 45   THR A C   1 
ATOM   353  O  O   . THR A 1 45  ? -7.362  13.092  2.405   1.00   29.10 ? 45   THR A O   1 
ATOM   354  C  CB  . THR A 1 45  ? -5.927  13.770  -0.586  1.00   29.27 ? 45   THR A CB  1 
ATOM   355  O  OG1 . THR A 1 45  ? -4.730  14.410  -1.063  1.00   29.96 ? 45   THR A OG1 1 
ATOM   356  C  CG2 . THR A 1 45  ? -7.048  14.795  -0.451  1.00   31.54 ? 45   THR A CG2 1 
ATOM   357  N  N   . ARG A 1 46  ? -7.250  11.340  0.959   1.00   29.02 ? 46   ARG A N   1 
ATOM   358  C  CA  . ARG A 1 46  ? -8.404  10.637  1.553   1.00   27.77 ? 46   ARG A CA  1 
ATOM   359  C  C   . ARG A 1 46  ? -8.132  10.222  2.955   1.00   27.49 ? 46   ARG A C   1 
ATOM   360  O  O   . ARG A 1 46  ? -8.956  10.411  3.849   1.00   27.61 ? 46   ARG A O   1 
ATOM   361  C  CB  . ARG A 1 46  ? -8.814  9.456   0.672   1.00   28.36 ? 46   ARG A CB  1 
ATOM   362  C  CG  . ARG A 1 46  ? -9.279  9.876   -0.694  1.00   30.91 ? 46   ARG A CG  1 
ATOM   363  C  CD  . ARG A 1 46  ? -9.398  8.711   -1.661  1.00   29.76 ? 46   ARG A CD  1 
ATOM   364  N  NE  . ARG A 1 46  ? -10.010 9.098   -2.928  1.00   32.80 ? 46   ARG A NE  1 
ATOM   365  C  CZ  . ARG A 1 46  ? -11.337 9.247   -3.116  1.00   32.50 ? 46   ARG A CZ  1 
ATOM   366  N  NH1 . ARG A 1 46  ? -12.204 9.046   -2.143  1.00   35.75 ? 46   ARG A NH1 1 
ATOM   367  N  NH2 . ARG A 1 46  ? -11.785 9.636   -4.281  1.00   34.81 ? 46   ARG A NH2 1 
ATOM   368  N  N   . VAL A 1 47  ? -6.931  9.690   3.222   1.00   25.17 ? 47   VAL A N   1 
ATOM   369  C  CA  . VAL A 1 47  ? -6.568  9.309   4.563   1.00   24.32 ? 47   VAL A CA  1 
ATOM   370  C  C   . VAL A 1 47  ? -6.644  10.484  5.554   1.00   25.76 ? 47   VAL A C   1 
ATOM   371  O  O   . VAL A 1 47  ? -7.206  10.369  6.653   1.00   27.71 ? 47   VAL A O   1 
ATOM   372  C  CB  . VAL A 1 47  ? -5.132  8.681   4.589   1.00   22.66 ? 47   VAL A CB  1 
ATOM   373  C  CG1 . VAL A 1 47  ? -4.639  8.509   5.997   1.00   21.97 ? 47   VAL A CG1 1 
ATOM   374  C  CG2 . VAL A 1 47  ? -5.122  7.338   3.829   1.00   25.00 ? 47   VAL A CG2 1 
ATOM   375  N  N   . TYR A 1 48  ? -6.015  11.597  5.196   1.00   27.23 ? 48   TYR A N   1 
ATOM   376  C  CA  . TYR A 1 48  ? -5.890  12.695  6.154   1.00   27.67 ? 48   TYR A CA  1 
ATOM   377  C  C   . TYR A 1 48  ? -7.238  13.459  6.317   1.00   30.63 ? 48   TYR A C   1 
ATOM   378  O  O   . TYR A 1 48  ? -7.460  14.062  7.358   1.00   35.34 ? 48   TYR A O   1 
ATOM   379  C  CB  . TYR A 1 48  ? -4.698  13.611  5.785   1.00   28.29 ? 48   TYR A CB  1 
ATOM   380  C  CG  . TYR A 1 48  ? -3.370  13.076  6.293   1.00   27.19 ? 48   TYR A CG  1 
ATOM   381  C  CD1 . TYR A 1 48  ? -2.622  12.181  5.537   1.00   28.44 ? 48   TYR A CD1 1 
ATOM   382  C  CD2 . TYR A 1 48  ? -2.888  13.431  7.542   1.00   30.72 ? 48   TYR A CD2 1 
ATOM   383  C  CE1 . TYR A 1 48  ? -1.432  11.671  6.000   1.00   27.76 ? 48   TYR A CE1 1 
ATOM   384  C  CE2 . TYR A 1 48  ? -1.697  12.917  8.020   1.00   30.16 ? 48   TYR A CE2 1 
ATOM   385  C  CZ  . TYR A 1 48  ? -0.962  12.047  7.228   1.00   28.30 ? 48   TYR A CZ  1 
ATOM   386  O  OH  . TYR A 1 48  ? 0.223   11.548  7.686   1.00   28.55 ? 48   TYR A OH  1 
ATOM   387  N  N   . ASP A 1 49  ? -8.109  13.390  5.311   1.00   34.64 ? 49   ASP A N   1 
ATOM   388  C  CA  . ASP A 1 49  ? -9.515  13.888  5.412   1.00   35.53 ? 49   ASP A CA  1 
ATOM   389  C  C   . ASP A 1 49  ? -10.544 12.926  6.062   1.00   37.77 ? 49   ASP A C   1 
ATOM   390  O  O   . ASP A 1 49  ? -11.731 13.271  6.151   1.00   35.25 ? 49   ASP A O   1 
ATOM   391  C  CB  . ASP A 1 49  ? -10.033 14.217  4.006   1.00   37.05 ? 49   ASP A CB  1 
ATOM   392  C  CG  . ASP A 1 49  ? -9.395  15.449  3.417   1.00   39.34 ? 49   ASP A CG  1 
ATOM   393  O  OD1 . ASP A 1 49  ? -8.614  16.124  4.118   1.00   42.08 ? 49   ASP A OD1 1 
ATOM   394  O  OD2 . ASP A 1 49  ? -9.669  15.727  2.247   1.00   42.01 ? 49   ASP A OD2 1 
ATOM   395  N  N   A ASP A 1 50  ? -10.099 11.742  6.499   0.60   36.07 ? 50   ASP A N   1 
ATOM   396  N  N   B ASP A 1 50  ? -10.099 11.755  6.508   0.40   36.46 ? 50   ASP A N   1 
ATOM   397  C  CA  A ASP A 1 50  ? -10.982 10.691  7.069   0.60   35.10 ? 50   ASP A CA  1 
ATOM   398  C  CA  B ASP A 1 50  ? -11.001 10.729  7.040   0.40   35.94 ? 50   ASP A CA  1 
ATOM   399  C  C   A ASP A 1 50  ? -11.631 11.138  8.388   0.60   36.43 ? 50   ASP A C   1 
ATOM   400  C  C   B ASP A 1 50  ? -11.634 11.142  8.376   0.40   37.27 ? 50   ASP A C   1 
ATOM   401  O  O   A ASP A 1 50  ? -10.937 11.426  9.373   0.60   33.82 ? 50   ASP A O   1 
ATOM   402  O  O   B ASP A 1 50  ? -10.930 11.419  9.354   0.40   35.67 ? 50   ASP A O   1 
ATOM   403  C  CB  A ASP A 1 50  ? -10.175 9.392   7.305   0.60   32.59 ? 50   ASP A CB  1 
ATOM   404  C  CB  B ASP A 1 50  ? -10.238 9.419   7.219   0.40   33.63 ? 50   ASP A CB  1 
ATOM   405  C  CG  A ASP A 1 50  ? -11.058 8.160   7.518   0.60   32.96 ? 50   ASP A CG  1 
ATOM   406  C  CG  B ASP A 1 50  ? -11.153 8.236   7.410   0.40   33.49 ? 50   ASP A CG  1 
ATOM   407  O  OD1 A ASP A 1 50  ? -12.026 8.239   8.320   0.60   27.11 ? 50   ASP A OD1 1 
ATOM   408  O  OD1 B ASP A 1 50  ? -12.364 8.361   7.056   0.40   28.94 ? 50   ASP A OD1 1 
ATOM   409  O  OD2 A ASP A 1 50  ? -10.790 7.111   6.869   0.60   27.16 ? 50   ASP A OD2 1 
ATOM   410  O  OD2 B ASP A 1 50  ? -10.652 7.192   7.906   0.40   27.78 ? 50   ASP A OD2 1 
ATOM   411  N  N   . GLU A 1 51  ? -12.967 11.168  8.405   1.00   40.00 ? 51   GLU A N   1 
ATOM   412  C  CA  . GLU A 1 51  ? -13.736 11.592  9.595   1.00   42.87 ? 51   GLU A CA  1 
ATOM   413  C  C   . GLU A 1 51  ? -13.720 10.575  10.724  1.00   43.93 ? 51   GLU A C   1 
ATOM   414  O  O   . GLU A 1 51  ? -14.046 10.908  11.851  1.00   43.35 ? 51   GLU A O   1 
ATOM   415  C  CB  . GLU A 1 51  ? -15.187 11.934  9.219   0.50   41.61 ? 51   GLU A CB  1 
ATOM   416  C  CG  . GLU A 1 51  ? -15.304 12.858  8.016   0.50   43.04 ? 51   GLU A CG  1 
ATOM   417  C  CD  . GLU A 1 51  ? -16.482 13.803  8.094   0.50   44.22 ? 51   GLU A CD  1 
ATOM   418  O  OE1 . GLU A 1 51  ? -17.637 13.343  8.233   0.50   44.61 ? 51   GLU A OE1 1 
ATOM   419  O  OE2 . GLU A 1 51  ? -16.242 15.020  7.999   0.50   46.10 ? 51   GLU A OE2 1 
ATOM   420  N  N   . GLU A 1 52  ? -13.323 9.340   10.449  1.00   43.48 ? 52   GLU A N   1 
ATOM   421  C  CA  . GLU A 1 52  ? -13.180 8.355   11.509  1.00   43.48 ? 52   GLU A CA  1 
ATOM   422  C  C   . GLU A 1 52  ? -11.879 8.562   12.253  1.00   46.38 ? 52   GLU A C   1 
ATOM   423  O  O   . GLU A 1 52  ? -10.815 8.188   11.762  1.00   47.75 ? 52   GLU A O   1 
ATOM   424  C  CB  . GLU A 1 52  ? -13.235 6.931   10.936  1.00   47.38 ? 52   GLU A CB  1 
ATOM   425  C  CG  . GLU A 1 52  ? -14.546 6.553   10.250  1.00   51.08 ? 52   GLU A CG  1 
ATOM   426  C  CD  . GLU A 1 52  ? -15.752 6.665   11.169  1.00   53.64 ? 52   GLU A CD  1 
ATOM   427  O  OE1 . GLU A 1 52  ? -15.706 6.173   12.320  1.00   51.55 ? 52   GLU A OE1 1 
ATOM   428  O  OE2 . GLU A 1 52  ? -16.745 7.274   10.740  1.00   60.13 ? 52   GLU A OE2 1 
ATOM   429  N  N   . GLU A 1 53  ? -11.966 9.133   13.451  1.00   43.17 ? 53   GLU A N   1 
ATOM   430  C  CA  . GLU A 1 53  ? -10.793 9.426   14.269  1.00   43.23 ? 53   GLU A CA  1 
ATOM   431  C  C   . GLU A 1 53  ? -9.937  8.201   14.579  1.00   41.94 ? 53   GLU A C   1 
ATOM   432  O  O   . GLU A 1 53  ? -8.718  8.319   14.692  1.00   39.05 ? 53   GLU A O   1 
ATOM   433  C  CB  . GLU A 1 53  ? -11.210 10.118  15.583  1.00   43.19 ? 53   GLU A CB  1 
ATOM   434  C  CG  . GLU A 1 53  ? -10.075 10.359  16.574  1.00   43.31 ? 53   GLU A CG  1 
ATOM   435  C  CD  . GLU A 1 53  ? -9.609  9.598   17.466  0.0000 51.60 ? 53   GLU A CD  1 
ATOM   436  O  OE1 . GLU A 1 53  ? -10.115 8.459   17.625  0.0000 53.13 ? 53   GLU A OE1 1 
ATOM   437  O  OE2 . GLU A 1 53  ? -8.599  9.979   18.136  0.0000 50.78 ? 53   GLU A OE2 1 
ATOM   438  N  N   . TRP A 1 54  ? -10.559 7.027   14.737  1.00   38.51 ? 54   TRP A N   1 
ATOM   439  C  CA  . TRP A 1 54  ? -9.805  5.830   15.114  1.00   36.22 ? 54   TRP A CA  1 
ATOM   440  C  C   . TRP A 1 54  ? -8.750  5.506   14.022  1.00   32.95 ? 54   TRP A C   1 
ATOM   441  O  O   . TRP A 1 54  ? -7.671  5.010   14.359  1.00   34.96 ? 54   TRP A O   1 
ATOM   442  C  CB  . TRP A 1 54  ? -10.725 4.618   15.390  1.00   35.98 ? 54   TRP A CB  1 
ATOM   443  C  CG  . TRP A 1 54  ? -11.388 4.136   14.175  1.00   34.95 ? 54   TRP A CG  1 
ATOM   444  C  CD1 . TRP A 1 54  ? -12.591 4.529   13.684  1.00   32.93 ? 54   TRP A CD1 1 
ATOM   445  C  CD2 . TRP A 1 54  ? -10.868 3.163   13.258  1.00   35.99 ? 54   TRP A CD2 1 
ATOM   446  N  NE1 . TRP A 1 54  ? -12.858 3.870   12.509  1.00   34.15 ? 54   TRP A NE1 1 
ATOM   447  C  CE2 . TRP A 1 54  ? -11.817 3.014   12.230  1.00   31.91 ? 54   TRP A CE2 1 
ATOM   448  C  CE3 . TRP A 1 54  ? -9.697  2.391   13.226  1.00   33.39 ? 54   TRP A CE3 1 
ATOM   449  C  CZ2 . TRP A 1 54  ? -11.630 2.139   11.159  1.00   34.81 ? 54   TRP A CZ2 1 
ATOM   450  C  CZ3 . TRP A 1 54  ? -9.505  1.514   12.150  1.00   32.85 ? 54   TRP A CZ3 1 
ATOM   451  C  CH2 . TRP A 1 54  ? -10.458 1.410   11.127  1.00   31.52 ? 54   TRP A CH2 1 
ATOM   452  N  N   . PHE A 1 55  ? -9.083  5.825   12.771  1.00   31.26 ? 55   PHE A N   1 
ATOM   453  C  CA  . PHE A 1 55  ? -8.193  5.616   11.603  1.00   31.48 ? 55   PHE A CA  1 
ATOM   454  C  C   . PHE A 1 55  ? -7.293  6.823   11.298  1.00   32.92 ? 55   PHE A C   1 
ATOM   455  O  O   . PHE A 1 55  ? -6.085  6.677   11.160  1.00   32.20 ? 55   PHE A O   1 
ATOM   456  C  CB  . PHE A 1 55  ? -8.973  5.283   10.338  1.00   29.62 ? 55   PHE A CB  1 
ATOM   457  C  CG  . PHE A 1 55  ? -8.097  4.790   9.200   1.00   27.71 ? 55   PHE A CG  1 
ATOM   458  C  CD1 . PHE A 1 55  ? -7.577  3.516   9.214   1.00   27.81 ? 55   PHE A CD1 1 
ATOM   459  C  CD2 . PHE A 1 55  ? -7.790  5.619   8.131   1.00   28.87 ? 55   PHE A CD2 1 
ATOM   460  C  CE1 . PHE A 1 55  ? -6.749  3.072   8.159   1.00   26.72 ? 55   PHE A CE1 1 
ATOM   461  C  CE2 . PHE A 1 55  ? -6.965  5.204   7.100   1.00   28.68 ? 55   PHE A CE2 1 
ATOM   462  C  CZ  . PHE A 1 55  ? -6.474  3.917   7.099   1.00   27.60 ? 55   PHE A CZ  1 
ATOM   463  N  N   . GLN A 1 56  ? -7.894  7.994   11.139  1.00   36.83 ? 56   GLN A N   1 
ATOM   464  C  CA  . GLN A 1 56  ? -7.158  9.258   11.006  1.00   38.70 ? 56   GLN A CA  1 
ATOM   465  C  C   . GLN A 1 56  ? -5.986  9.360   11.955  1.00   38.90 ? 56   GLN A C   1 
ATOM   466  O  O   . GLN A 1 56  ? -4.865  9.704   11.555  1.00   36.27 ? 56   GLN A O   1 
ATOM   467  C  CB  . GLN A 1 56  ? -8.075  10.434  11.349  1.00   45.90 ? 56   GLN A CB  1 
ATOM   468  C  CG  . GLN A 1 56  ? -7.337  11.778  11.476  1.00   50.11 ? 56   GLN A CG  1 
ATOM   469  C  CD  . GLN A 1 56  ? -7.059  12.339  10.117  1.00   53.22 ? 56   GLN A CD  1 
ATOM   470  O  OE1 . GLN A 1 56  ? -7.488  11.761  9.120   1.00   56.84 ? 56   GLN A OE1 1 
ATOM   471  N  NE2 . GLN A 1 56  ? -6.346  13.461  10.054  1.00   53.75 ? 56   GLN A NE2 1 
ATOM   472  N  N   . SER A 1 57  ? -6.262  9.134   13.232  1.00   35.52 ? 57   SER A N   1 
ATOM   473  C  CA  . SER A 1 57  ? -5.272  9.402   14.256  1.00   37.62 ? 57   SER A CA  1 
ATOM   474  C  C   . SER A 1 57  ? -4.085  8.439   14.222  1.00   34.75 ? 57   SER A C   1 
ATOM   475  O  O   . SER A 1 57  ? -3.064  8.707   14.823  1.00   33.20 ? 57   SER A O   1 
ATOM   476  C  CB  . SER A 1 57  ? -5.912  9.373   15.643  1.00   40.10 ? 57   SER A CB  1 
ATOM   477  O  OG  . SER A 1 57  ? -6.280  8.063   16.027  1.00   42.00 ? 57   SER A OG  1 
ATOM   478  N  N   . ILE A 1 58  ? -4.225  7.296   13.552  1.00   32.04 ? 58   ILE A N   1 
ATOM   479  C  CA  . ILE A 1 58  ? -3.069  6.425   13.316  1.00   28.19 ? 58   ILE A CA  1 
ATOM   480  C  C   . ILE A 1 58  ? -1.915  7.203   12.610  1.00   26.68 ? 58   ILE A C   1 
ATOM   481  O  O   . ILE A 1 58  ? -0.755  6.955   12.870  1.00   28.33 ? 58   ILE A O   1 
ATOM   482  C  CB  . ILE A 1 58  ? -3.477  5.185   12.477  1.00   29.58 ? 58   ILE A CB  1 
ATOM   483  C  CG1 . ILE A 1 58  ? -4.517  4.341   13.246  1.00   29.32 ? 58   ILE A CG1 1 
ATOM   484  C  CG2 . ILE A 1 58  ? -2.253  4.305   12.193  1.00   28.81 ? 58   ILE A CG2 1 
ATOM   485  C  CD1 . ILE A 1 58  ? -5.141  3.237   12.412  1.00   31.24 ? 58   ILE A CD1 1 
ATOM   486  N  N   . PHE A 1 59  ? -2.265  8.127   11.731  1.00   28.10 ? 59   PHE A N   1 
ATOM   487  C  CA  . PHE A 1 59  ? -1.316  8.906   10.922  1.00   31.16 ? 59   PHE A CA  1 
ATOM   488  C  C   . PHE A 1 59  ? -0.908  10.281  11.527  1.00   38.86 ? 59   PHE A C   1 
ATOM   489  O  O   . PHE A 1 59  ? -0.247  11.081  10.847  1.00   38.29 ? 59   PHE A O   1 
ATOM   490  C  CB  . PHE A 1 59  ? -1.974  9.147   9.574   1.00   29.52 ? 59   PHE A CB  1 
ATOM   491  C  CG  . PHE A 1 59  ? -2.204  7.863   8.796   1.00   28.94 ? 59   PHE A CG  1 
ATOM   492  C  CD1 . PHE A 1 59  ? -3.347  7.099   9.002   1.00   28.13 ? 59   PHE A CD1 1 
ATOM   493  C  CD2 . PHE A 1 59  ? -1.236  7.397   7.909   1.00   27.84 ? 59   PHE A CD2 1 
ATOM   494  C  CE1 . PHE A 1 59  ? -3.535  5.895   8.328   1.00   27.74 ? 59   PHE A CE1 1 
ATOM   495  C  CE2 . PHE A 1 59  ? -1.431  6.204   7.213   1.00   27.65 ? 59   PHE A CE2 1 
ATOM   496  C  CZ  . PHE A 1 59  ? -2.572  5.451   7.423   1.00   27.95 ? 59   PHE A CZ  1 
ATOM   497  N  N   . SER A 1 60  ? -1.281  10.550  12.784  1.00   43.10 ? 60   SER A N   1 
ATOM   498  C  CA  A SER A 1 60  ? -1.073  11.873  13.432  0.60   43.26 ? 60   SER A CA  1 
ATOM   499  C  CA  B SER A 1 60  ? -1.077  11.899  13.352  0.40   42.90 ? 60   SER A CA  1 
ATOM   500  C  C   . SER A 1 60  ? 0.386   12.238  13.682  1.00   44.29 ? 60   SER A C   1 
ATOM   501  O  O   . SER A 1 60  ? 0.749   13.408  13.708  1.00   47.41 ? 60   SER A O   1 
ATOM   502  C  CB  A SER A 1 60  ? -1.824  11.924  14.769  0.60   42.97 ? 60   SER A CB  1 
ATOM   503  C  CB  B SER A 1 60  ? -2.006  12.135  14.554  0.40   42.65 ? 60   SER A CB  1 
ATOM   504  O  OG  A SER A 1 60  ? -1.213  11.086  15.728  0.60   39.64 ? 60   SER A OG  1 
ATOM   505  O  OG  B SER A 1 60  ? -3.331  12.408  14.104  0.40   38.19 ? 60   SER A OG  1 
ATOM   506  N  N   . ASN A 1 61  ? 1.232   11.242  13.905  1.00   43.95 ? 61   ASN A N   1 
ATOM   507  C  CA  . ASN A 1 61  ? 2.662   11.512  14.050  1.00   46.96 ? 61   ASN A CA  1 
ATOM   508  C  C   . ASN A 1 61  ? 3.419   11.549  12.727  1.00   41.25 ? 61   ASN A C   1 
ATOM   509  O  O   . ASN A 1 61  ? 4.655   11.551  12.719  1.00   44.06 ? 61   ASN A O   1 
ATOM   510  C  CB  . ASN A 1 61  ? 3.304   10.507  14.995  1.00   50.26 ? 61   ASN A CB  1 
ATOM   511  C  CG  . ASN A 1 61  ? 2.909   10.744  16.430  1.00   55.47 ? 61   ASN A CG  1 
ATOM   512  O  OD1 . ASN A 1 61  ? 2.765   11.889  16.862  1.00   61.23 ? 61   ASN A OD1 1 
ATOM   513  N  ND2 . ASN A 1 61  ? 2.725   9.670   17.177  1.00   56.71 ? 61   ASN A ND2 1 
ATOM   514  N  N   . SER A 1 62  ? 2.694   11.604  11.611  1.00   36.66 ? 62   SER A N   1 
ATOM   515  C  CA  A SER A 1 62  ? 3.285   11.563  10.292  0.50   33.20 ? 62   SER A CA  1 
ATOM   516  C  CA  B SER A 1 62  ? 3.345   11.617  10.307  0.50   34.96 ? 62   SER A CA  1 
ATOM   517  C  C   . SER A 1 62  ? 2.894   12.800  9.498   1.00   31.90 ? 62   SER A C   1 
ATOM   518  O  O   . SER A 1 62  ? 1.735   13.184  9.498   1.00   31.75 ? 62   SER A O   1 
ATOM   519  C  CB  A SER A 1 62  ? 2.767   10.302  9.576   0.50   32.81 ? 62   SER A CB  1 
ATOM   520  C  CB  B SER A 1 62  ? 3.093   10.314  9.526   0.50   37.22 ? 62   SER A CB  1 
ATOM   521  O  OG  A SER A 1 62  ? 2.536   9.245   10.509  0.50   30.24 ? 62   SER A OG  1 
ATOM   522  O  OG  B SER A 1 62  ? 4.141   9.372   9.749   0.50   38.50 ? 62   SER A OG  1 
ATOM   523  N  N   . ASN A 1 63  ? 3.838   13.388  8.794   1.00   31.06 ? 63   ASN A N   1 
ATOM   524  C  CA  . ASN A 1 63  ? 3.541   14.468  7.895   1.00   28.77 ? 63   ASN A CA  1 
ATOM   525  C  C   . ASN A 1 63  ? 2.975   13.893  6.598   1.00   27.91 ? 63   ASN A C   1 
ATOM   526  O  O   . ASN A 1 63  ? 3.544   12.959  6.044   1.00   27.58 ? 63   ASN A O   1 
ATOM   527  C  CB  . ASN A 1 63  ? 4.828   15.244  7.641   1.00   32.64 ? 63   ASN A CB  1 
ATOM   528  C  CG  . ASN A 1 63  ? 4.700   16.230  6.529   1.00   34.83 ? 63   ASN A CG  1 
ATOM   529  O  OD1 . ASN A 1 63  ? 4.882   15.889  5.379   1.00   32.78 ? 63   ASN A OD1 1 
ATOM   530  N  ND2 . ASN A 1 63  ? 4.406   17.479  6.863   1.00   40.51 ? 63   ASN A ND2 1 
ATOM   531  N  N   . LYS A 1 64  ? 1.894   14.461  6.093   1.00   26.77 ? 64   LYS A N   1 
ATOM   532  C  CA  . LYS A 1 64  ? 1.244   13.962  4.878   1.00   26.53 ? 64   LYS A CA  1 
ATOM   533  C  C   . LYS A 1 64  ? 2.150   13.913  3.658   1.00   26.92 ? 64   LYS A C   1 
ATOM   534  O  O   . LYS A 1 64  ? 2.127   12.948  2.900   1.00   23.37 ? 64   LYS A O   1 
ATOM   535  C  CB  . LYS A 1 64  ? -0.008  14.800  4.579   1.00   28.72 ? 64   LYS A CB  1 
ATOM   536  C  CG  . LYS A 1 64  ? -0.759  14.449  3.320   1.00   30.91 ? 64   LYS A CG  1 
ATOM   537  C  CD  . LYS A 1 64  ? -2.031  15.288  3.151   1.00   32.53 ? 64   LYS A CD  1 
ATOM   538  C  CE  . LYS A 1 64  ? -2.458  15.289  1.705   1.00   35.20 ? 64   LYS A CE  1 
ATOM   539  N  NZ  . LYS A 1 64  ? -3.594  16.193  1.377   1.00   36.96 ? 64   LYS A NZ  1 
ATOM   540  N  N   . GLU A 1 65  ? 2.928   14.990  3.442   1.00   26.34 ? 65   GLU A N   1 
ATOM   541  C  CA  . GLU A 1 65  ? 3.775   15.097  2.258   1.00   26.26 ? 65   GLU A CA  1 
ATOM   542  C  C   . GLU A 1 65  ? 4.887   14.046  2.313   1.00   21.21 ? 65   GLU A C   1 
ATOM   543  O  O   . GLU A 1 65  ? 5.273   13.493  1.272   1.00   22.87 ? 65   GLU A O   1 
ATOM   544  C  CB  . GLU A 1 65  ? 4.368   16.535  2.145   1.00   30.30 ? 65   GLU A CB  1 
ATOM   545  C  CG  . GLU A 1 65  ? 3.336   17.536  1.623   1.00   36.16 ? 65   GLU A CG  1 
ATOM   546  C  CD  . GLU A 1 65  ? 2.234   17.851  2.632   1.00   41.83 ? 65   GLU A CD  1 
ATOM   547  O  OE1 . GLU A 1 65  ? 2.538   17.948  3.865   1.00   44.96 ? 65   GLU A OE1 1 
ATOM   548  O  OE2 . GLU A 1 65  ? 1.059   17.987  2.195   1.00   48.40 ? 65   GLU A OE2 1 
ATOM   549  N  N   . ASP A 1 66  ? 5.437   13.820  3.502   1.00   20.83 ? 66   ASP A N   1 
ATOM   550  C  CA  . ASP A 1 66  ? 6.491   12.804  3.704   1.00   22.61 ? 66   ASP A CA  1 
ATOM   551  C  C   . ASP A 1 66  ? 5.925   11.398  3.483   1.00   21.33 ? 66   ASP A C   1 
ATOM   552  O  O   . ASP A 1 66  ? 6.565   10.560  2.875   1.00   18.73 ? 66   ASP A O   1 
ATOM   553  C  CB  . ASP A 1 66  ? 7.053   12.850  5.119   1.00   24.30 ? 66   ASP A CB  1 
ATOM   554  C  CG  . ASP A 1 66  ? 7.831   14.142  5.398   1.00   30.22 ? 66   ASP A CG  1 
ATOM   555  O  OD1 . ASP A 1 66  ? 8.202   14.813  4.411   1.00   30.98 ? 66   ASP A OD1 1 
ATOM   556  O  OD2 . ASP A 1 66  ? 8.034   14.442  6.590   1.00   30.06 ? 66   ASP A OD2 1 
ATOM   557  N  N   . ALA A 1 67  ? 4.708   11.184  3.969   1.00   21.19 ? 67   ALA A N   1 
ATOM   558  C  CA  . ALA A 1 67  ? 4.031   9.873   3.781   1.00   21.02 ? 67   ALA A CA  1 
ATOM   559  C  C   . ALA A 1 67  ? 3.770   9.598   2.321   1.00   19.61 ? 67   ALA A C   1 
ATOM   560  O  O   . ALA A 1 67  ? 4.016   8.477   1.855   1.00   18.95 ? 67   ALA A O   1 
ATOM   561  C  CB  . ALA A 1 67  ? 2.742   9.802   4.614   1.00   20.89 ? 67   ALA A CB  1 
ATOM   562  N  N   . ILE A 1 68  ? 3.291   10.599  1.565   1.00   18.43 ? 68   ILE A N   1 
ATOM   563  C  CA  . ILE A 1 68  ? 3.096   10.461  0.120   1.00   20.01 ? 68   ILE A CA  1 
ATOM   564  C  C   . ILE A 1 68  ? 4.399   10.035  -0.581  1.00   18.37 ? 68   ILE A C   1 
ATOM   565  O  O   . ILE A 1 68  ? 4.426   9.081   -1.390  1.00   17.85 ? 68   ILE A O   1 
ATOM   566  C  CB  . ILE A 1 68  ? 2.576   11.762  -0.510  1.00   20.07 ? 68   ILE A CB  1 
ATOM   567  C  CG1 . ILE A 1 68  ? 1.121   12.024  -0.047  1.00   23.22 ? 68   ILE A CG1 1 
ATOM   568  C  CG2 . ILE A 1 68  ? 2.695   11.738  -2.025  1.00   20.59 ? 68   ILE A CG2 1 
ATOM   569  C  CD1 . ILE A 1 68  ? 0.657   13.457  -0.348  1.00   23.44 ? 68   ILE A CD1 1 
ATOM   570  N  N   . GLN A 1 69  ? 5.483   10.713  -0.224  1.00   18.91 ? 69   GLN A N   1 
ATOM   571  C  CA  . GLN A 1 69  ? 6.793   10.386  -0.801  1.00   16.79 ? 69   GLN A CA  1 
ATOM   572  C  C   . GLN A 1 69  ? 7.253   8.958   -0.464  1.00   17.43 ? 69   GLN A C   1 
ATOM   573  O  O   . GLN A 1 69  ? 7.742   8.239   -1.351  1.00   19.09 ? 69   GLN A O   1 
ATOM   574  C  CB  . GLN A 1 69  ? 7.872   11.384  -0.314  1.00   18.71 ? 69   GLN A CB  1 
ATOM   575  C  CG  . GLN A 1 69  ? 9.123   11.260  -1.131  1.00   18.14 ? 69   GLN A CG  1 
ATOM   576  C  CD  . GLN A 1 69  ? 10.238  12.226  -0.701  1.00   18.91 ? 69   GLN A CD  1 
ATOM   577  O  OE1 . GLN A 1 69  ? 10.006  13.149  0.078   1.00   18.99 ? 69   GLN A OE1 1 
ATOM   578  N  NE2 . GLN A 1 69  ? 11.416  12.025  -1.250  1.00   18.25 ? 69   GLN A NE2 1 
ATOM   579  N  N   . ASN A 1 70  ? 7.133   8.562   0.804   1.00   16.70 ? 70   ASN A N   1 
ATOM   580  C  CA  . ASN A 1 70  ? 7.501   7.200   1.203   1.00   16.65 ? 70   ASN A CA  1 
ATOM   581  C  C   . ASN A 1 70  ? 6.712   6.181   0.415   1.00   17.73 ? 70   ASN A C   1 
ATOM   582  O  O   . ASN A 1 70  ? 7.273   5.212   -0.099  1.00   16.58 ? 70   ASN A O   1 
ATOM   583  C  CB  . ASN A 1 70  ? 7.318   7.008   2.696   1.00   16.96 ? 70   ASN A CB  1 
ATOM   584  C  CG  . ASN A 1 70  ? 8.247   7.880   3.531   1.00   18.13 ? 70   ASN A CG  1 
ATOM   585  O  OD1 . ASN A 1 70  ? 9.338   8.256   3.111   1.00   19.25 ? 70   ASN A OD1 1 
ATOM   586  N  ND2 . ASN A 1 70  ? 7.818   8.166   4.740   1.00   18.21 ? 70   ASN A ND2 1 
ATOM   587  N  N   . GLN A 1 71  ? 5.405   6.407   0.250   1.00   17.45 ? 71   GLN A N   1 
ATOM   588  C  CA  . GLN A 1 71  ? 4.584   5.409   -0.426  1.00   17.88 ? 71   GLN A CA  1 
ATOM   589  C  C   . GLN A 1 71  ? 4.917   5.249   -1.893  1.00   17.45 ? 71   GLN A C   1 
ATOM   590  O  O   . GLN A 1 71  ? 5.172   4.139   -2.374  1.00   17.67 ? 71   GLN A O   1 
ATOM   591  C  CB  . GLN A 1 71  ? 3.086   5.702   -0.229  1.00   19.28 ? 71   GLN A CB  1 
ATOM   592  C  CG  . GLN A 1 71  ? 2.227   4.592   -0.864  1.00   19.25 ? 71   GLN A CG  1 
ATOM   593  C  CD  . GLN A 1 71  ? 0.746   4.899   -0.779  1.00   20.15 ? 71   GLN A CD  1 
ATOM   594  O  OE1 . GLN A 1 71  ? 0.178   5.476   -1.697  1.00   19.83 ? 71   GLN A OE1 1 
ATOM   595  N  NE2 . GLN A 1 71  ? 0.125   4.461   0.302   1.00   20.93 ? 71   GLN A NE2 1 
ATOM   596  N  N   . TYR A 1 72  ? 4.926   6.358   -2.656  1.00   17.03 ? 72   TYR A N   1 
ATOM   597  C  CA  . TYR A 1 72  ? 5.162   6.211   -4.080  1.00   17.08 ? 72   TYR A CA  1 
ATOM   598  C  C   . TYR A 1 72  ? 6.584   5.791   -4.375  1.00   15.98 ? 72   TYR A C   1 
ATOM   599  O  O   . TYR A 1 72  ? 6.840   5.062   -5.337  1.00   15.34 ? 72   TYR A O   1 
ATOM   600  C  CB  . TYR A 1 72  ? 4.715   7.400   -4.948  1.00   19.20 ? 72   TYR A CB  1 
ATOM   601  C  CG  . TYR A 1 72  ? 5.562   8.671   -4.883  1.00   18.41 ? 72   TYR A CG  1 
ATOM   602  C  CD1 . TYR A 1 72  ? 6.831   8.711   -5.439  1.00   21.85 ? 72   TYR A CD1 1 
ATOM   603  C  CD2 . TYR A 1 72  ? 5.064   9.822   -4.313  1.00   20.47 ? 72   TYR A CD2 1 
ATOM   604  C  CE1 . TYR A 1 72  ? 7.588   9.889   -5.405  1.00   20.87 ? 72   TYR A CE1 1 
ATOM   605  C  CE2 . TYR A 1 72  ? 5.824   10.982  -4.221  1.00   21.41 ? 72   TYR A CE2 1 
ATOM   606  C  CZ  . TYR A 1 72  ? 7.093   11.001  -4.791  1.00   21.72 ? 72   TYR A CZ  1 
ATOM   607  O  OH  . TYR A 1 72  ? 7.873   12.149  -4.737  1.00   21.29 ? 72   TYR A OH  1 
ATOM   608  N  N   . GLU A 1 73  ? 7.516   6.167   -3.518  1.00   16.34 ? 73   GLU A N   1 
ATOM   609  C  CA  . GLU A 1 73  ? 8.894   5.720   -3.771  1.00   16.51 ? 73   GLU A CA  1 
ATOM   610  C  C   . GLU A 1 73  ? 9.011   4.193   -3.538  1.00   16.02 ? 73   GLU A C   1 
ATOM   611  O  O   . GLU A 1 73  ? 9.677   3.512   -4.294  1.00   17.25 ? 73   GLU A O   1 
ATOM   612  C  CB  . GLU A 1 73  ? 9.918   6.481   -2.923  1.00   17.20 ? 73   GLU A CB  1 
ATOM   613  C  CG  . GLU A 1 73  ? 10.148  7.885   -3.454  1.00   18.83 ? 73   GLU A CG  1 
ATOM   614  C  CD  . GLU A 1 73  ? 11.300  8.619   -2.791  1.00   19.47 ? 73   GLU A CD  1 
ATOM   615  O  OE1 . GLU A 1 73  ? 11.912  8.040   -1.883  1.00   18.94 ? 73   GLU A OE1 1 
ATOM   616  O  OE2 . GLU A 1 73  ? 11.591  9.789   -3.182  1.00   18.79 ? 73   GLU A OE2 1 
ATOM   617  N  N   . PHE A 1 74  ? 8.301   3.685   -2.537  1.00   15.28 ? 74   PHE A N   1 
ATOM   618  C  CA  . PHE A 1 74  ? 8.240   2.258   -2.337  1.00   14.91 ? 74   PHE A CA  1 
ATOM   619  C  C   . PHE A 1 74  ? 7.544   1.540   -3.510  1.00   15.76 ? 74   PHE A C   1 
ATOM   620  O  O   . PHE A 1 74  ? 8.072   0.547   -4.028  1.00   16.62 ? 74   PHE A O   1 
ATOM   621  C  CB  . PHE A 1 74  ? 7.568   1.880   -1.001  1.00   14.37 ? 74   PHE A CB  1 
ATOM   622  C  CG  . PHE A 1 74  ? 7.326   0.413   -0.884  1.00   15.36 ? 74   PHE A CG  1 
ATOM   623  C  CD1 . PHE A 1 74  ? 8.385   -0.466  -0.809  1.00   14.90 ? 74   PHE A CD1 1 
ATOM   624  C  CD2 . PHE A 1 74  ? 6.037   -0.104  -0.882  1.00   16.46 ? 74   PHE A CD2 1 
ATOM   625  C  CE1 . PHE A 1 74  ? 8.168   -1.838  -0.744  1.00   16.65 ? 74   PHE A CE1 1 
ATOM   626  C  CE2 . PHE A 1 74  ? 5.826   -1.481  -0.821  1.00   16.22 ? 74   PHE A CE2 1 
ATOM   627  C  CZ  . PHE A 1 74  ? 6.886   -2.327  -0.754  1.00   15.44 ? 74   PHE A CZ  1 
ATOM   628  N  N   . PHE A 1 75  ? 6.363   2.002   -3.903  1.00   17.55 ? 75   PHE A N   1 
ATOM   629  C  CA  . PHE A 1 75  ? 5.681   1.416   -5.044  1.00   18.70 ? 75   PHE A CA  1 
ATOM   630  C  C   . PHE A 1 75  ? 6.549   1.416   -6.311  1.00   19.33 ? 75   PHE A C   1 
ATOM   631  O  O   . PHE A 1 75  ? 6.656   0.392   -6.989  1.00   19.40 ? 75   PHE A O   1 
ATOM   632  C  CB  . PHE A 1 75  ? 4.343   2.080   -5.329  1.00   19.77 ? 75   PHE A CB  1 
ATOM   633  C  CG  . PHE A 1 75  ? 3.285   1.905   -4.234  1.00   19.59 ? 75   PHE A CG  1 
ATOM   634  C  CD1 . PHE A 1 75  ? 3.427   1.042   -3.172  1.00   20.23 ? 75   PHE A CD1 1 
ATOM   635  C  CD2 . PHE A 1 75  ? 2.119   2.651   -4.310  1.00   21.58 ? 75   PHE A CD2 1 
ATOM   636  C  CE1 . PHE A 1 75  ? 2.426   0.929   -2.191  1.00   20.59 ? 75   PHE A CE1 1 
ATOM   637  C  CE2 . PHE A 1 75  ? 1.124   2.531   -3.343  1.00   20.43 ? 75   PHE A CE2 1 
ATOM   638  C  CZ  . PHE A 1 75  ? 1.282   1.713   -2.288  1.00   20.59 ? 75   PHE A CZ  1 
ATOM   639  N  N   . VAL A 1 76  ? 7.159   2.546   -6.627  1.00   18.40 ? 76   VAL A N   1 
ATOM   640  C  CA  . VAL A 1 76  ? 8.036   2.647   -7.796  1.00   19.21 ? 76   VAL A CA  1 
ATOM   641  C  C   . VAL A 1 76  ? 9.169   1.637   -7.750  1.00   17.90 ? 76   VAL A C   1 
ATOM   642  O  O   . VAL A 1 76  ? 9.469   0.934   -8.742  1.00   19.51 ? 76   VAL A O   1 
ATOM   643  C  CB  . VAL A 1 76  ? 8.556   4.091   -7.939  1.00   22.52 ? 76   VAL A CB  1 
ATOM   644  C  CG1 . VAL A 1 76  ? 9.793   4.160   -8.826  1.00   24.64 ? 76   VAL A CG1 1 
ATOM   645  C  CG2 . VAL A 1 76  ? 7.421   4.982   -8.455  1.00   24.37 ? 76   VAL A CG2 1 
ATOM   646  N  N   . GLN A 1 77  ? 9.844   1.577   -6.607  1.00   17.82 ? 77   GLN A N   1 
ATOM   647  C  CA  . GLN A 1 77  ? 10.937  0.657   -6.435  1.00   17.10 ? 77   GLN A CA  1 
ATOM   648  C  C   . GLN A 1 77  ? 10.485  -0.801  -6.601  1.00   17.39 ? 77   GLN A C   1 
ATOM   649  O  O   . GLN A 1 77  ? 11.187  -1.601  -7.192  1.00   17.72 ? 77   GLN A O   1 
ATOM   650  C  CB  . GLN A 1 77  ? 11.572  0.861   -5.058  1.00   16.42 ? 77   GLN A CB  1 
ATOM   651  C  CG  . GLN A 1 77  ? 12.610  -0.157  -4.666  1.00   15.92 ? 77   GLN A CG  1 
ATOM   652  C  CD  . GLN A 1 77  ? 13.406  0.291   -3.446  1.00   17.80 ? 77   GLN A CD  1 
ATOM   653  O  OE1 . GLN A 1 77  ? 13.842  1.443   -3.371  1.00   17.32 ? 77   GLN A OE1 1 
ATOM   654  N  NE2 . GLN A 1 77  ? 13.564  -0.616  -2.471  1.00   16.94 ? 77   GLN A NE2 1 
ATOM   655  N  N   . ARG A 1 78  ? 9.306   -1.133  -6.078  1.00   16.90 ? 78   ARG A N   1 
ATOM   656  C  CA  . ARG A 1 78  ? 8.895   -2.533  -6.035  1.00   17.59 ? 78   ARG A CA  1 
ATOM   657  C  C   . ARG A 1 78  ? 8.190   -2.945  -7.346  1.00   19.74 ? 78   ARG A C   1 
ATOM   658  O  O   . ARG A 1 78  ? 8.094   -4.131  -7.638  1.00   21.76 ? 78   ARG A O   1 
ATOM   659  C  CB  . ARG A 1 78  ? 7.961   -2.769  -4.849  1.00   18.51 ? 78   ARG A CB  1 
ATOM   660  C  CG  . ARG A 1 78  ? 7.640   -4.246  -4.610  1.00   19.89 ? 78   ARG A CG  1 
ATOM   661  C  CD  . ARG A 1 78  ? 8.902   -5.099  -4.420  1.00   19.20 ? 78   ARG A CD  1 
ATOM   662  N  NE  . ARG A 1 78  ? 8.712   -6.544  -4.397  1.00   19.99 ? 78   ARG A NE  1 
ATOM   663  C  CZ  . ARG A 1 78  ? 8.497   -7.301  -5.468  1.00   20.34 ? 78   ARG A CZ  1 
ATOM   664  N  NH1 . ARG A 1 78  ? 8.390   -6.758  -6.660  1.00   20.39 ? 78   ARG A NH1 1 
ATOM   665  N  NH2 . ARG A 1 78  ? 8.386   -8.612  -5.343  1.00   20.50 ? 78   ARG A NH2 1 
ATOM   666  N  N   . MET A 1 79  ? 7.723   -1.972  -8.124  1.00   18.95 ? 79   MET A N   1 
ATOM   667  C  CA  . MET A 1 79  ? 6.962   -2.259  -9.357  1.00   20.65 ? 79   MET A CA  1 
ATOM   668  C  C   . MET A 1 79  ? 7.710   -1.946  -10.641 1.00   22.83 ? 79   MET A C   1 
ATOM   669  O  O   . MET A 1 79  ? 7.097   -1.616  -11.644 1.00   26.03 ? 79   MET A O   1 
ATOM   670  C  CB  . MET A 1 79  ? 5.618   -1.543  -9.314  1.00   20.60 ? 79   MET A CB  1 
ATOM   671  C  CG  . MET A 1 79  ? 4.733   -2.100  -8.195  1.00   21.64 ? 79   MET A CG  1 
ATOM   672  S  SD  . MET A 1 79  ? 3.091   -1.398  -8.199  1.00   24.42 ? 79   MET A SD  1 
ATOM   673  C  CE  . MET A 1 79  ? 2.642   -1.777  -6.494  1.00   25.47 ? 79   MET A CE  1 
ATOM   674  N  N   . GLY A 1 80  ? 9.024   -2.011  -10.564 1.00   23.99 ? 80   GLY A N   1 
ATOM   675  C  CA  . GLY A 1 80  ? 9.863   -2.039  -11.765 1.00   26.68 ? 80   GLY A CA  1 
ATOM   676  C  C   . GLY A 1 80  ? 10.669  -0.781  -12.041 1.00   26.82 ? 80   GLY A C   1 
ATOM   677  O  O   . GLY A 1 80  ? 11.376  -0.742  -13.053 1.00   26.80 ? 80   GLY A O   1 
ATOM   678  N  N   . GLY A 1 81  ? 10.611  0.209   -11.150 1.00   24.51 ? 81   GLY A N   1 
ATOM   679  C  CA  . GLY A 1 81  ? 11.261  1.508   -11.360 1.00   25.04 ? 81   GLY A CA  1 
ATOM   680  C  C   . GLY A 1 81  ? 12.560  1.653   -10.600 1.00   22.54 ? 81   GLY A C   1 
ATOM   681  O  O   . GLY A 1 81  ? 13.082  0.668   -10.084 1.00   23.39 ? 81   GLY A O   1 
ATOM   682  N  N   . PRO A 1 82  ? 13.094  2.869   -10.521 1.00   23.07 ? 82   PRO A N   1 
ATOM   683  C  CA  . PRO A 1 82  ? 14.352  3.059   -9.821  1.00   22.41 ? 82   PRO A CA  1 
ATOM   684  C  C   . PRO A 1 82  ? 14.179  2.861   -8.302  1.00   22.68 ? 82   PRO A C   1 
ATOM   685  O  O   . PRO A 1 82  ? 13.102  3.117   -7.768  1.00   19.52 ? 82   PRO A O   1 
ATOM   686  C  CB  . PRO A 1 82  ? 14.708  4.508   -10.137 1.00   23.44 ? 82   PRO A CB  1 
ATOM   687  C  CG  . PRO A 1 82  ? 13.417  5.169   -10.451 1.00   25.16 ? 82   PRO A CG  1 
ATOM   688  C  CD  . PRO A 1 82  ? 12.662  4.107   -11.194 1.00   23.97 ? 82   PRO A CD  1 
ATOM   689  N  N   . PRO A 1 83  ? 15.251  2.426   -7.610  1.00   21.00 ? 83   PRO A N   1 
ATOM   690  C  CA  . PRO A 1 83  ? 15.123  2.140   -6.178  1.00   20.13 ? 83   PRO A CA  1 
ATOM   691  C  C   . PRO A 1 83  ? 15.295  3.403   -5.326  1.00   19.05 ? 83   PRO A C   1 
ATOM   692  O  O   . PRO A 1 83  ? 16.191  3.525   -4.482  1.00   19.29 ? 83   PRO A O   1 
ATOM   693  C  CB  . PRO A 1 83  ? 16.207  1.096   -5.923  1.00   21.58 ? 83   PRO A CB  1 
ATOM   694  C  CG  . PRO A 1 83  ? 17.212  1.316   -7.014  1.00   22.80 ? 83   PRO A CG  1 
ATOM   695  C  CD  . PRO A 1 83  ? 16.471  1.854   -8.201  1.00   23.16 ? 83   PRO A CD  1 
ATOM   696  N  N   . LEU A 1 84  ? 14.356  4.302   -5.488  1.00   18.85 ? 84   LEU A N   1 
ATOM   697  C  CA  . LEU A 1 84  ? 14.394  5.586   -4.793  1.00   19.66 ? 84   LEU A CA  1 
ATOM   698  C  C   . LEU A 1 84  ? 14.201  5.427   -3.304  1.00   18.81 ? 84   LEU A C   1 
ATOM   699  O  O   . LEU A 1 84  ? 14.784  6.164   -2.513  1.00   17.83 ? 84   LEU A O   1 
ATOM   700  C  CB  . LEU A 1 84  ? 13.298  6.504   -5.357  1.00   19.94 ? 84   LEU A CB  1 
ATOM   701  C  CG  . LEU A 1 84  ? 13.465  6.825   -6.844  1.00   23.12 ? 84   LEU A CG  1 
ATOM   702  C  CD1 . LEU A 1 84  ? 12.383  7.775   -7.300  1.00   24.77 ? 84   LEU A CD1 1 
ATOM   703  C  CD2 . LEU A 1 84  ? 14.821  7.434   -7.094  1.00   23.21 ? 84   LEU A CD2 1 
ATOM   704  N  N   . TYR A 1 85  ? 13.354  4.488   -2.894  1.00   17.51 ? 85   TYR A N   1 
ATOM   705  C  CA  . TYR A 1 85  ? 13.045  4.334   -1.496  1.00   16.97 ? 85   TYR A CA  1 
ATOM   706  C  C   . TYR A 1 85  ? 14.305  3.923   -0.748  1.00   15.91 ? 85   TYR A C   1 
ATOM   707  O  O   . TYR A 1 85  ? 14.639  4.538   0.265   1.00   17.23 ? 85   TYR A O   1 
ATOM   708  C  CB  . TYR A 1 85  ? 11.908  3.301   -1.249  1.00   17.06 ? 85   TYR A CB  1 
ATOM   709  C  CG  . TYR A 1 85  ? 11.561  3.181   0.198   1.00   15.08 ? 85   TYR A CG  1 
ATOM   710  C  CD1 . TYR A 1 85  ? 12.284  2.339   1.032   1.00   17.54 ? 85   TYR A CD1 1 
ATOM   711  C  CD2 . TYR A 1 85  ? 10.524  3.925   0.749   1.00   15.37 ? 85   TYR A CD2 1 
ATOM   712  C  CE1 . TYR A 1 85  ? 12.007  2.267   2.372   1.00   17.52 ? 85   TYR A CE1 1 
ATOM   713  C  CE2 . TYR A 1 85  ? 10.241  3.862   2.096   1.00   15.92 ? 85   TYR A CE2 1 
ATOM   714  C  CZ  . TYR A 1 85  ? 10.985  2.994   2.904   1.00   17.29 ? 85   TYR A CZ  1 
ATOM   715  O  OH  . TYR A 1 85  ? 10.744  2.903   4.251   1.00   19.91 ? 85   TYR A OH  1 
ATOM   716  N  N   . SER A 1 86  ? 15.013  2.899   -1.222  1.00   16.28 ? 86   SER A N   1 
ATOM   717  C  CA  . SER A 1 86  ? 16.163  2.401   -0.488  1.00   18.01 ? 86   SER A CA  1 
ATOM   718  C  C   . SER A 1 86  ? 17.346  3.408   -0.450  1.00   20.51 ? 86   SER A C   1 
ATOM   719  O  O   . SER A 1 86  ? 18.034  3.472   0.553   1.00   20.10 ? 86   SER A O   1 
ATOM   720  C  CB  . SER A 1 86  ? 16.604  1.042   -1.002  1.00   19.97 ? 86   SER A CB  1 
ATOM   721  O  OG  . SER A 1 86  ? 15.693  0.017   -0.594  1.00   19.12 ? 86   SER A OG  1 
ATOM   722  N  N   . GLN A 1 87  ? 17.479  4.185   -1.512  1.00   20.95 ? 87   GLN A N   1 
ATOM   723  C  CA  . GLN A 1 87  ? 18.513  5.260   -1.630  1.00   25.50 ? 87   GLN A CA  1 
ATOM   724  C  C   . GLN A 1 87  ? 18.362  6.170   -0.415  1.00   25.57 ? 87   GLN A C   1 
ATOM   725  O  O   . GLN A 1 87  ? 19.340  6.527   0.280   1.00   24.61 ? 87   GLN A O   1 
ATOM   726  C  CB  . GLN A 1 87  ? 18.314  5.973   -2.989  1.00   26.24 ? 87   GLN A CB  1 
ATOM   727  C  CG  . GLN A 1 87  ? 19.208  7.175   -3.269  1.00   30.16 ? 87   GLN A CG  1 
ATOM   728  C  CD  . GLN A 1 87  ? 19.111  7.707   -4.687  1.00   32.88 ? 87   GLN A CD  1 
ATOM   729  O  OE1 . GLN A 1 87  ? 18.060  8.153   -5.134  1.00   31.08 ? 87   GLN A OE1 1 
ATOM   730  N  NE2 . GLN A 1 87  ? 20.231  7.694   -5.399  1.00   36.69 ? 87   GLN A NE2 1 
ATOM   731  N  N   . ARG A 1 88  ? 17.109  6.485   -0.087  1.00   21.01 ? 88   ARG A N   1 
ATOM   732  C  CA  . ARG A 1 88  ? 16.822  7.408   0.975   1.00   19.76 ? 88   ARG A CA  1 
ATOM   733  C  C   . ARG A 1 88  ? 16.727  6.781   2.374   1.00   21.68 ? 88   ARG A C   1 
ATOM   734  O  O   . ARG A 1 88  ? 17.148  7.409   3.364   1.00   19.89 ? 88   ARG A O   1 
ATOM   735  C  CB  . ARG A 1 88  ? 15.528  8.148   0.577   1.00   19.73 ? 88   ARG A CB  1 
ATOM   736  C  CG  . ARG A 1 88  ? 15.245  9.454   1.242   1.00   20.81 ? 88   ARG A CG  1 
ATOM   737  C  CD  . ARG A 1 88  ? 14.166  10.235  0.526   1.00   19.66 ? 88   ARG A CD  1 
ATOM   738  N  NE  . ARG A 1 88  ? 12.948  9.425   0.331   1.00   18.47 ? 88   ARG A NE  1 
ATOM   739  C  CZ  . ARG A 1 88  ? 11.951  9.306   1.210   1.00   20.46 ? 88   ARG A CZ  1 
ATOM   740  N  NH1 . ARG A 1 88  ? 11.953  9.938   2.363   1.00   20.62 ? 88   ARG A NH1 1 
ATOM   741  N  NH2 . ARG A 1 88  ? 10.898  8.543   0.901   1.00   22.40 ? 88   ARG A NH2 1 
ATOM   742  N  N   . LYS A 1 89  ? 16.131  5.567   2.490   1.00   18.42 ? 89   LYS A N   1 
ATOM   743  C  CA  . LYS A 1 89  ? 15.684  5.026   3.756   1.00   19.88 ? 89   LYS A CA  1 
ATOM   744  C  C   . LYS A 1 89  ? 16.174  3.603   4.098   1.00   17.59 ? 89   LYS A C   1 
ATOM   745  O  O   . LYS A 1 89  ? 15.977  3.153   5.225   1.00   17.90 ? 89   LYS A O   1 
ATOM   746  C  CB  . LYS A 1 89  ? 14.147  5.032   3.835   1.00   21.49 ? 89   LYS A CB  1 
ATOM   747  C  CG  . LYS A 1 89  ? 13.517  6.412   3.640   1.00   25.70 ? 89   LYS A CG  1 
ATOM   748  C  CD  . LYS A 1 89  ? 12.087  6.526   4.179   1.00   25.83 ? 89   LYS A CD  1 
ATOM   749  C  CE  . LYS A 1 89  ? 12.067  6.683   5.656   1.00   26.39 ? 89   LYS A CE  1 
ATOM   750  N  NZ  . LYS A 1 89  ? 10.752  7.063   6.205   1.00   24.93 ? 89   LYS A NZ  1 
ATOM   751  N  N   . GLY A 1 90  ? 16.770  2.922   3.136   1.00   17.72 ? 90   GLY A N   1 
ATOM   752  C  CA  . GLY A 1 90  ? 17.243  1.552   3.292   1.00   17.97 ? 90   GLY A CA  1 
ATOM   753  C  C   . GLY A 1 90  ? 16.127  0.524   3.023   1.00   18.37 ? 90   GLY A C   1 
ATOM   754  O  O   . GLY A 1 90  ? 15.316  0.730   2.103   1.00   18.04 ? 90   GLY A O   1 
ATOM   755  N  N   . HIS A 1 91  ? 16.099  -0.574  3.787   1.00   15.79 ? 91   HIS A N   1 
ATOM   756  C  CA  . HIS A 1 91  ? 15.113  -1.639  3.507   1.00   14.93 ? 91   HIS A CA  1 
ATOM   757  C  C   . HIS A 1 91  ? 13.687  -1.196  3.743   1.00   15.85 ? 91   HIS A C   1 
ATOM   758  O  O   . HIS A 1 91  ? 13.393  -0.505  4.729   1.00   15.25 ? 91   HIS A O   1 
ATOM   759  C  CB  . HIS A 1 91  ? 15.383  -2.880  4.325   1.00   15.64 ? 91   HIS A CB  1 
ATOM   760  C  CG  . HIS A 1 91  ? 16.634  -3.581  3.946   1.00   15.34 ? 91   HIS A CG  1 
ATOM   761  N  ND1 . HIS A 1 91  ? 16.774  -4.290  2.778   1.00   16.69 ? 91   HIS A ND1 1 
ATOM   762  C  CD2 . HIS A 1 91  ? 17.840  -3.630  4.561   1.00   15.94 ? 91   HIS A CD2 1 
ATOM   763  C  CE1 . HIS A 1 91  ? 17.985  -4.813  2.729   1.00   16.64 ? 91   HIS A CE1 1 
ATOM   764  N  NE2 . HIS A 1 91  ? 18.653  -4.413  3.785   1.00   15.31 ? 91   HIS A NE2 1 
ATOM   765  N  N   . PRO A 1 92  ? 12.764  -1.597  2.835   1.00   16.04 ? 92   PRO A N   1 
ATOM   766  C  CA  . PRO A 1 92  ? 11.347  -1.340  3.152   1.00   15.57 ? 92   PRO A CA  1 
ATOM   767  C  C   . PRO A 1 92  ? 10.883  -1.864  4.519   1.00   14.69 ? 92   PRO A C   1 
ATOM   768  O  O   . PRO A 1 92  ? 10.210  -1.150  5.271   1.00   15.80 ? 92   PRO A O   1 
ATOM   769  C  CB  . PRO A 1 92  ? 10.636  -2.049  2.006   1.00   15.78 ? 92   PRO A CB  1 
ATOM   770  C  CG  . PRO A 1 92  ? 11.597  -1.944  0.856   1.00   16.66 ? 92   PRO A CG  1 
ATOM   771  C  CD  . PRO A 1 92  ? 12.923  -2.242  1.514   1.00   16.98 ? 92   PRO A CD  1 
ATOM   772  N  N   . ALA A 1 93  ? 11.262  -3.088  4.859   1.00   14.86 ? 93   ALA A N   1 
ATOM   773  C  CA  . ALA A 1 93  ? 11.046  -3.688  6.164   1.00   15.65 ? 93   ALA A CA  1 
ATOM   774  C  C   . ALA A 1 93  ? 9.619   -3.389  6.642   1.00   16.54 ? 93   ALA A C   1 
ATOM   775  O  O   . ALA A 1 93  ? 9.397   -2.782  7.688   1.00   16.54 ? 93   ALA A O   1 
ATOM   776  C  CB  . ALA A 1 93  ? 12.075  -3.201  7.177   1.00   17.08 ? 93   ALA A CB  1 
ATOM   777  N  N   . LEU A 1 94  ? 8.623   -3.804  5.858   1.00   16.83 ? 94   LEU A N   1 
ATOM   778  C  CA  . LEU A 1 94  ? 7.284   -3.280  6.114   1.00   16.54 ? 94   LEU A CA  1 
ATOM   779  C  C   . LEU A 1 94  ? 6.733   -3.652  7.479   1.00   15.97 ? 94   LEU A C   1 
ATOM   780  O  O   . LEU A 1 94  ? 6.066   -2.828  8.108   1.00   17.88 ? 94   LEU A O   1 
ATOM   781  C  CB  . LEU A 1 94  ? 6.323   -3.732  5.000   1.00   16.57 ? 94   LEU A CB  1 
ATOM   782  C  CG  . LEU A 1 94  ? 6.661   -3.306  3.596   1.00   16.73 ? 94   LEU A CG  1 
ATOM   783  C  CD1 . LEU A 1 94  ? 5.660   -3.941  2.598   1.00   18.25 ? 94   LEU A CD1 1 
ATOM   784  C  CD2 . LEU A 1 94  ? 6.682   -1.806  3.463   1.00   17.49 ? 94   LEU A CD2 1 
ATOM   785  N  N   . ILE A 1 95  ? 7.003   -4.849  7.959   1.00   16.65 ? 95   ILE A N   1 
ATOM   786  C  CA  . ILE A 1 95  ? 6.477   -5.251  9.270   1.00   18.32 ? 95   ILE A CA  1 
ATOM   787  C  C   . ILE A 1 95  ? 7.140   -4.387  10.380  1.00   19.24 ? 95   ILE A C   1 
ATOM   788  O  O   . ILE A 1 95  ? 6.459   -3.775  11.206  1.00   18.89 ? 95   ILE A O   1 
ATOM   789  C  CB  . ILE A 1 95  ? 6.609   -6.761  9.520   1.00   18.68 ? 95   ILE A CB  1 
ATOM   790  C  CG1 . ILE A 1 95  ? 5.630   -7.531  8.594   1.00   19.33 ? 95   ILE A CG1 1 
ATOM   791  C  CG2 . ILE A 1 95  ? 6.339   -7.133  10.987  1.00   21.16 ? 95   ILE A CG2 1 
ATOM   792  C  CD1 . ILE A 1 95  ? 5.746   -9.007  8.711   1.00   20.42 ? 95   ILE A CD1 1 
ATOM   793  N  N   . GLY A 1 96  ? 8.452   -4.314  10.349  1.00   18.96 ? 96   GLY A N   1 
ATOM   794  C  CA  . GLY A 1 96  ? 9.205   -3.443  11.269  1.00   18.52 ? 96   GLY A CA  1 
ATOM   795  C  C   . GLY A 1 96  ? 8.763   -1.998  11.267  1.00   17.64 ? 96   GLY A C   1 
ATOM   796  O  O   . GLY A 1 96  ? 8.569   -1.397  12.332  1.00   19.63 ? 96   GLY A O   1 
ATOM   797  N  N   . ARG A 1 97  ? 8.547   -1.406  10.103  1.00   16.30 ? 97   ARG A N   1 
ATOM   798  C  CA  . ARG A 1 97  ? 8.181   -0.015  10.001  1.00   16.73 ? 97   ARG A CA  1 
ATOM   799  C  C   . ARG A 1 97  ? 6.721   0.291   10.433  1.00   18.83 ? 97   ARG A C   1 
ATOM   800  O  O   . ARG A 1 97  ? 6.393   1.430   10.740  1.00   19.31 ? 97   ARG A O   1 
ATOM   801  C  CB  . ARG A 1 97  ? 8.500   0.540   8.616   1.00   16.77 ? 97   ARG A CB  1 
ATOM   802  C  CG  . ARG A 1 97  ? 9.998   0.448   8.260   1.00   16.45 ? 97   ARG A CG  1 
ATOM   803  C  CD  . ARG A 1 97  ? 10.343  1.275   7.040   1.00   16.72 ? 97   ARG A CD  1 
ATOM   804  N  NE  . ARG A 1 97  ? 11.728  1.079   6.621   1.00   16.83 ? 97   ARG A NE  1 
ATOM   805  C  CZ  . ARG A 1 97  ? 12.776  1.813   7.058   1.00   17.55 ? 97   ARG A CZ  1 
ATOM   806  N  NH1 . ARG A 1 97  ? 12.611  2.836   7.903   1.00   17.70 ? 97   ARG A NH1 1 
ATOM   807  N  NH2 . ARG A 1 97  ? 13.989  1.539   6.615   1.00   17.33 ? 97   ARG A NH2 1 
ATOM   808  N  N   . HIS A 1 98  ? 5.875   -0.730  10.435  1.00   20.12 ? 98   HIS A N   1 
ATOM   809  C  CA  . HIS A 1 98  ? 4.476   -0.572  10.859  1.00   20.55 ? 98   HIS A CA  1 
ATOM   810  C  C   . HIS A 1 98  ? 4.299   -0.933  12.345  1.00   21.59 ? 98   HIS A C   1 
ATOM   811  O  O   . HIS A 1 98  ? 3.219   -0.772  12.890  1.00   21.34 ? 98   HIS A O   1 
ATOM   812  C  CB  . HIS A 1 98  ? 3.521   -1.405  9.991   1.00   19.58 ? 98   HIS A CB  1 
ATOM   813  C  CG  . HIS A 1 98  ? 3.267   -0.803  8.663   1.00   17.29 ? 98   HIS A CG  1 
ATOM   814  N  ND1 . HIS A 1 98  ? 4.105   -1.009  7.592   1.00   16.18 ? 98   HIS A ND1 1 
ATOM   815  C  CD2 . HIS A 1 98  ? 2.322   0.054   8.248   1.00   15.44 ? 98   HIS A CD2 1 
ATOM   816  C  CE1 . HIS A 1 98  ? 3.651   -0.340  6.555   1.00   16.30 ? 98   HIS A CE1 1 
ATOM   817  N  NE2 . HIS A 1 98  ? 2.579   0.336   6.925   1.00   17.91 ? 98   HIS A NE2 1 
ATOM   818  N  N   . ARG A 1 99  ? 5.363   -1.355  12.998  1.00   23.61 ? 99   ARG A N   1 
ATOM   819  C  CA  A ARG A 1 99  ? 5.314   -1.729  14.417  0.50   26.47 ? 99   ARG A CA  1 
ATOM   820  C  CA  B ARG A 1 99  ? 5.308   -1.732  14.407  0.50   27.06 ? 99   ARG A CA  1 
ATOM   821  C  C   . ARG A 1 99  ? 4.658   -0.687  15.324  1.00   26.50 ? 99   ARG A C   1 
ATOM   822  O  O   . ARG A 1 99  ? 3.913   -1.074  16.253  1.00   24.81 ? 99   ARG A O   1 
ATOM   823  C  CB  A ARG A 1 99  ? 6.707   -2.076  14.955  0.50   28.95 ? 99   ARG A CB  1 
ATOM   824  C  CB  B ARG A 1 99  ? 6.698   -2.110  14.923  0.50   30.42 ? 99   ARG A CB  1 
ATOM   825  C  CG  A ARG A 1 99  ? 6.716   -2.633  16.383  0.50   31.24 ? 99   ARG A CG  1 
ATOM   826  C  CG  B ARG A 1 99  ? 6.690   -2.631  16.355  0.50   34.21 ? 99   ARG A CG  1 
ATOM   827  C  CD  A ARG A 1 99  ? 8.106   -2.578  17.010  0.50   33.53 ? 99   ARG A CD  1 
ATOM   828  C  CD  B ARG A 1 99  ? 7.902   -3.497  16.680  0.50   37.68 ? 99   ARG A CD  1 
ATOM   829  N  NE  A ARG A 1 99  ? 8.740   -1.299  16.728  0.50   34.69 ? 99   ARG A NE  1 
ATOM   830  N  NE  B ARG A 1 99  ? 7.603   -4.380  17.807  0.50   40.97 ? 99   ARG A NE  1 
ATOM   831  C  CZ  A ARG A 1 99  ? 8.403   -0.157  17.311  0.50   35.50 ? 99   ARG A CZ  1 
ATOM   832  C  CZ  B ARG A 1 99  ? 7.431   -3.972  19.058  0.50   42.19 ? 99   ARG A CZ  1 
ATOM   833  N  NH1 A ARG A 1 99  ? 7.449   -0.127  18.240  0.50   39.10 ? 99   ARG A NH1 1 
ATOM   834  N  NH1 B ARG A 1 99  ? 7.551   -2.688  19.367  0.50   43.33 ? 99   ARG A NH1 1 
ATOM   835  N  NH2 A ARG A 1 99  ? 9.023   0.950   16.976  0.50   35.55 ? 99   ARG A NH2 1 
ATOM   836  N  NH2 B ARG A 1 99  ? 7.144   -4.859  20.002  0.50   45.88 ? 99   ARG A NH2 1 
ATOM   837  N  N   . PRO A 1 100 ? 4.916   0.608   15.094  1.00   27.77 ? 100  PRO A N   1 
ATOM   838  C  CA  . PRO A 1 100 ? 4.288   1.602   15.991  1.00   28.76 ? 100  PRO A CA  1 
ATOM   839  C  C   . PRO A 1 100 ? 2.751   1.744   15.884  1.00   32.10 ? 100  PRO A C   1 
ATOM   840  O  O   . PRO A 1 100 ? 2.166   2.433   16.705  1.00   29.46 ? 100  PRO A O   1 
ATOM   841  C  CB  . PRO A 1 100 ? 4.881   2.933   15.541  1.00   30.26 ? 100  PRO A CB  1 
ATOM   842  C  CG  . PRO A 1 100 ? 6.181   2.584   14.877  1.00   31.01 ? 100  PRO A CG  1 
ATOM   843  C  CD  . PRO A 1 100 ? 5.928   1.251   14.215  1.00   30.27 ? 100  PRO A CD  1 
ATOM   844  N  N   . PHE A 1 101 ? 2.121   1.146   14.867  1.00   25.48 ? 101  PHE A N   1 
ATOM   845  C  CA  . PHE A 1 101 ? 0.735   1.459   14.513  1.00   25.54 ? 101  PHE A CA  1 
ATOM   846  C  C   . PHE A 1 101 ? -0.162  0.259   14.799  1.00   24.01 ? 101  PHE A C   1 
ATOM   847  O  O   . PHE A 1 101 ? 0.289   -0.865  14.729  1.00   23.91 ? 101  PHE A O   1 
ATOM   848  C  CB  . PHE A 1 101 ? 0.637   1.841   13.055  1.00   24.65 ? 101  PHE A CB  1 
ATOM   849  C  CG  . PHE A 1 101 ? 1.655   2.866   12.640  1.00   26.84 ? 101  PHE A CG  1 
ATOM   850  C  CD1 . PHE A 1 101 ? 1.736   4.093   13.319  1.00   27.61 ? 101  PHE A CD1 1 
ATOM   851  C  CD2 . PHE A 1 101 ? 2.553   2.605   11.621  1.00   24.50 ? 101  PHE A CD2 1 
ATOM   852  C  CE1 . PHE A 1 101 ? 2.691   5.033   12.967  1.00   29.85 ? 101  PHE A CE1 1 
ATOM   853  C  CE2 . PHE A 1 101 ? 3.502   3.554   11.263  1.00   26.65 ? 101  PHE A CE2 1 
ATOM   854  C  CZ  . PHE A 1 101 ? 3.577   4.756   11.946  1.00   26.47 ? 101  PHE A CZ  1 
ATOM   855  N  N   . PRO A 1 102 ? -1.426  0.523   15.147  1.00   25.35 ? 102  PRO A N   1 
ATOM   856  C  CA  . PRO A 1 102 ? -2.364  -0.557  15.421  1.00   26.61 ? 102  PRO A CA  1 
ATOM   857  C  C   . PRO A 1 102 ? -2.988  -1.079  14.114  1.00   24.41 ? 102  PRO A C   1 
ATOM   858  O  O   . PRO A 1 102 ? -4.093  -0.661  13.708  1.00   27.06 ? 102  PRO A O   1 
ATOM   859  C  CB  . PRO A 1 102 ? -3.409  0.122   16.304  1.00   24.85 ? 102  PRO A CB  1 
ATOM   860  C  CG  . PRO A 1 102 ? -3.472  1.534   15.794  1.00   25.71 ? 102  PRO A CG  1 
ATOM   861  C  CD  . PRO A 1 102 ? -2.025  1.859   15.371  1.00   25.80 ? 102  PRO A CD  1 
ATOM   862  N  N   . VAL A 1 103 ? -2.240  -1.943  13.444  1.00   24.70 ? 103  VAL A N   1 
ATOM   863  C  CA  . VAL A 1 103 ? -2.613  -2.457  12.111  1.00   23.13 ? 103  VAL A CA  1 
ATOM   864  C  C   . VAL A 1 103 ? -3.535  -3.665  12.320  1.00   23.53 ? 103  VAL A C   1 
ATOM   865  O  O   . VAL A 1 103 ? -3.114  -4.836  12.307  1.00   25.04 ? 103  VAL A O   1 
ATOM   866  C  CB  . VAL A 1 103 ? -1.390  -2.851  11.259  1.00   23.51 ? 103  VAL A CB  1 
ATOM   867  C  CG1 . VAL A 1 103 ? -1.846  -3.303  9.864   1.00   23.30 ? 103  VAL A CG1 1 
ATOM   868  C  CG2 . VAL A 1 103 ? -0.475  -1.634  11.098  1.00   22.43 ? 103  VAL A CG2 1 
ATOM   869  N  N   . THR A 1 104 ? -4.803  -3.337  12.540  1.00   22.99 ? 104  THR A N   1 
ATOM   870  C  CA  . THR A 1 104 ? -5.833  -4.354  12.753  1.00   22.09 ? 104  THR A CA  1 
ATOM   871  C  C   . THR A 1 104 ? -6.518  -4.728  11.439  1.00   20.29 ? 104  THR A C   1 
ATOM   872  O  O   . THR A 1 104 ? -6.433  -4.033  10.458  1.00   18.52 ? 104  THR A O   1 
ATOM   873  C  CB  . THR A 1 104 ? -6.921  -3.822  13.684  1.00   20.97 ? 104  THR A CB  1 
ATOM   874  O  OG1 . THR A 1 104 ? -7.535  -2.675  13.095  1.00   21.22 ? 104  THR A OG1 1 
ATOM   875  C  CG2 . THR A 1 104 ? -6.286  -3.434  15.057  1.00   25.33 ? 104  THR A CG2 1 
ATOM   876  N  N   . HIS A 1 105 ? -7.284  -5.805  11.499  1.00   20.26 ? 105  HIS A N   1 
ATOM   877  C  CA  . HIS A 1 105 ? -8.067  -6.296  10.326  1.00   21.57 ? 105  HIS A CA  1 
ATOM   878  C  C   . HIS A 1 105 ? -8.917  -5.161  9.800   1.00   19.14 ? 105  HIS A C   1 
ATOM   879  O  O   . HIS A 1 105 ? -9.034  -4.898  8.597   1.00   19.55 ? 105  HIS A O   1 
ATOM   880  C  CB  . HIS A 1 105 ? -8.886  -7.515  10.781  1.00   20.91 ? 105  HIS A CB  1 
ATOM   881  C  CG  . HIS A 1 105 ? -9.448  -8.345  9.654   1.00   19.24 ? 105  HIS A CG  1 
ATOM   882  N  ND1 . HIS A 1 105 ? -9.039  -9.630  9.406   1.00   22.37 ? 105  HIS A ND1 1 
ATOM   883  C  CD2 . HIS A 1 105 ? -10.317 -8.035  8.671   1.00   19.52 ? 105  HIS A CD2 1 
ATOM   884  C  CE1 . HIS A 1 105 ? -9.672  -10.099 8.343   1.00   20.24 ? 105  HIS A CE1 1 
ATOM   885  N  NE2 . HIS A 1 105 ? -10.420 -9.136  7.857   1.00   19.44 ? 105  HIS A NE2 1 
ATOM   886  N  N   . GLN A 1 106 ? -9.583  -4.478  10.724  1.00   21.40 ? 106  GLN A N   1 
ATOM   887  C  CA  . GLN A 1 106 ? -10.450 -3.384  10.347  1.00   20.74 ? 106  GLN A CA  1 
ATOM   888  C  C   . GLN A 1 106 ? -9.710  -2.204  9.746   1.00   20.75 ? 106  GLN A C   1 
ATOM   889  O  O   . GLN A 1 106 ? -10.177 -1.598  8.802   1.00   19.79 ? 106  GLN A O   1 
ATOM   890  C  CB  . GLN A 1 106 ? -11.314 -2.962  11.574  1.00   24.15 ? 106  GLN A CB  1 
ATOM   891  C  CG  . GLN A 1 106 ? -12.458 -2.060  11.215  1.00   28.51 ? 106  GLN A CG  1 
ATOM   892  C  CD  . GLN A 1 106 ? -13.513 -1.942  12.335  1.00   29.46 ? 106  GLN A CD  1 
ATOM   893  O  OE1 . GLN A 1 106 ? -13.345 -2.537  13.416  1.00   29.81 ? 106  GLN A OE1 1 
ATOM   894  N  NE2 . GLN A 1 106 ? -14.639 -1.226  12.042  1.00   31.58 ? 106  GLN A NE2 1 
ATOM   895  N  N   . ALA A 1 107 ? -8.547  -1.869  10.296  1.00   22.14 ? 107  ALA A N   1 
ATOM   896  C  CA  . ALA A 1 107 ? -7.700  -0.812  9.696   1.00   21.59 ? 107  ALA A CA  1 
ATOM   897  C  C   . ALA A 1 107 ? -7.269  -1.184  8.259   1.00   19.32 ? 107  ALA A C   1 
ATOM   898  O  O   . ALA A 1 107 ? -7.268  -0.339  7.370   1.00   21.42 ? 107  ALA A O   1 
ATOM   899  C  CB  . ALA A 1 107 ? -6.480  -0.565  10.609  1.00   21.98 ? 107  ALA A CB  1 
ATOM   900  N  N   . ALA A 1 108 ? -6.924  -2.455  8.042   1.00   20.53 ? 108  ALA A N   1 
ATOM   901  C  CA  . ALA A 1 108 ? -6.608  -2.940  6.681   1.00   18.34 ? 108  ALA A CA  1 
ATOM   902  C  C   . ALA A 1 108 ? -7.721  -2.678  5.710   1.00   19.02 ? 108  ALA A C   1 
ATOM   903  O  O   . ALA A 1 108 ? -7.511  -2.159  4.629   1.00   17.63 ? 108  ALA A O   1 
ATOM   904  C  CB  . ALA A 1 108 ? -6.224  -4.423  6.706   1.00   18.85 ? 108  ALA A CB  1 
ATOM   905  N  N   . GLU A 1 109 ? -8.959  -3.042  6.072   1.00   19.18 ? 109  GLU A N   1 
ATOM   906  C  CA  . GLU A 1 109 ? -10.052 -2.750  5.188   1.00   18.11 ? 109  GLU A CA  1 
ATOM   907  C  C   . GLU A 1 109 ? -10.263 -1.266  4.923   1.00   19.14 ? 109  GLU A C   1 
ATOM   908  O  O   . GLU A 1 109 ? -10.590 -0.899  3.837   1.00   22.59 ? 109  GLU A O   1 
ATOM   909  C  CB  . GLU A 1 109 ? -11.373 -3.424  5.664   1.00   18.15 ? 109  GLU A CB  1 
ATOM   910  C  CG  . GLU A 1 109 ? -11.332 -4.929  5.634   1.00   17.78 ? 109  GLU A CG  1 
ATOM   911  C  CD  . GLU A 1 109 ? -11.305 -5.592  4.254   1.00   18.16 ? 109  GLU A CD  1 
ATOM   912  O  OE1 . GLU A 1 109 ? -11.078 -4.957  3.212   1.00   21.80 ? 109  GLU A OE1 1 
ATOM   913  O  OE2 . GLU A 1 109 ? -11.453 -6.838  4.220   1.00   20.24 ? 109  GLU A OE2 1 
ATOM   914  N  N   . ARG A 1 110 ? -10.044 -0.418  5.917   1.00   21.66 ? 110  ARG A N   1 
ATOM   915  C  CA  . ARG A 1 110 ? -10.216 1.035   5.719   1.00   22.69 ? 110  ARG A CA  1 
ATOM   916  C  C   . ARG A 1 110 ? -9.122  1.589   4.767   1.00   19.94 ? 110  ARG A C   1 
ATOM   917  O  O   . ARG A 1 110 ? -9.402  2.277   3.816   1.00   19.93 ? 110  ARG A O   1 
ATOM   918  C  CB  . ARG A 1 110 ? -10.160 1.711   7.073   1.00   22.13 ? 110  ARG A CB  1 
ATOM   919  C  CG  . ARG A 1 110 ? -10.435 3.216   7.067   1.00   26.90 ? 110  ARG A CG  1 
ATOM   920  C  CD  . ARG A 1 110 ? -11.694 3.573   6.303   1.00   29.62 ? 110  ARG A CD  1 
ATOM   921  N  NE  . ARG A 1 110 ? -12.270 4.814   6.827   1.00   35.68 ? 110  ARG A NE  1 
ATOM   922  C  CZ  . ARG A 1 110 ? -13.508 5.231   6.604   1.00   42.02 ? 110  ARG A CZ  1 
ATOM   923  N  NH1 . ARG A 1 110 ? -14.348 4.507   5.866   1.00   43.92 ? 110  ARG A NH1 1 
ATOM   924  N  NH2 . ARG A 1 110 ? -13.919 6.376   7.141   1.00   42.73 ? 110  ARG A NH2 1 
ATOM   925  N  N   . TRP A 1 111 ? -7.873  1.219   5.039   1.00   21.40 ? 111  TRP A N   1 
ATOM   926  C  CA  . TRP A 1 111 ? -6.764  1.529   4.103   1.00   18.65 ? 111  TRP A CA  1 
ATOM   927  C  C   . TRP A 1 111 ? -7.117  1.137   2.685   1.00   18.86 ? 111  TRP A C   1 
ATOM   928  O  O   . TRP A 1 111 ? -6.992  1.914   1.731   1.00   19.30 ? 111  TRP A O   1 
ATOM   929  C  CB  . TRP A 1 111 ? -5.497  0.813   4.624   1.00   18.73 ? 111  TRP A CB  1 
ATOM   930  C  CG  . TRP A 1 111 ? -4.153  1.235   3.986   1.00   17.70 ? 111  TRP A CG  1 
ATOM   931  C  CD1 . TRP A 1 111 ? -3.135  1.914   4.639   1.00   19.00 ? 111  TRP A CD1 1 
ATOM   932  C  CD2 . TRP A 1 111 ? -3.623  0.885   2.686   1.00   18.09 ? 111  TRP A CD2 1 
ATOM   933  N  NE1 . TRP A 1 111 ? -2.049  2.094   3.777   1.00   17.66 ? 111  TRP A NE1 1 
ATOM   934  C  CE2 . TRP A 1 111 ? -2.302  1.441   2.597   1.00   17.98 ? 111  TRP A CE2 1 
ATOM   935  C  CE3 . TRP A 1 111 ? -4.138  0.217   1.573   1.00   18.27 ? 111  TRP A CE3 1 
ATOM   936  C  CZ2 . TRP A 1 111 ? -1.507  1.305   1.439   1.00   17.30 ? 111  TRP A CZ2 1 
ATOM   937  C  CZ3 . TRP A 1 111 ? -3.351  0.058   0.451   1.00   18.16 ? 111  TRP A CZ3 1 
ATOM   938  C  CH2 . TRP A 1 111 ? -2.027  0.641   0.390   1.00   18.61 ? 111  TRP A CH2 1 
ATOM   939  N  N   . LEU A 1 112 ? -7.586  -0.100  2.483   1.00   18.74 ? 112  LEU A N   1 
ATOM   940  C  CA  . LEU A 1 112 ? -7.871  -0.581  1.156   1.00   16.60 ? 112  LEU A CA  1 
ATOM   941  C  C   . LEU A 1 112 ? -9.110  0.081   0.488   1.00   17.42 ? 112  LEU A C   1 
ATOM   942  O  O   . LEU A 1 112 ? -9.151  0.192   -0.699  1.00   18.47 ? 112  LEU A O   1 
ATOM   943  C  CB  . LEU A 1 112 ? -8.104  -2.107  1.140   1.00   17.72 ? 112  LEU A CB  1 
ATOM   944  C  CG  . LEU A 1 112 ? -6.871  -2.921  1.481   1.00   16.99 ? 112  LEU A CG  1 
ATOM   945  C  CD1 . LEU A 1 112 ? -7.235  -4.325  1.981   1.00   17.81 ? 112  LEU A CD1 1 
ATOM   946  C  CD2 . LEU A 1 112 ? -5.931  -2.991  0.301   1.00   17.37 ? 112  LEU A CD2 1 
ATOM   947  N  N   . GLU A 1 113 ? -10.034 0.555   1.300   1.00   22.33 ? 113  GLU A N   1 
ATOM   948  C  CA  A GLU A 1 113 ? -11.183 1.375   0.847   0.60   22.54 ? 113  GLU A CA  1 
ATOM   949  C  CA  B GLU A 1 113 ? -11.145 1.338   0.769   0.40   23.84 ? 113  GLU A CA  1 
ATOM   950  C  C   . GLU A 1 113 ? -10.656 2.662   0.184   1.00   24.55 ? 113  GLU A C   1 
ATOM   951  O  O   . GLU A 1 113 ? -10.997 2.996   -0.936  1.00   24.63 ? 113  GLU A O   1 
ATOM   952  C  CB  A GLU A 1 113 ? -12.107 1.648   2.077   0.60   24.73 ? 113  GLU A CB  1 
ATOM   953  C  CB  B GLU A 1 113 ? -12.171 1.576   1.852   0.40   27.29 ? 113  GLU A CB  1 
ATOM   954  C  CG  A GLU A 1 113 ? -13.221 2.690   1.898   0.60   24.76 ? 113  GLU A CG  1 
ATOM   955  C  CG  B GLU A 1 113 ? -13.477 2.099   1.312   0.40   29.40 ? 113  GLU A CG  1 
ATOM   956  C  CD  A GLU A 1 113 ? -14.202 2.823   3.072   0.60   25.40 ? 113  GLU A CD  1 
ATOM   957  C  CD  B GLU A 1 113 ? -14.577 1.960   2.321   0.40   31.73 ? 113  GLU A CD  1 
ATOM   958  O  OE1 A GLU A 1 113 ? -14.117 2.093   4.091   0.60   23.18 ? 113  GLU A OE1 1 
ATOM   959  O  OE1 B GLU A 1 113 ? -14.699 0.853   2.882   0.40   30.04 ? 113  GLU A OE1 1 
ATOM   960  O  OE2 A GLU A 1 113 ? -15.107 3.695   2.949   0.60   28.97 ? 113  GLU A OE2 1 
ATOM   961  O  OE2 B GLU A 1 113 ? -15.301 2.963   2.551   0.40   35.77 ? 113  GLU A OE2 1 
ATOM   962  N  N   . HIS A 1 114 ? -9.812  3.383   0.923   1.00   23.52 ? 114  HIS A N   1 
ATOM   963  C  CA  . HIS A 1 114 ? -9.185  4.621   0.407   1.00   23.54 ? 114  HIS A CA  1 
ATOM   964  C  C   . HIS A 1 114 ? -8.414  4.374   -0.833  1.00   21.95 ? 114  HIS A C   1 
ATOM   965  O  O   . HIS A 1 114 ? -8.564  5.091   -1.806  1.00   22.64 ? 114  HIS A O   1 
ATOM   966  C  CB  . HIS A 1 114 ? -8.276  5.214   1.466   1.00   22.18 ? 114  HIS A CB  1 
ATOM   967  C  CG  . HIS A 1 114 ? -8.996  5.794   2.629   1.00   21.85 ? 114  HIS A CG  1 
ATOM   968  N  ND1 . HIS A 1 114 ? -10.056 6.672   2.495   1.00   25.47 ? 114  HIS A ND1 1 
ATOM   969  C  CD2 . HIS A 1 114 ? -8.792  5.649   3.952   1.00   22.99 ? 114  HIS A CD2 1 
ATOM   970  C  CE1 . HIS A 1 114 ? -10.479 7.016   3.695   1.00   24.04 ? 114  HIS A CE1 1 
ATOM   971  N  NE2 . HIS A 1 114 ? -9.728  6.415   4.597   1.00   25.37 ? 114  HIS A NE2 1 
ATOM   972  N  N   . MET A 1 115 ? -7.619  3.286   -0.858  1.00   21.28 ? 115  MET A N   1 
ATOM   973  C  CA  . MET A 1 115 ? -6.845  2.978   -2.030  1.00   20.21 ? 115  MET A CA  1 
ATOM   974  C  C   . MET A 1 115 ? -7.692  2.586   -3.271  1.00   22.45 ? 115  MET A C   1 
ATOM   975  O  O   . MET A 1 115 ? -7.383  2.944   -4.404  1.00   22.72 ? 115  MET A O   1 
ATOM   976  C  CB  . MET A 1 115 ? -5.836  1.868   -1.724  1.00   21.13 ? 115  MET A CB  1 
ATOM   977  C  CG  . MET A 1 115 ? -4.845  1.670   -2.855  1.00   20.81 ? 115  MET A CG  1 
ATOM   978  S  SD  . MET A 1 115 ? -3.855  3.127   -3.438  1.00   23.33 ? 115  MET A SD  1 
ATOM   979  C  CE  . MET A 1 115 ? -2.595  3.151   -2.156  1.00   23.53 ? 115  MET A CE  1 
ATOM   980  N  N   . GLN A 1 116 ? -8.750  1.816   -3.049  1.00   24.42 ? 116  GLN A N   1 
ATOM   981  C  CA  . GLN A 1 116 ? -9.678  1.506   -4.130  1.00   25.20 ? 116  GLN A CA  1 
ATOM   982  C  C   . GLN A 1 116 ? -10.245 2.821   -4.712  1.00   24.55 ? 116  GLN A C   1 
ATOM   983  O  O   . GLN A 1 116 ? -10.267 2.984   -5.911  1.00   28.87 ? 116  GLN A O   1 
ATOM   984  C  CB  . GLN A 1 116 ? -10.825 0.628   -3.612  1.00   26.65 ? 116  GLN A CB  1 
ATOM   985  C  CG  . GLN A 1 116 ? -11.792 0.198   -4.719  1.00   29.07 ? 116  GLN A CG  1 
ATOM   986  C  CD  . GLN A 1 116 ? -11.137 -0.702  -5.718  1.00   30.47 ? 116  GLN A CD  1 
ATOM   987  O  OE1 . GLN A 1 116 ? -10.806 -1.832  -5.406  1.00   32.62 ? 116  GLN A OE1 1 
ATOM   988  N  NE2 . GLN A 1 116 ? -10.942 -0.217  -6.912  1.00   32.97 ? 116  GLN A NE2 1 
ATOM   989  N  N   . ASN A 1 117 ? -10.665 3.723   -3.835  1.00   27.91 ? 117  ASN A N   1 
ATOM   990  C  CA  . ASN A 1 117 ? -11.221 5.030   -4.273  1.00   28.65 ? 117  ASN A CA  1 
ATOM   991  C  C   . ASN A 1 117 ? -10.160 5.786   -5.083  1.00   30.83 ? 117  ASN A C   1 
ATOM   992  O  O   . ASN A 1 117 ? -10.433 6.289   -6.173  1.00   30.27 ? 117  ASN A O   1 
ATOM   993  C  CB  . ASN A 1 117 ? -11.761 5.828   -3.086  1.00   29.68 ? 117  ASN A CB  1 
ATOM   994  C  CG  . ASN A 1 117 ? -12.992 5.174   -2.438  1.00   29.50 ? 117  ASN A CG  1 
ATOM   995  O  OD1 . ASN A 1 117 ? -13.673 4.412   -3.088  1.00   34.25 ? 117  ASN A OD1 1 
ATOM   996  N  ND2 . ASN A 1 117 ? -13.226 5.421   -1.165  1.00   30.33 ? 117  ASN A ND2 1 
ATOM   997  N  N   . ALA A 1 118 ? -8.914  5.775   -4.597  1.00   27.67 ? 118  ALA A N   1 
ATOM   998  C  CA  . ALA A 1 118 ? -7.789  6.337   -5.364  1.00   26.61 ? 118  ALA A CA  1 
ATOM   999  C  C   . ALA A 1 118 ? -7.537  5.698   -6.719  1.00   28.34 ? 118  ALA A C   1 
ATOM   1000 O  O   . ALA A 1 118 ? -7.296  6.389   -7.720  1.00   28.93 ? 118  ALA A O   1 
ATOM   1001 C  CB  . ALA A 1 118 ? -6.509  6.372   -4.508  1.00   25.00 ? 118  ALA A CB  1 
ATOM   1002 N  N   . LEU A 1 119 ? -7.575  4.368   -6.789  1.00   28.08 ? 119  LEU A N   1 
ATOM   1003 C  CA  . LEU A 1 119 ? -7.499  3.701   -8.070  1.00   27.90 ? 119  LEU A CA  1 
ATOM   1004 C  C   . LEU A 1 119 ? -8.698  4.040   -8.994  1.00   29.42 ? 119  LEU A C   1 
ATOM   1005 O  O   . LEU A 1 119 ? -8.491  4.214   -10.183 1.00   33.23 ? 119  LEU A O   1 
ATOM   1006 C  CB  . LEU A 1 119 ? -7.425  2.187   -7.880  1.00   27.77 ? 119  LEU A CB  1 
ATOM   1007 C  CG  . LEU A 1 119 ? -6.068  1.662   -7.381  1.00   27.86 ? 119  LEU A CG  1 
ATOM   1008 C  CD1 . LEU A 1 119 ? -6.289  0.225   -6.944  1.00   29.36 ? 119  LEU A CD1 1 
ATOM   1009 C  CD2 . LEU A 1 119 ? -4.981  1.724   -8.415  1.00   27.59 ? 119  LEU A CD2 1 
ATOM   1010 N  N   . ASP A 1 120 ? -9.907  4.092   -8.437  1.00   34.28 ? 120  ASP A N   1 
ATOM   1011 C  CA  . ASP A 1 120 ? -11.130 4.444   -9.208  1.00   38.61 ? 120  ASP A CA  1 
ATOM   1012 C  C   . ASP A 1 120 ? -11.008 5.865   -9.805  1.00   41.96 ? 120  ASP A C   1 
ATOM   1013 O  O   . ASP A 1 120 ? -11.447 6.101   -10.926 1.00   44.13 ? 120  ASP A O   1 
ATOM   1014 C  CB  . ASP A 1 120 ? -12.403 4.387   -8.335  1.00   37.81 ? 120  ASP A CB  1 
ATOM   1015 C  CG  . ASP A 1 120 ? -12.816 2.969   -7.934  1.00   36.01 ? 120  ASP A CG  1 
ATOM   1016 O  OD1 . ASP A 1 120 ? -12.288 1.981   -8.462  1.00   33.10 ? 120  ASP A OD1 1 
ATOM   1017 O  OD2 . ASP A 1 120 ? -13.677 2.870   -7.049  1.00   39.68 ? 120  ASP A OD2 1 
ATOM   1018 N  N   . ASP A 1 121 ? -10.415 6.793   -9.045  1.00   43.92 ? 121  ASP A N   1 
ATOM   1019 C  CA  . ASP A 1 121 ? -10.128 8.171   -9.527  1.00   42.07 ? 121  ASP A CA  1 
ATOM   1020 C  C   . ASP A 1 121 ? -9.056  8.325   -10.584 1.00   43.22 ? 121  ASP A C   1 
ATOM   1021 O  O   . ASP A 1 121 ? -8.976  9.381   -11.191 1.00   45.03 ? 121  ASP A O   1 
ATOM   1022 C  CB  . ASP A 1 121 ? -9.675  9.062   -8.383  1.00   40.25 ? 121  ASP A CB  1 
ATOM   1023 C  CG  . ASP A 1 121 ? -10.787 9.485   -7.506  1.00   42.96 ? 121  ASP A CG  1 
ATOM   1024 O  OD1 . ASP A 1 121 ? -11.951 9.219   -7.853  1.00   48.75 ? 121  ASP A OD1 1 
ATOM   1025 O  OD2 . ASP A 1 121 ? -10.499 10.069  -6.440  1.00   38.07 ? 121  ASP A OD2 1 
ATOM   1026 N  N   . SER A 1 122 ? -8.201  7.324   -10.783 1.00   42.65 ? 122  SER A N   1 
ATOM   1027 C  CA  A SER A 1 122 ? -7.055  7.429   -11.693 0.50   42.49 ? 122  SER A CA  1 
ATOM   1028 C  CA  B SER A 1 122 ? -7.061  7.493   -11.688 0.50   42.85 ? 122  SER A CA  1 
ATOM   1029 C  C   . SER A 1 122 ? -7.490  7.526   -13.152 1.00   44.97 ? 122  SER A C   1 
ATOM   1030 O  O   . SER A 1 122 ? -8.557  7.090   -13.494 1.00   48.18 ? 122  SER A O   1 
ATOM   1031 C  CB  A SER A 1 122 ? -6.152  6.207   -11.531 0.50   43.31 ? 122  SER A CB  1 
ATOM   1032 C  CB  B SER A 1 122 ? -6.020  6.401   -11.464 0.50   43.44 ? 122  SER A CB  1 
ATOM   1033 O  OG  A SER A 1 122 ? -6.893  5.005   -11.722 0.50   40.52 ? 122  SER A OG  1 
ATOM   1034 O  OG  B SER A 1 122 ? -5.532  6.451   -10.136 0.50   42.51 ? 122  SER A OG  1 
ATOM   1035 N  N   . VAL A 1 123 ? -6.636  8.079   -14.006 1.00   45.81 ? 123  VAL A N   1 
ATOM   1036 C  CA  . VAL A 1 123 ? -6.874  8.070   -15.455 1.00   48.84 ? 123  VAL A CA  1 
ATOM   1037 C  C   . VAL A 1 123 ? -5.873  7.186   -16.167 1.00   46.61 ? 123  VAL A C   1 
ATOM   1038 O  O   . VAL A 1 123 ? -6.220  6.483   -17.104 1.00   50.39 ? 123  VAL A O   1 
ATOM   1039 C  CB  . VAL A 1 123 ? -6.775  9.481   -16.060 1.00   47.03 ? 123  VAL A CB  1 
ATOM   1040 C  CG1 . VAL A 1 123 ? -7.016  9.529   -17.601 0.0000 58.90 ? 123  VAL A CG1 1 
ATOM   1041 C  CG2 . VAL A 1 123 ? -7.827  10.370  -15.434 1.00   46.50 ? 123  VAL A CG2 1 
ATOM   1042 N  N   . ASP A 1 124 ? -4.633  7.199   -15.703 1.00   45.25 ? 124  ASP A N   1 
ATOM   1043 C  CA  . ASP A 1 124 ? -3.551  6.538   -16.413 1.00   45.60 ? 124  ASP A CA  1 
ATOM   1044 C  C   . ASP A 1 124 ? -3.281  5.085   -15.976 1.00   42.67 ? 124  ASP A C   1 
ATOM   1045 O  O   . ASP A 1 124 ? -2.234  4.530   -16.326 1.00   42.12 ? 124  ASP A O   1 
ATOM   1046 C  CB  . ASP A 1 124 ? -2.267  7.398   -16.301 1.00   50.79 ? 124  ASP A CB  1 
ATOM   1047 C  CG  . ASP A 1 124 ? -2.267  8.593   -17.272 1.00   56.46 ? 124  ASP A CG  1 
ATOM   1048 O  OD1 . ASP A 1 124 ? -3.026  8.553   -18.271 1.00   60.48 ? 124  ASP A OD1 1 
ATOM   1049 O  OD2 . ASP A 1 124 ? -1.506  9.569   -17.045 1.00   59.81 ? 124  ASP A OD2 1 
ATOM   1050 N  N   . ILE A 1 125 ? -4.211  4.460   -15.245 1.00   37.54 ? 125  ILE A N   1 
ATOM   1051 C  CA  . ILE A 1 125 ? -4.041  3.050   -14.872 1.00   34.14 ? 125  ILE A CA  1 
ATOM   1052 C  C   . ILE A 1 125 ? -5.117  2.157   -15.539 1.00   33.26 ? 125  ILE A C   1 
ATOM   1053 O  O   . ILE A 1 125 ? -6.299  2.312   -15.293 1.00   34.53 ? 125  ILE A O   1 
ATOM   1054 C  CB  . ILE A 1 125 ? -4.052  2.861   -13.347 1.00   32.34 ? 125  ILE A CB  1 
ATOM   1055 C  CG1 . ILE A 1 125 ? -3.059  3.830   -12.681 1.00   32.72 ? 125  ILE A CG1 1 
ATOM   1056 C  CG2 . ILE A 1 125 ? -3.658  1.429   -12.990 1.00   31.22 ? 125  ILE A CG2 1 
ATOM   1057 C  CD1 . ILE A 1 125 ? -3.227  3.966   -11.190 1.00   31.52 ? 125  ILE A CD1 1 
ATOM   1058 N  N   . ASP A 1 126 ? -4.665  1.212   -16.339 1.00   33.69 ? 126  ASP A N   1 
ATOM   1059 C  CA  . ASP A 1 126 ? -5.558  0.310   -17.067 1.00   34.66 ? 126  ASP A CA  1 
ATOM   1060 C  C   . ASP A 1 126 ? -6.128  -0.728  -16.122 1.00   35.33 ? 126  ASP A C   1 
ATOM   1061 O  O   . ASP A 1 126 ? -5.602  -0.955  -15.016 1.00   29.08 ? 126  ASP A O   1 
ATOM   1062 C  CB  . ASP A 1 126 ? -4.797  -0.388  -18.178 1.00   34.01 ? 126  ASP A CB  1 
ATOM   1063 C  CG  . ASP A 1 126 ? -3.607  -1.166  -17.665 1.00   38.48 ? 126  ASP A CG  1 
ATOM   1064 O  OD1 . ASP A 1 126 ? -2.595  -0.519  -17.260 1.00   37.01 ? 126  ASP A OD1 1 
ATOM   1065 O  OD2 . ASP A 1 126 ? -3.677  -2.409  -17.655 1.00   33.55 ? 126  ASP A OD2 1 
ATOM   1066 N  N   . GLN A 1 127 ? -7.196  -1.385  -16.553 1.00   33.52 ? 127  GLN A N   1 
ATOM   1067 C  CA  . GLN A 1 127 ? -7.867  -2.372  -15.710 1.00   32.25 ? 127  GLN A CA  1 
ATOM   1068 C  C   . GLN A 1 127 ? -6.990  -3.549  -15.276 1.00   29.60 ? 127  GLN A C   1 
ATOM   1069 O  O   . GLN A 1 127 ? -7.074  -3.922  -14.106 1.00   30.70 ? 127  GLN A O   1 
ATOM   1070 C  CB  . GLN A 1 127 ? -9.183  -2.865  -16.368 1.00   37.12 ? 127  GLN A CB  1 
ATOM   1071 C  CG  . GLN A 1 127 ? -9.962  -3.930  -15.572 1.00   40.30 ? 127  GLN A CG  1 
ATOM   1072 C  CD  . GLN A 1 127 ? -10.612 -3.452  -14.265 1.00   46.50 ? 127  GLN A CD  1 
ATOM   1073 O  OE1 . GLN A 1 127 ? -10.590 -2.264  -13.906 1.00   41.13 ? 127  GLN A OE1 1 
ATOM   1074 N  NE2 . GLN A 1 127 ? -11.239 -4.409  -13.553 1.00   49.54 ? 127  GLN A NE2 1 
ATOM   1075 N  N   . ASP A 1 128 ? -6.148  -4.105  -16.157 1.00   25.54 ? 128  ASP A N   1 
ATOM   1076 C  CA  . ASP A 1 128 ? -5.286  -5.239  -15.824 1.00   29.32 ? 128  ASP A CA  1 
ATOM   1077 C  C   . ASP A 1 128 ? -4.334  -4.814  -14.687 1.00   28.23 ? 128  ASP A C   1 
ATOM   1078 O  O   . ASP A 1 128 ? -4.086  -5.588  -13.744 1.00   25.90 ? 128  ASP A O   1 
ATOM   1079 C  CB  . ASP A 1 128 ? -4.468  -5.729  -17.025 1.00   31.90 ? 128  ASP A CB  1 
ATOM   1080 C  CG  . ASP A 1 128 ? -3.495  -6.882  -16.682 1.00   36.02 ? 128  ASP A CG  1 
ATOM   1081 O  OD1 . ASP A 1 128 ? -3.939  -8.043  -16.502 1.00   39.24 ? 128  ASP A OD1 1 
ATOM   1082 O  OD2 . ASP A 1 128 ? -2.256  -6.654  -16.608 1.00   39.28 ? 128  ASP A OD2 1 
ATOM   1083 N  N   . SER A 1 129 ? -3.796  -3.598  -14.819 1.00   27.28 ? 129  SER A N   1 
ATOM   1084 C  CA  . SER A 1 129 ? -2.883  -3.036  -13.821 1.00   26.56 ? 129  SER A CA  1 
ATOM   1085 C  C   . SER A 1 129 ? -3.600  -2.819  -12.495 1.00   25.10 ? 129  SER A C   1 
ATOM   1086 O  O   . SER A 1 129 ? -3.035  -3.135  -11.436 1.00   25.09 ? 129  SER A O   1 
ATOM   1087 C  CB  . SER A 1 129 ? -2.228  -1.744  -14.327 1.00   26.81 ? 129  SER A CB  1 
ATOM   1088 O  OG  . SER A 1 129 ? -1.399  -2.062  -15.434 1.00   27.70 ? 129  SER A OG  1 
ATOM   1089 N  N   . LYS A 1 130 ? -4.810  -2.267  -12.518 1.00   23.07 ? 130  LYS A N   1 
ATOM   1090 C  CA  . LYS A 1 130 ? -5.549  -2.030  -11.288 1.00   23.62 ? 130  LYS A CA  1 
ATOM   1091 C  C   . LYS A 1 130 ? -5.822  -3.321  -10.543 1.00   23.24 ? 130  LYS A C   1 
ATOM   1092 O  O   . LYS A 1 130 ? -5.731  -3.356  -9.321  1.00   22.68 ? 130  LYS A O   1 
ATOM   1093 C  CB  . LYS A 1 130 ? -6.896  -1.362  -11.512 1.00   26.40 ? 130  LYS A CB  1 
ATOM   1094 C  CG  . LYS A 1 130 ? -6.869  0.088   -11.918 1.00   29.61 ? 130  LYS A CG  1 
ATOM   1095 C  CD  . LYS A 1 130 ? -8.311  0.546   -12.152 1.00   34.55 ? 130  LYS A CD  1 
ATOM   1096 C  CE  . LYS A 1 130 ? -8.360  1.873   -12.884 1.00   37.79 ? 130  LYS A CE  1 
ATOM   1097 N  NZ  . LYS A 1 130 ? -9.644  2.569   -12.647 1.00   40.76 ? 130  LYS A NZ  1 
ATOM   1098 N  N   . ILE A 1 131 ? -6.145  -4.381  -11.284 1.00   23.28 ? 131  ILE A N   1 
ATOM   1099 C  CA  . ILE A 1 131 ? -6.431  -5.663  -10.661 1.00   22.76 ? 131  ILE A CA  1 
ATOM   1100 C  C   . ILE A 1 131 ? -5.171  -6.192  -9.977  1.00   19.93 ? 131  ILE A C   1 
ATOM   1101 O  O   . ILE A 1 131 ? -5.217  -6.654  -8.835  1.00   19.69 ? 131  ILE A O   1 
ATOM   1102 C  CB  . ILE A 1 131 ? -6.949  -6.682  -11.696 1.00   23.99 ? 131  ILE A CB  1 
ATOM   1103 C  CG1 . ILE A 1 131 ? -8.352  -6.297  -12.168 1.00   25.92 ? 131  ILE A CG1 1 
ATOM   1104 C  CG2 . ILE A 1 131 ? -6.985  -8.092  -11.121 1.00   25.76 ? 131  ILE A CG2 1 
ATOM   1105 C  CD1 . ILE A 1 131 ? -8.703  -6.947  -13.494 1.00   26.85 ? 131  ILE A CD1 1 
ATOM   1106 N  N   . LYS A 1 132 ? -4.044  -6.121  -10.685 1.00   20.09 ? 132  LYS A N   1 
ATOM   1107 C  CA  . LYS A 1 132 ? -2.770  -6.650  -10.148 1.00   20.51 ? 132  LYS A CA  1 
ATOM   1108 C  C   . LYS A 1 132 ? -2.337  -5.851  -8.919  1.00   19.26 ? 132  LYS A C   1 
ATOM   1109 O  O   . LYS A 1 132 ? -1.866  -6.436  -7.929  1.00   19.19 ? 132  LYS A O   1 
ATOM   1110 C  CB  . LYS A 1 132 ? -1.653  -6.580  -11.198 1.00   23.75 ? 132  LYS A CB  1 
ATOM   1111 C  CG  . LYS A 1 132 ? -1.631  -7.733  -12.205 1.00   28.63 ? 132  LYS A CG  1 
ATOM   1112 C  CD  . LYS A 1 132 ? -0.692  -7.359  -13.333 1.00   31.24 ? 132  LYS A CD  1 
ATOM   1113 C  CE  . LYS A 1 132 ? -0.526  -8.459  -14.359 1.00   37.24 ? 132  LYS A CE  1 
ATOM   1114 N  NZ  . LYS A 1 132 ? 0.428   -7.949  -15.390 0.50   35.78 ? 132  LYS A NZ  1 
ATOM   1115 N  N   . MET A 1 133 ? -2.480  -4.531  -9.000  1.00   18.15 ? 133  MET A N   1 
ATOM   1116 C  CA  . MET A 1 133 ? -2.082  -3.657  -7.885  1.00   19.03 ? 133  MET A CA  1 
ATOM   1117 C  C   . MET A 1 133 ? -2.941  -3.905  -6.650  1.00   17.90 ? 133  MET A C   1 
ATOM   1118 O  O   . MET A 1 133 ? -2.429  -4.002  -5.564  1.00   15.51 ? 133  MET A O   1 
ATOM   1119 C  CB  . MET A 1 133 ? -2.046  -2.192  -8.303  1.00   19.57 ? 133  MET A CB  1 
ATOM   1120 C  CG  . MET A 1 133 ? -1.044  -1.934  -9.426  1.00   22.21 ? 133  MET A CG  1 
ATOM   1121 S  SD  . MET A 1 133 ? -1.223  -0.274  -10.124 1.00   28.12 ? 133  MET A SD  1 
ATOM   1122 C  CE  . MET A 1 133 ? -0.591  0.712   -8.808  1.00   27.71 ? 133  MET A CE  1 
ATOM   1123 N  N   . MET A 1 134 ? -4.263  -4.026  -6.807  1.00   17.28 ? 134  MET A N   1 
ATOM   1124 C  CA  A MET A 1 134 ? -5.100  -4.277  -5.641  0.50   15.97 ? 134  MET A CA  1 
ATOM   1125 C  CA  B MET A 1 134 ? -5.139  -4.306  -5.675  0.50   18.02 ? 134  MET A CA  1 
ATOM   1126 C  C   . MET A 1 134 ? -4.886  -5.676  -5.064  1.00   15.52 ? 134  MET A C   1 
ATOM   1127 O  O   . MET A 1 134 ? -4.972  -5.838  -3.856  1.00   16.97 ? 134  MET A O   1 
ATOM   1128 C  CB  A MET A 1 134 ? -6.585  -4.016  -5.922  0.50   15.76 ? 134  MET A CB  1 
ATOM   1129 C  CB  B MET A 1 134 ? -6.609  -4.173  -6.085  0.50   20.60 ? 134  MET A CB  1 
ATOM   1130 C  CG  A MET A 1 134 ? -7.456  -4.282  -4.703  0.50   15.11 ? 134  MET A CG  1 
ATOM   1131 C  CG  B MET A 1 134 ? -7.043  -2.732  -6.189  0.50   23.07 ? 134  MET A CG  1 
ATOM   1132 S  SD  A MET A 1 134 ? -7.003  -3.395  -3.178  0.50   15.77 ? 134  MET A SD  1 
ATOM   1133 S  SD  B MET A 1 134 ? -6.936  -1.816  -4.641  0.50   28.11 ? 134  MET A SD  1 
ATOM   1134 C  CE  A MET A 1 134 ? -7.803  -1.812  -3.389  0.50   15.97 ? 134  MET A CE  1 
ATOM   1135 C  CE  B MET A 1 134 ? -7.485  -3.016  -3.436  0.50   27.23 ? 134  MET A CE  1 
ATOM   1136 N  N   . LYS A 1 135 ? -4.573  -6.690  -5.876  1.00   15.67 ? 135  LYS A N   1 
ATOM   1137 C  CA  A LYS A 1 135 ? -4.234  -7.998  -5.309  0.50   15.96 ? 135  LYS A CA  1 
ATOM   1138 C  CA  B LYS A 1 135 ? -4.236  -7.998  -5.312  0.50   15.90 ? 135  LYS A CA  1 
ATOM   1139 C  C   . LYS A 1 135 ? -2.980  -7.855  -4.421  1.00   15.76 ? 135  LYS A C   1 
ATOM   1140 O  O   . LYS A 1 135 ? -2.914  -8.393  -3.305  1.00   15.75 ? 135  LYS A O   1 
ATOM   1141 C  CB  A LYS A 1 135 ? -3.988  -9.054  -6.389  0.50   17.14 ? 135  LYS A CB  1 
ATOM   1142 C  CB  B LYS A 1 135 ? -3.997  -9.054  -6.398  0.50   16.91 ? 135  LYS A CB  1 
ATOM   1143 C  CG  A LYS A 1 135 ? -5.249  -9.585  -7.062  0.50   18.44 ? 135  LYS A CG  1 
ATOM   1144 C  CG  B LYS A 1 135 ? -5.241  -9.447  -7.195  0.50   18.09 ? 135  LYS A CG  1 
ATOM   1145 C  CD  A LYS A 1 135 ? -4.889  -10.398 -8.295  0.50   19.05 ? 135  LYS A CD  1 
ATOM   1146 C  CD  B LYS A 1 135 ? -6.173  -10.359 -6.405  0.50   18.08 ? 135  LYS A CD  1 
ATOM   1147 C  CE  A LYS A 1 135 ? -6.115  -10.928 -9.032  0.50   19.89 ? 135  LYS A CE  1 
ATOM   1148 C  CE  B LYS A 1 135 ? -7.359  -10.854 -7.249  0.50   19.95 ? 135  LYS A CE  1 
ATOM   1149 N  NZ  A LYS A 1 135 ? -5.683  -11.947 -10.019 0.50   20.39 ? 135  LYS A NZ  1 
ATOM   1150 N  NZ  B LYS A 1 135 ? -8.213  -11.778 -6.457  0.50   20.41 ? 135  LYS A NZ  1 
ATOM   1151 N  N   . PHE A 1 136 ? -1.994  -7.137  -4.937  1.00   15.60 ? 136  PHE A N   1 
ATOM   1152 C  CA  . PHE A 1 136 ? -0.753  -6.855  -4.193  1.00   15.07 ? 136  PHE A CA  1 
ATOM   1153 C  C   . PHE A 1 136 ? -1.044  -6.073  -2.920  1.00   15.52 ? 136  PHE A C   1 
ATOM   1154 O  O   . PHE A 1 136 ? -0.570  -6.420  -1.844  1.00   15.33 ? 136  PHE A O   1 
ATOM   1155 C  CB  . PHE A 1 136 ? 0.225   -6.115  -5.113  1.00   16.13 ? 136  PHE A CB  1 
ATOM   1156 C  CG  . PHE A 1 136 ? 1.441   -5.563  -4.410  1.00   16.52 ? 136  PHE A CG  1 
ATOM   1157 C  CD1 . PHE A 1 136 ? 2.490   -6.398  -4.062  1.00   16.45 ? 136  PHE A CD1 1 
ATOM   1158 C  CD2 . PHE A 1 136 ? 1.540   -4.217  -4.117  1.00   18.34 ? 136  PHE A CD2 1 
ATOM   1159 C  CE1 . PHE A 1 136 ? 3.632   -5.885  -3.430  1.00   16.21 ? 136  PHE A CE1 1 
ATOM   1160 C  CE2 . PHE A 1 136 ? 2.662   -3.716  -3.460  1.00   17.81 ? 136  PHE A CE2 1 
ATOM   1161 C  CZ  . PHE A 1 136 ? 3.704   -4.544  -3.140  1.00   17.80 ? 136  PHE A CZ  1 
ATOM   1162 N  N   . PHE A 1 137 ? -1.850  -5.022  -3.016  1.00   15.69 ? 137  PHE A N   1 
ATOM   1163 C  CA  . PHE A 1 137 ? -2.125  -4.218  -1.838  1.00   15.49 ? 137  PHE A CA  1 
ATOM   1164 C  C   . PHE A 1 137 ? -2.885  -5.020  -0.805  1.00   15.67 ? 137  PHE A C   1 
ATOM   1165 O  O   . PHE A 1 137 ? -2.649  -4.856  0.378   1.00   14.99 ? 137  PHE A O   1 
ATOM   1166 C  CB  . PHE A 1 137 ? -2.963  -2.976  -2.159  1.00   15.73 ? 137  PHE A CB  1 
ATOM   1167 C  CG  . PHE A 1 137 ? -2.309  -1.991  -3.068  1.00   16.98 ? 137  PHE A CG  1 
ATOM   1168 C  CD1 . PHE A 1 137 ? -0.938  -1.765  -3.019  1.00   17.54 ? 137  PHE A CD1 1 
ATOM   1169 C  CD2 . PHE A 1 137 ? -3.080  -1.264  -3.969  1.00   17.50 ? 137  PHE A CD2 1 
ATOM   1170 C  CE1 . PHE A 1 137 ? -0.364  -0.836  -3.893  1.00   17.80 ? 137  PHE A CE1 1 
ATOM   1171 C  CE2 . PHE A 1 137 ? -2.518  -0.360  -4.842  1.00   18.29 ? 137  PHE A CE2 1 
ATOM   1172 C  CZ  . PHE A 1 137 ? -1.159  -0.124  -4.794  1.00   17.97 ? 137  PHE A CZ  1 
ATOM   1173 N  N   . ARG A 1 138 ? -3.899  -5.772  -1.254  1.00   15.25 ? 138  ARG A N   1 
ATOM   1174 C  CA  . ARG A 1 138 ? -4.779  -6.498  -0.310  1.00   15.14 ? 138  ARG A CA  1 
ATOM   1175 C  C   . ARG A 1 138 ? -4.001  -7.562  0.435   1.00   14.67 ? 138  ARG A C   1 
ATOM   1176 O  O   . ARG A 1 138 ? -4.046  -7.636  1.663   1.00   14.31 ? 138  ARG A O   1 
ATOM   1177 C  CB  . ARG A 1 138 ? -6.033  -7.096  -1.052  1.00   15.26 ? 138  ARG A CB  1 
ATOM   1178 C  CG  . ARG A 1 138 ? -7.021  -7.751  -0.070  1.00   16.58 ? 138  ARG A CG  1 
ATOM   1179 C  CD  . ARG A 1 138 ? -8.388  -8.153  -0.683  1.00   15.58 ? 138  ARG A CD  1 
ATOM   1180 N  NE  . ARG A 1 138 ? -9.217  -8.704  0.387   1.00   16.07 ? 138  ARG A NE  1 
ATOM   1181 C  CZ  . ARG A 1 138 ? -9.915  -7.972  1.257   1.00   16.40 ? 138  ARG A CZ  1 
ATOM   1182 N  NH1 . ARG A 1 138 ? -9.945  -6.666  1.137   1.00   18.37 ? 138  ARG A NH1 1 
ATOM   1183 N  NH2 . ARG A 1 138 ? -10.565 -8.563  2.252   1.00   17.40 ? 138  ARG A NH2 1 
ATOM   1184 N  N   . HIS A 1 139 ? -3.241  -8.383  -0.285  1.00   15.10 ? 139  HIS A N   1 
ATOM   1185 C  CA  . HIS A 1 139 ? -2.402  -9.375  0.355   1.00   14.74 ? 139  HIS A CA  1 
ATOM   1186 C  C   . HIS A 1 139 ? -1.449  -8.703  1.340   1.00   15.11 ? 139  HIS A C   1 
ATOM   1187 O  O   . HIS A 1 139 ? -1.294  -9.148  2.454   1.00   14.05 ? 139  HIS A O   1 
ATOM   1188 C  CB  . HIS A 1 139 ? -1.592  -10.185 -0.660  1.00   16.70 ? 139  HIS A CB  1 
ATOM   1189 C  CG  . HIS A 1 139 ? -0.750  -11.275 -0.059  1.00   18.64 ? 139  HIS A CG  1 
ATOM   1190 N  ND1 . HIS A 1 139 ? 0.554   -11.081 0.333   1.00   23.29 ? 139  HIS A ND1 1 
ATOM   1191 C  CD2 . HIS A 1 139 ? -1.015  -12.563 0.186   1.00   20.14 ? 139  HIS A CD2 1 
ATOM   1192 C  CE1 . HIS A 1 139 ? 1.049   -12.205 0.807   1.00   20.31 ? 139  HIS A CE1 1 
ATOM   1193 N  NE2 . HIS A 1 139 ? 0.100   -13.114 0.737   1.00   23.30 ? 139  HIS A NE2 1 
ATOM   1194 N  N   . THR A 1 140 ? -0.810  -7.621  0.894   1.00   15.00 ? 140  THR A N   1 
ATOM   1195 C  CA  . THR A 1 140 ? 0.139   -6.903  1.785   1.00   14.40 ? 140  THR A CA  1 
ATOM   1196 C  C   . THR A 1 140 ? -0.491  -6.349  3.076   1.00   13.94 ? 140  THR A C   1 
ATOM   1197 O  O   . THR A 1 140 ? 0.048   -6.512  4.154   1.00   15.32 ? 140  THR A O   1 
ATOM   1198 C  CB  . THR A 1 140 ? 0.923   -5.825  1.017   1.00   14.48 ? 140  THR A CB  1 
ATOM   1199 O  OG1 . THR A 1 140 ? 1.569   -6.414  -0.120  1.00   14.45 ? 140  THR A OG1 1 
ATOM   1200 C  CG2 . THR A 1 140 ? 1.900   -5.150  1.916   1.00   14.12 ? 140  THR A CG2 1 
ATOM   1201 N  N   . ALA A 1 141 ? -1.675  -5.768  2.965   1.00   15.14 ? 141  ALA A N   1 
ATOM   1202 C  CA  . ALA A 1 141 ? -2.372  -5.200  4.109   1.00   13.78 ? 141  ALA A CA  1 
ATOM   1203 C  C   . ALA A 1 141 ? -2.580  -6.273  5.140   1.00   15.36 ? 141  ALA A C   1 
ATOM   1204 O  O   . ALA A 1 141 ? -2.322  -6.042  6.329   1.00   14.81 ? 141  ALA A O   1 
ATOM   1205 C  CB  . ALA A 1 141 ? -3.681  -4.535  3.657   1.00   14.65 ? 141  ALA A CB  1 
ATOM   1206 N  N   . PHE A 1 142 ? -3.005  -7.477  4.710   1.00   15.47 ? 142  PHE A N   1 
ATOM   1207 C  CA  . PHE A 1 142 ? -3.231  -8.600  5.641   1.00   14.63 ? 142  PHE A CA  1 
ATOM   1208 C  C   . PHE A 1 142 ? -1.967  -9.293  6.122   1.00   14.67 ? 142  PHE A C   1 
ATOM   1209 O  O   . PHE A 1 142 ? -1.940  -9.866  7.195   1.00   14.81 ? 142  PHE A O   1 
ATOM   1210 C  CB  . PHE A 1 142 ? -4.303  -9.551  5.074   1.00   15.04 ? 142  PHE A CB  1 
ATOM   1211 C  CG  . PHE A 1 142 ? -5.652  -8.927  5.121   1.00   14.85 ? 142  PHE A CG  1 
ATOM   1212 C  CD1 . PHE A 1 142 ? -6.320  -8.820  6.355   1.00   17.60 ? 142  PHE A CD1 1 
ATOM   1213 C  CD2 . PHE A 1 142 ? -6.215  -8.333  4.012   1.00   15.92 ? 142  PHE A CD2 1 
ATOM   1214 C  CE1 . PHE A 1 142 ? -7.558  -8.182  6.434   1.00   17.42 ? 142  PHE A CE1 1 
ATOM   1215 C  CE2 . PHE A 1 142 ? -7.461  -7.709  4.089   1.00   16.49 ? 142  PHE A CE2 1 
ATOM   1216 C  CZ  . PHE A 1 142 ? -8.113  -7.603  5.317   1.00   16.94 ? 142  PHE A CZ  1 
ATOM   1217 N  N   . PHE A 1 143 ? -0.894  -9.157  5.346   1.00   14.73 ? 143  PHE A N   1 
ATOM   1218 C  CA  . PHE A 1 143 ? 0.443   -9.541  5.801   1.00   14.74 ? 143  PHE A CA  1 
ATOM   1219 C  C   . PHE A 1 143 ? 0.860   -8.661  6.990   1.00   14.60 ? 143  PHE A C   1 
ATOM   1220 O  O   . PHE A 1 143 ? 1.437   -9.160  7.964   1.00   16.83 ? 143  PHE A O   1 
ATOM   1221 C  CB  . PHE A 1 143 ? 1.369   -9.462  4.588   1.00   15.58 ? 143  PHE A CB  1 
ATOM   1222 C  CG  . PHE A 1 143 ? 2.806   -9.833  4.849   1.00   16.01 ? 143  PHE A CG  1 
ATOM   1223 C  CD1 . PHE A 1 143 ? 3.187   -11.131 4.836   1.00   15.98 ? 143  PHE A CD1 1 
ATOM   1224 C  CD2 . PHE A 1 143 ? 3.771   -8.842  4.960   1.00   16.71 ? 143  PHE A CD2 1 
ATOM   1225 C  CE1 . PHE A 1 143 ? 4.527   -11.514 4.980   1.00   17.43 ? 143  PHE A CE1 1 
ATOM   1226 C  CE2 . PHE A 1 143 ? 5.112   -9.203  5.121   1.00   17.11 ? 143  PHE A CE2 1 
ATOM   1227 C  CZ  . PHE A 1 143 ? 5.483   -10.526 5.139   1.00   17.34 ? 143  PHE A CZ  1 
ATOM   1228 N  N   . LEU A 1 144 ? 0.565   -7.382  6.916   1.00   15.49 ? 144  LEU A N   1 
ATOM   1229 C  CA  . LEU A 1 144 ? 0.837   -6.442  8.020   1.00   16.41 ? 144  LEU A CA  1 
ATOM   1230 C  C   . LEU A 1 144 ? -0.041  -6.697  9.241   1.00   18.32 ? 144  LEU A C   1 
ATOM   1231 O  O   . LEU A 1 144 ? 0.419   -6.610  10.402  1.00   17.01 ? 144  LEU A O   1 
ATOM   1232 C  CB  . LEU A 1 144 ? 0.744   -5.027  7.531   1.00   16.92 ? 144  LEU A CB  1 
ATOM   1233 C  CG  . LEU A 1 144 ? 1.746   -4.598  6.422   1.00   16.94 ? 144  LEU A CG  1 
ATOM   1234 C  CD1 . LEU A 1 144 ? 1.524   -3.190  5.946   1.00   18.18 ? 144  LEU A CD1 1 
ATOM   1235 C  CD2 . LEU A 1 144 ? 3.167   -4.790  6.941   1.00   18.60 ? 144  LEU A CD2 1 
ATOM   1236 N  N   . VAL A 1 145 ? -1.278  -7.109  8.977   1.00   18.37 ? 145  VAL A N   1 
ATOM   1237 C  CA  . VAL A 1 145 ? -2.169  -7.564  10.059  1.00   18.76 ? 145  VAL A CA  1 
ATOM   1238 C  C   . VAL A 1 145 ? -1.579  -8.743  10.757  1.00   18.34 ? 145  VAL A C   1 
ATOM   1239 O  O   . VAL A 1 145 ? -1.487  -8.756  12.013  1.00   21.06 ? 145  VAL A O   1 
ATOM   1240 C  CB  . VAL A 1 145 ? -3.603  -7.878  9.553   1.00   18.50 ? 145  VAL A CB  1 
ATOM   1241 C  CG1 . VAL A 1 145 ? -4.437  -8.479  10.685  1.00   20.17 ? 145  VAL A CG1 1 
ATOM   1242 C  CG2 . VAL A 1 145 ? -4.255  -6.634  9.044   1.00   18.29 ? 145  VAL A CG2 1 
ATOM   1243 N  N   . ALA A 1 146 ? -1.118  -9.720  9.997   1.00   19.66 ? 146  ALA A N   1 
ATOM   1244 C  CA  . ALA A 1 146 ? -0.476  -10.898 10.563  1.00   19.47 ? 146  ALA A CA  1 
ATOM   1245 C  C   . ALA A 1 146 ? 0.772   -10.524 11.384  1.00   21.71 ? 146  ALA A C   1 
ATOM   1246 O  O   . ALA A 1 146 ? 0.962   -11.066 12.473  1.00   22.60 ? 146  ALA A O   1 
ATOM   1247 C  CB  . ALA A 1 146 ? -0.132  -11.901 9.484   1.00   20.79 ? 146  ALA A CB  1 
ATOM   1248 N  N   . GLY A 1 147 ? 1.551   -9.554  10.901  1.00   22.67 ? 147  GLY A N   1 
ATOM   1249 C  CA  . GLY A 1 147 ? 2.767   -9.090  11.589  1.00   24.40 ? 147  GLY A CA  1 
ATOM   1250 C  C   . GLY A 1 147 ? 2.419   -8.353  12.870  1.00   27.06 ? 147  GLY A C   1 
ATOM   1251 O  O   . GLY A 1 147 ? 3.126   -8.476  13.878  1.00   28.41 ? 147  GLY A O   1 
ATOM   1252 N  N   . ASN A 1 148 ? 1.324   -7.606  12.826  1.00   27.49 ? 148  ASN A N   1 
ATOM   1253 C  CA  . ASN A 1 148 ? 0.823   -6.830  13.953  1.00   30.75 ? 148  ASN A CA  1 
ATOM   1254 C  C   . ASN A 1 148 ? 0.437   -7.727  15.120  1.00   36.96 ? 148  ASN A C   1 
ATOM   1255 O  O   . ASN A 1 148 ? 0.685   -7.374  16.277  1.00   35.13 ? 148  ASN A O   1 
ATOM   1256 C  CB  . ASN A 1 148 ? -0.399  -6.029  13.523  1.00   31.58 ? 148  ASN A CB  1 
ATOM   1257 C  CG  . ASN A 1 148 ? -0.819  -4.987  14.562  1.00   32.65 ? 148  ASN A CG  1 
ATOM   1258 O  OD1 . ASN A 1 148 ? -0.151  -3.967  14.730  1.00   29.68 ? 148  ASN A OD1 1 
ATOM   1259 N  ND2 . ASN A 1 148 ? -1.938  -5.230  15.236  1.00   29.07 ? 148  ASN A ND2 1 
ATOM   1260 N  N   . GLU A 1 149 ? -0.176  -8.864  14.792  1.00   39.27 ? 149  GLU A N   1 
ATOM   1261 C  CA  . GLU A 1 149 ? -0.641  -9.866  15.762  1.00   45.72 ? 149  GLU A CA  1 
ATOM   1262 C  C   . GLU A 1 149 ? 0.490   -10.487 16.585  1.00   51.26 ? 149  GLU A C   1 
ATOM   1263 O  O   . GLU A 1 149 ? 0.237   -11.054 17.638  1.00   61.31 ? 149  GLU A O   1 
ATOM   1264 C  CB  . GLU A 1 149 ? -1.424  -10.996 15.044  1.00   44.17 ? 149  GLU A CB  1 
ATOM   1265 C  CG  . GLU A 1 149 ? -2.825  -10.645 14.533  1.00   43.60 ? 149  GLU A CG  1 
ATOM   1266 C  CD  . GLU A 1 149 ? -3.442  -11.757 13.676  0.50   42.78 ? 149  GLU A CD  1 
ATOM   1267 O  OE1 . GLU A 1 149 ? -2.774  -12.806 13.490  0.50   43.87 ? 149  GLU A OE1 1 
ATOM   1268 O  OE2 . GLU A 1 149 ? -4.581  -11.583 13.162  0.50   36.23 ? 149  GLU A OE2 1 
ATOM   1269 N  N   . LEU A 1 150 ? 1.726   -10.394 16.118  1.00   56.95 ? 150  LEU A N   1 
ATOM   1270 C  CA  . LEU A 1 150 ? 2.852   -11.024 16.800  1.00   59.72 ? 150  LEU A CA  1 
ATOM   1271 C  C   . LEU A 1 150 ? 3.762   -10.094 17.624  1.00   63.10 ? 150  LEU A C   1 
ATOM   1272 O  O   . LEU A 1 150 ? 4.721   -10.573 18.219  1.00   66.90 ? 150  LEU A O   1 
ATOM   1273 C  CB  . LEU A 1 150 ? 3.709   -11.763 15.762  1.00   62.21 ? 150  LEU A CB  1 
ATOM   1274 C  CG  . LEU A 1 150 ? 3.045   -12.940 15.044  1.00   61.34 ? 150  LEU A CG  1 
ATOM   1275 C  CD1 . LEU A 1 150 ? 3.950   -13.452 13.936  1.00   62.91 ? 150  LEU A CD1 1 
ATOM   1276 C  CD2 . LEU A 1 150 ? 2.699   -14.060 16.025  1.00   62.06 ? 150  LEU A CD2 1 
ATOM   1277 N  N   . LYS A 1 151 ? 3.474   -8.792  17.689  1.00   62.40 ? 151  LYS A N   1 
ATOM   1278 C  CA  . LYS A 1 151 ? 4.494   -7.811  18.144  1.00   64.91 ? 151  LYS A CA  1 
ATOM   1279 C  C   . LYS A 1 151 ? 4.556   -7.560  19.668  1.00   68.21 ? 151  LYS A C   1 
ATOM   1280 O  O   . LYS A 1 151 ? 3.659   -7.935  20.427  1.00   72.17 ? 151  LYS A O   1 
ATOM   1281 C  CB  . LYS A 1 151 ? 4.346   -6.476  17.375  1.00   57.54 ? 151  LYS A CB  1 
ATOM   1282 C  CG  . LYS A 1 151 ? 3.209   -5.574  17.844  1.00   51.19 ? 151  LYS A CG  1 
ATOM   1283 C  CD  . LYS A 1 151 ? 2.907   -4.455  16.852  1.00   45.38 ? 151  LYS A CD  1 
ATOM   1284 C  CE  . LYS A 1 151 ? 1.823   -3.568  17.411  1.00   39.28 ? 151  LYS A CE  1 
ATOM   1285 N  NZ  . LYS A 1 151 ? 1.461   -2.404  16.576  1.00   34.31 ? 151  LYS A NZ  1 
HETATM 1286 CL CL  . CL  B 2 .   ? 9.999   -6.210  8.249   0.50   18.51 ? 1152 CL  A CL  1 
HETATM 1287 O  O   . OH  C 3 .   ? 0.598   2.864   4.622   1.00   20.42 ? 1153 OH  A O   1 
HETATM 1288 C  CHA . HEM D 4 .   ? 3.900   3.872   6.313   1.00   18.45 ? 1157 HEM A CHA 1 
HETATM 1289 C  CHB . HEM D 4 .   ? -0.321  2.760   8.376   1.00   20.69 ? 1157 HEM A CHB 1 
HETATM 1290 C  CHC . HEM D 4 .   ? -0.858  -0.728  5.025   1.00   18.70 ? 1157 HEM A CHC 1 
HETATM 1291 C  CHD . HEM D 4 .   ? 3.288   0.547   2.882   1.00   16.47 ? 1157 HEM A CHD 1 
HETATM 1292 C  C1A . HEM D 4 .   ? 2.777   3.911   7.113   1.00   20.49 ? 1157 HEM A C1A 1 
HETATM 1293 C  C2A . HEM D 4 .   ? 2.553   4.874   8.141   1.00   19.98 ? 1157 HEM A C2A 1 
HETATM 1294 C  C3A . HEM D 4 .   ? 1.349   4.563   8.739   1.00   20.05 ? 1157 HEM A C3A 1 
HETATM 1295 C  C4A . HEM D 4 .   ? 0.853   3.411   8.074   1.00   19.12 ? 1157 HEM A C4A 1 
HETATM 1296 C  CMA . HEM D 4 .   ? 0.661   5.264   9.903   1.00   19.84 ? 1157 HEM A CMA 1 
HETATM 1297 C  CAA . HEM D 4 .   ? 3.473   6.052   8.487   1.00   20.64 ? 1157 HEM A CAA 1 
HETATM 1298 C  CBA . HEM D 4 .   ? 3.338   7.115   7.383   1.00   21.11 ? 1157 HEM A CBA 1 
HETATM 1299 C  CGA . HEM D 4 .   ? 4.722   7.601   6.912   1.00   26.81 ? 1157 HEM A CGA 1 
HETATM 1300 O  O1A . HEM D 4 .   ? 5.194   7.323   5.767   1.00   24.77 ? 1157 HEM A O1A 1 
HETATM 1301 O  O2A . HEM D 4 .   ? 5.407   8.292   7.725   1.00   25.67 ? 1157 HEM A O2A 1 
HETATM 1302 C  C1B . HEM D 4 .   ? -0.802  1.674   7.643   1.00   20.07 ? 1157 HEM A C1B 1 
HETATM 1303 C  C2B . HEM D 4 .   ? -2.046  0.979   7.977   1.00   22.06 ? 1157 HEM A C2B 1 
HETATM 1304 C  C3B . HEM D 4 .   ? -2.204  -0.005  7.035   1.00   20.21 ? 1157 HEM A C3B 1 
HETATM 1305 C  C4B . HEM D 4 .   ? -1.034  0.068   6.147   1.00   20.95 ? 1157 HEM A C4B 1 
HETATM 1306 C  CMB . HEM D 4 .   ? -2.981  1.282   9.160   1.00   22.96 ? 1157 HEM A CMB 1 
HETATM 1307 C  CAB . HEM D 4 .   ? -3.252  -1.050  7.051   1.00   21.65 ? 1157 HEM A CAB 1 
HETATM 1308 C  CBB . HEM D 4 .   ? -2.901  -2.301  6.775   1.00   22.17 ? 1157 HEM A CBB 1 
HETATM 1309 C  C1C . HEM D 4 .   ? 0.157   -0.644  4.094   1.00   17.07 ? 1157 HEM A C1C 1 
HETATM 1310 C  C2C . HEM D 4 .   ? 0.217   -1.361  2.868   1.00   17.09 ? 1157 HEM A C2C 1 
HETATM 1311 C  C3C . HEM D 4 .   ? 1.425   -1.017  2.246   1.00   16.72 ? 1157 HEM A C3C 1 
HETATM 1312 C  C4C . HEM D 4 .   ? 2.071   -0.053  3.128   1.00   17.48 ? 1157 HEM A C4C 1 
HETATM 1313 C  CMC . HEM D 4 .   ? -0.837  -2.322  2.337   1.00   17.58 ? 1157 HEM A CMC 1 
HETATM 1314 C  CAC . HEM D 4 .   ? 2.007   -1.396  0.933   1.00   18.31 ? 1157 HEM A CAC 1 
HETATM 1315 C  CBC . HEM D 4 .   ? 1.311   -1.989  -0.037  1.00   19.99 ? 1157 HEM A CBC 1 
HETATM 1316 C  C1D . HEM D 4 .   ? 3.791   1.547   3.711   1.00   16.50 ? 1157 HEM A C1D 1 
HETATM 1317 C  C2D . HEM D 4 .   ? 5.088   2.208   3.423   1.00   16.59 ? 1157 HEM A C2D 1 
HETATM 1318 C  C3D . HEM D 4 .   ? 5.273   3.113   4.408   1.00   16.16 ? 1157 HEM A C3D 1 
HETATM 1319 C  C4D . HEM D 4 .   ? 4.058   3.033   5.257   1.00   17.50 ? 1157 HEM A C4D 1 
HETATM 1320 C  CMD . HEM D 4 .   ? 6.011   1.835   2.280   1.00   14.45 ? 1157 HEM A CMD 1 
HETATM 1321 C  CAD . HEM D 4 .   ? 6.473   4.025   4.620   1.00   16.87 ? 1157 HEM A CAD 1 
HETATM 1322 C  CBD . HEM D 4 .   ? 7.302   3.499   5.787   1.00   17.32 ? 1157 HEM A CBD 1 
HETATM 1323 C  CGD . HEM D 4 .   ? 8.375   4.501   6.194   1.00   19.85 ? 1157 HEM A CGD 1 
HETATM 1324 O  O1D . HEM D 4 .   ? 9.232   4.837   5.368   1.00   19.16 ? 1157 HEM A O1D 1 
HETATM 1325 O  O2D . HEM D 4 .   ? 8.359   4.963   7.339   1.00   20.65 ? 1157 HEM A O2D 1 
HETATM 1326 N  NA  . HEM D 4 .   ? 1.700   3.020   7.052   1.00   18.70 ? 1157 HEM A NA  1 
HETATM 1327 N  NB  . HEM D 4 .   ? -0.285  1.096   6.575   1.00   18.66 ? 1157 HEM A NB  1 
HETATM 1328 N  NC  . HEM D 4 .   ? 1.267   0.139   4.211   1.00   16.20 ? 1157 HEM A NC  1 
HETATM 1329 N  ND  . HEM D 4 .   ? 3.203   2.103   4.773   1.00   17.57 ? 1157 HEM A ND  1 
HETATM 1330 FE FE  . HEM D 4 .   ? 1.499   1.612   5.648   1.00   17.50 ? 1157 HEM A FE  1 
HETATM 1331 O  O   . HOH E 5 .   ? 2.645   -21.795 6.619   1.00   33.09 ? 2001 HOH A O   1 
HETATM 1332 O  O   . HOH E 5 .   ? 4.457   -20.844 4.031   1.00   34.33 ? 2002 HOH A O   1 
HETATM 1333 O  O   . HOH E 5 .   ? 6.613   -16.269 8.396   1.00   27.04 ? 2003 HOH A O   1 
HETATM 1334 O  O   . HOH E 5 .   ? 3.602   -16.126 11.446  1.00   44.40 ? 2004 HOH A O   1 
HETATM 1335 O  O   . HOH E 5 .   ? 3.350   -20.744 1.727   1.00   36.74 ? 2005 HOH A O   1 
HETATM 1336 O  O   . HOH E 5 .   ? 0.288   -18.601 1.192   1.00   34.41 ? 2006 HOH A O   1 
HETATM 1337 O  O   . HOH E 5 .   ? 0.006   -13.524 13.013  1.00   36.82 ? 2007 HOH A O   1 
HETATM 1338 O  O   . HOH E 5 .   ? 8.982   -5.580  -12.519 1.00   40.21 ? 2008 HOH A O   1 
HETATM 1339 O  O   . HOH E 5 .   ? -5.835  -17.273 -0.340  1.00   41.51 ? 2009 HOH A O   1 
HETATM 1340 O  O   . HOH E 5 .   ? -8.233  -14.360 -4.950  1.00   33.09 ? 2010 HOH A O   1 
HETATM 1341 O  O   . HOH E 5 .   ? -4.599  -15.770 -4.085  1.00   38.86 ? 2011 HOH A O   1 
HETATM 1342 O  O   . HOH E 5 .   ? 1.093   -18.544 -3.260  1.00   35.65 ? 2012 HOH A O   1 
HETATM 1343 O  O   . HOH E 5 .   ? -5.466  14.069  -5.329  1.00   52.23 ? 2013 HOH A O   1 
HETATM 1344 O  O   . HOH E 5 .   ? 3.658   -14.913 -8.621  1.00   34.27 ? 2014 HOH A O   1 
HETATM 1345 O  O   . HOH E 5 .   ? -0.548  -8.782  -8.496  1.00   26.79 ? 2015 HOH A O   1 
HETATM 1346 O  O   . HOH E 5 .   ? 6.006   -13.785 -9.340  1.00   35.79 ? 2016 HOH A O   1 
HETATM 1347 O  O   . HOH E 5 .   ? 2.831   -6.988  -14.127 1.00   32.12 ? 2017 HOH A O   1 
HETATM 1348 O  O   . HOH E 5 .   ? 6.250   -4.609  -12.083 1.00   31.20 ? 2018 HOH A O   1 
HETATM 1349 O  O   . HOH E 5 .   ? 7.073   -5.555  -9.793  1.00   32.91 ? 2019 HOH A O   1 
HETATM 1350 O  O   . HOH E 5 .   ? 6.837   6.080   11.190  1.00   33.22 ? 2020 HOH A O   1 
HETATM 1351 O  O   . HOH E 5 .   ? 10.143  -9.477  -12.852 1.00   43.05 ? 2021 HOH A O   1 
HETATM 1352 O  O   . HOH E 5 .   ? 7.847   -12.497 -7.890  1.00   22.67 ? 2022 HOH A O   1 
HETATM 1353 O  O   . HOH E 5 .   ? 9.071   -12.657 -12.411 1.00   48.95 ? 2023 HOH A O   1 
HETATM 1354 O  O   . HOH E 5 .   ? 0.747   -10.715 -16.202 1.00   41.83 ? 2024 HOH A O   1 
HETATM 1355 O  O   . HOH E 5 .   ? 3.608   -14.500 -11.503 1.00   45.10 ? 2025 HOH A O   1 
HETATM 1356 O  O   . HOH E 5 .   ? 1.631   -8.870  -17.962 1.00   51.58 ? 2026 HOH A O   1 
HETATM 1357 O  O   . HOH E 5 .   ? 7.889   -5.792  -18.874 1.00   46.42 ? 2027 HOH A O   1 
HETATM 1358 O  O   . HOH E 5 .   ? 5.775   -3.005  -19.112 1.00   37.59 ? 2028 HOH A O   1 
HETATM 1359 O  O   . HOH E 5 .   ? 11.951  -5.355  -16.377 1.00   50.04 ? 2029 HOH A O   1 
HETATM 1360 O  O   . HOH E 5 .   ? 12.597  -4.935  -5.087  1.00   52.46 ? 2030 HOH A O   1 
HETATM 1361 O  O   . HOH E 5 .   ? 12.047  -7.161  -8.899  1.00   36.53 ? 2031 HOH A O   1 
HETATM 1362 O  O   . HOH E 5 .   ? 10.795  -5.276  -1.082  1.00   17.38 ? 2032 HOH A O   1 
HETATM 1363 O  O   . HOH E 5 .   ? 8.160   4.672   -16.938 1.00   33.18 ? 2033 HOH A O   1 
HETATM 1364 O  O   . HOH E 5 .   ? 6.196   5.739   -19.072 1.00   49.09 ? 2034 HOH A O   1 
HETATM 1365 O  O   . HOH E 5 .   ? 12.302  0.484   -15.462 1.00   44.55 ? 2035 HOH A O   1 
HETATM 1366 O  O   . HOH E 5 .   ? 10.443  3.408   -17.904 1.00   44.70 ? 2036 HOH A O   1 
HETATM 1367 O  O   . HOH E 5 .   ? 9.216   -3.154  -19.849 1.00   45.36 ? 2037 HOH A O   1 
HETATM 1368 O  O   . HOH E 5 .   ? -0.677  -4.347  -16.489 1.00   41.92 ? 2038 HOH A O   1 
HETATM 1369 O  O   . HOH E 5 .   ? 8.415   7.036   -15.620 1.00   40.49 ? 2039 HOH A O   1 
HETATM 1370 O  O   . HOH E 5 .   ? -2.897  7.643   -10.520 1.00   36.03 ? 2040 HOH A O   1 
HETATM 1371 O  O   . HOH E 5 .   ? 2.135   5.408   -5.772  1.00   44.31 ? 2041 HOH A O   1 
HETATM 1372 O  O   . HOH E 5 .   ? -3.593  12.969  -7.531  1.00   38.52 ? 2042 HOH A O   1 
HETATM 1373 O  O   . HOH E 5 .   ? -0.476  14.709  -7.906  1.00   52.02 ? 2043 HOH A O   1 
HETATM 1374 O  O   . HOH E 5 .   ? -0.439  15.353  -13.021 1.00   44.40 ? 2044 HOH A O   1 
HETATM 1375 O  O   . HOH E 5 .   ? 1.746   15.302  -4.227  1.00   27.59 ? 2045 HOH A O   1 
HETATM 1376 O  O   . HOH E 5 .   ? -5.595  11.028  -8.710  1.00   44.91 ? 2046 HOH A O   1 
HETATM 1377 O  O   . HOH E 5 .   ? 1.667   3.468   2.271   1.00   28.35 ? 2047 HOH A O   1 
HETATM 1378 O  O   A HOH E 5 .   ? 3.756   6.111   3.501   0.50   17.34 ? 2048 HOH A O   1 
HETATM 1379 O  O   B HOH E 5 .   ? 2.759   4.956   2.961   0.50   23.19 ? 2048 HOH A O   1 
HETATM 1380 O  O   . HOH E 5 .   ? -5.974  15.595  3.002   1.00   36.47 ? 2050 HOH A O   1 
HETATM 1381 O  O   . HOH E 5 .   ? -11.704 10.712  3.662   1.00   36.87 ? 2051 HOH A O   1 
HETATM 1382 O  O   . HOH E 5 .   ? -11.943 7.361   0.578   1.00   30.12 ? 2052 HOH A O   1 
HETATM 1383 O  O   . HOH E 5 .   ? -15.088 9.301   -3.511  1.00   49.99 ? 2053 HOH A O   1 
HETATM 1384 O  O   . HOH E 5 .   ? -13.436 7.327   -6.045  1.00   47.93 ? 2054 HOH A O   1 
HETATM 1385 O  O   . HOH E 5 .   ? -13.234 8.905   4.513   1.00   37.81 ? 2055 HOH A O   1 
HETATM 1386 O  O   . HOH E 5 .   ? -14.731 10.175  6.588   1.00   43.20 ? 2056 HOH A O   1 
HETATM 1387 O  O   . HOH E 5 .   ? -9.928  12.553  12.852  1.00   52.37 ? 2057 HOH A O   1 
HETATM 1388 O  O   . HOH E 5 .   ? 1.402   8.505   13.044  1.00   35.26 ? 2058 HOH A O   1 
HETATM 1389 O  O   . HOH E 5 .   ? 4.976   8.800   9.843   0.50   27.80 ? 2059 HOH A O   1 
HETATM 1390 O  O   . HOH E 5 .   ? 6.696   12.803  8.776   1.00   40.82 ? 2060 HOH A O   1 
HETATM 1391 O  O   . HOH E 5 .   ? 0.554   16.622  7.546   1.00   34.05 ? 2061 HOH A O   1 
HETATM 1392 O  O   . HOH E 5 .   ? 8.237   15.148  0.832   1.00   43.16 ? 2062 HOH A O   1 
HETATM 1393 O  O   . HOH E 5 .   ? 9.372   11.162  3.408   1.00   30.41 ? 2063 HOH A O   1 
HETATM 1394 O  O   . HOH E 5 .   ? 10.145  13.685  2.572   1.00   40.46 ? 2064 HOH A O   1 
HETATM 1395 O  O   . HOH E 5 .   ? 14.156  10.761  -3.034  1.00   18.75 ? 2065 HOH A O   1 
HETATM 1396 O  O   . HOH E 5 .   ? 10.449  11.636  -4.752  1.00   19.13 ? 2066 HOH A O   1 
HETATM 1397 O  O   . HOH E 5 .   ? 10.012  9.841   5.925   1.00   30.33 ? 2067 HOH A O   1 
HETATM 1398 O  O   . HOH E 5 .   ? 7.994   7.337   8.044   1.00   35.05 ? 2068 HOH A O   1 
HETATM 1399 O  O   . HOH E 5 .   ? 11.532  -5.019  -7.425  1.00   45.16 ? 2069 HOH A O   1 
HETATM 1400 O  O   . HOH E 5 .   ? 13.668  -0.900  -7.959  1.00   29.63 ? 2070 HOH A O   1 
HETATM 1401 O  O   . HOH E 5 .   ? 10.978  -3.599  -9.216  1.00   33.50 ? 2071 HOH A O   1 
HETATM 1402 O  O   . HOH E 5 .   ? 12.516  -3.302  -2.958  1.00   26.88 ? 2072 HOH A O   1 
HETATM 1403 O  O   . HOH E 5 .   ? 8.693   -7.276  -1.728  1.00   23.52 ? 2073 HOH A O   1 
HETATM 1404 O  O   . HOH E 5 .   ? 13.096  -2.722  -10.610 1.00   45.26 ? 2074 HOH A O   1 
HETATM 1405 O  O   . HOH E 5 .   ? 18.159  5.285   -8.155  1.00   44.12 ? 2075 HOH A O   1 
HETATM 1406 O  O   . HOH E 5 .   ? 15.950  8.557   -3.223  1.00   20.11 ? 2076 HOH A O   1 
HETATM 1407 O  O   . HOH E 5 .   ? 20.578  8.595   1.895   1.00   27.21 ? 2077 HOH A O   1 
HETATM 1408 O  O   . HOH E 5 .   ? 21.076  9.234   -8.172  1.00   30.05 ? 2078 HOH A O   1 
HETATM 1409 O  O   . HOH E 5 .   ? 18.317  8.384   -8.435  1.00   42.97 ? 2079 HOH A O   1 
HETATM 1410 O  O   . HOH E 5 .   ? 16.453  8.027   6.318   1.00   28.07 ? 2080 HOH A O   1 
HETATM 1411 O  O   . HOH E 5 .   ? 18.610  10.285  2.642   1.00   39.08 ? 2081 HOH A O   1 
HETATM 1412 O  O   . HOH E 5 .   ? 13.903  11.667  3.656   1.00   26.37 ? 2082 HOH A O   1 
HETATM 1413 O  O   . HOH E 5 .   ? 12.314  6.453   8.983   1.00   27.64 ? 2083 HOH A O   1 
HETATM 1414 O  O   . HOH E 5 .   ? 18.042  -0.478  5.965   1.00   15.78 ? 2084 HOH A O   1 
HETATM 1415 O  O   . HOH E 5 .   ? 14.571  -6.107  2.110   1.00   29.21 ? 2085 HOH A O   1 
HETATM 1416 O  O   . HOH E 5 .   ? 12.711  -5.957  4.251   1.00   16.61 ? 2086 HOH A O   1 
HETATM 1417 O  O   . HOH E 5 .   ? 9.863   -5.867  2.983   1.00   24.67 ? 2087 HOH A O   1 
HETATM 1418 O  O   . HOH E 5 .   ? 4.526   -4.735  12.882  1.00   31.95 ? 2088 HOH A O   1 
HETATM 1419 O  O   . HOH E 5 .   ? 9.636   0.796   14.075  1.00   48.24 ? 2089 HOH A O   1 
HETATM 1420 O  O   . HOH E 5 .   ? 10.473  -1.675  14.569  1.00   41.78 ? 2090 HOH A O   1 
HETATM 1421 O  O   . HOH E 5 .   ? 8.330   3.071   11.400  1.00   37.63 ? 2091 HOH A O   1 
HETATM 1422 O  O   . HOH E 5 .   ? 6.572   4.138   9.634   1.00   30.47 ? 2092 HOH A O   1 
HETATM 1423 O  O   . HOH E 5 .   ? 10.163  4.061   9.189   1.00   24.01 ? 2093 HOH A O   1 
HETATM 1424 O  O   . HOH E 5 .   ? 2.092   -3.454  13.325  1.00   25.45 ? 2094 HOH A O   1 
HETATM 1425 O  O   . HOH E 5 .   ? -6.567  0.345   14.349  1.00   28.61 ? 2095 HOH A O   1 
HETATM 1426 O  O   . HOH E 5 .   ? -8.739  -1.257  14.893  1.00   37.32 ? 2096 HOH A O   1 
HETATM 1427 O  O   . HOH E 5 .   ? -6.976  -7.389  13.790  1.00   31.73 ? 2097 HOH A O   1 
HETATM 1428 O  O   . HOH E 5 .   ? -10.145 -5.517  13.494  1.00   25.00 ? 2098 HOH A O   1 
HETATM 1429 O  O   . HOH E 5 .   ? -7.976  -10.949 11.573  1.00   30.42 ? 2099 HOH A O   1 
HETATM 1430 O  O   . HOH E 5 .   ? -11.738 -2.730  1.962   1.00   19.15 ? 2100 HOH A O   1 
HETATM 1431 O  O   . HOH E 5 .   ? -13.292 0.071   5.054   0.60   26.31 ? 2101 HOH A O   1 
HETATM 1432 O  O   . HOH E 5 .   ? -16.711 2.417   5.384   1.00   32.10 ? 2102 HOH A O   1 
HETATM 1433 O  O   . HOH E 5 .   ? -13.856 1.818   -1.994  1.00   49.63 ? 2103 HOH A O   1 
HETATM 1434 O  O   . HOH E 5 .   ? -15.733 4.606   -0.065  1.00   36.45 ? 2104 HOH A O   1 
HETATM 1435 O  O   . HOH E 5 .   ? -5.037  8.379   -8.607  1.00   46.00 ? 2105 HOH A O   1 
HETATM 1436 O  O   . HOH E 5 .   ? -11.117 1.345   -10.385 1.00   47.82 ? 2106 HOH A O   1 
HETATM 1437 O  O   . HOH E 5 .   ? -6.978  4.955   -14.275 1.00   43.87 ? 2107 HOH A O   1 
HETATM 1438 O  O   . HOH E 5 .   ? -6.071  -3.661  -19.064 1.00   41.55 ? 2108 HOH A O   1 
HETATM 1439 O  O   . HOH E 5 .   ? -8.358  -0.539  -19.618 1.00   47.42 ? 2109 HOH A O   1 
HETATM 1440 O  O   . HOH E 5 .   ? -4.848  -8.551  -14.084 1.00   44.75 ? 2110 HOH A O   1 
HETATM 1441 O  O   . HOH E 5 .   ? -7.905  -7.105  -7.472  1.00   28.06 ? 2111 HOH A O   1 
HETATM 1442 O  O   . HOH E 5 .   ? -9.333  -4.886  -1.286  1.00   21.74 ? 2112 HOH A O   1 
HETATM 1443 O  O   . HOH E 5 .   ? -4.038  -10.351 -12.256 1.00   51.63 ? 2113 HOH A O   1 
HETATM 1444 O  O   . HOH E 5 .   ? 2.103   -9.382  0.530   1.00   31.64 ? 2114 HOH A O   1 
HETATM 1445 O  O   . HOH E 5 .   ? 2.802   -5.241  10.737  1.00   30.94 ? 2115 HOH A O   1 
HETATM 1446 O  O   . HOH E 5 .   ? -2.858  -3.187  17.398  1.00   41.82 ? 2116 HOH A O   1 
# 
